data_2JVL
#
_entry.id   2JVL
#
_entity_poly.entity_id   1
_entity_poly.type   'polypeptide(L)'
_entity_poly.pdbx_seq_one_letter_code
;GAMDPEFAGGTEGQRLTKVDRSDDIIKPKTVGKEVGKAIEQGRQKFEPTMTQAELGKEIGETAATVASYERGTATPDQNI
LSKMERVLNVKLRGANIGAPRLGPKKK
;
_entity_poly.pdbx_strand_id   A
#
# COMPACT_ATOMS: atom_id res chain seq x y z
N GLY A 1 -58.67 -31.32 42.17
CA GLY A 1 -57.25 -31.28 42.61
C GLY A 1 -56.78 -29.86 42.84
N ALA A 2 -55.57 -29.71 43.35
CA ALA A 2 -55.01 -28.39 43.61
C ALA A 2 -53.50 -28.39 43.38
N MET A 3 -52.93 -27.21 43.18
CA MET A 3 -51.50 -27.07 42.94
C MET A 3 -51.01 -25.74 43.50
N ASP A 4 -49.96 -25.79 44.30
CA ASP A 4 -49.40 -24.58 44.90
C ASP A 4 -47.90 -24.51 44.65
N PRO A 5 -47.48 -23.95 43.51
CA PRO A 5 -46.06 -23.83 43.16
C PRO A 5 -45.35 -22.79 44.03
N GLU A 6 -44.03 -22.81 44.00
CA GLU A 6 -43.23 -21.88 44.78
C GLU A 6 -42.96 -20.60 44.00
N PHE A 7 -42.24 -19.68 44.63
CA PHE A 7 -41.90 -18.41 44.01
C PHE A 7 -40.38 -18.23 44.05
N ALA A 8 -39.83 -17.58 43.05
CA ALA A 8 -38.39 -17.37 42.99
C ALA A 8 -38.06 -16.02 42.37
N GLY A 9 -36.82 -15.59 42.53
CA GLY A 9 -36.38 -14.34 41.98
C GLY A 9 -34.91 -14.35 41.65
N GLY A 10 -34.52 -13.62 40.62
CA GLY A 10 -33.13 -13.57 40.24
C GLY A 10 -32.76 -12.30 39.52
N THR A 11 -31.48 -11.99 39.44
CA THR A 11 -31.01 -10.79 38.76
C THR A 11 -29.69 -11.07 38.06
N GLU A 12 -29.78 -11.41 36.78
CA GLU A 12 -28.59 -11.70 36.00
C GLU A 12 -28.39 -10.64 34.93
N GLY A 13 -27.13 -10.38 34.59
CA GLY A 13 -26.82 -9.39 33.58
C GLY A 13 -25.45 -9.62 32.97
N GLN A 14 -24.71 -8.53 32.79
CA GLN A 14 -23.37 -8.57 32.22
C GLN A 14 -23.38 -9.14 30.81
N ARG A 15 -23.62 -8.26 29.84
CA ARG A 15 -23.67 -8.65 28.44
C ARG A 15 -22.43 -8.13 27.72
N LEU A 16 -21.89 -8.95 26.83
CA LEU A 16 -20.70 -8.58 26.06
C LEU A 16 -20.95 -8.76 24.58
N THR A 17 -20.53 -7.79 23.78
CA THR A 17 -20.69 -7.86 22.33
C THR A 17 -19.37 -8.24 21.68
N LYS A 18 -19.43 -8.94 20.56
CA LYS A 18 -18.23 -9.36 19.85
C LYS A 18 -18.33 -9.06 18.37
N VAL A 19 -17.20 -8.76 17.75
CA VAL A 19 -17.15 -8.47 16.33
C VAL A 19 -16.63 -9.66 15.56
N ASP A 20 -17.17 -9.89 14.36
CA ASP A 20 -16.75 -11.00 13.53
C ASP A 20 -15.43 -10.67 12.81
N ARG A 21 -14.71 -11.70 12.42
CA ARG A 21 -13.44 -11.51 11.74
C ARG A 21 -13.43 -12.26 10.41
N SER A 22 -13.80 -11.55 9.35
CA SER A 22 -13.83 -12.13 8.01
C SER A 22 -12.95 -11.35 7.06
N ASP A 23 -11.73 -11.84 6.86
CA ASP A 23 -10.80 -11.18 5.96
C ASP A 23 -9.92 -12.23 5.29
N ASP A 24 -10.51 -12.94 4.35
CA ASP A 24 -9.80 -13.98 3.62
C ASP A 24 -10.05 -13.82 2.14
N ILE A 25 -9.75 -12.64 1.63
CA ILE A 25 -9.93 -12.33 0.22
C ILE A 25 -8.67 -12.69 -0.56
N ILE A 26 -8.62 -13.93 -1.05
CA ILE A 26 -7.48 -14.41 -1.80
C ILE A 26 -7.61 -14.08 -3.28
N LYS A 27 -7.01 -12.96 -3.68
CA LYS A 27 -7.05 -12.54 -5.06
C LYS A 27 -5.63 -12.29 -5.58
N PRO A 28 -5.16 -13.14 -6.51
CA PRO A 28 -3.82 -13.01 -7.10
C PRO A 28 -3.77 -11.91 -8.15
N LYS A 29 -3.55 -10.69 -7.69
CA LYS A 29 -3.48 -9.53 -8.55
C LYS A 29 -2.38 -8.59 -8.09
N THR A 30 -1.63 -8.07 -9.05
CA THR A 30 -0.54 -7.14 -8.77
C THR A 30 -1.04 -5.92 -7.99
N VAL A 31 -0.11 -5.15 -7.42
CA VAL A 31 -0.48 -3.99 -6.62
C VAL A 31 -1.30 -2.97 -7.44
N GLY A 32 -0.90 -2.73 -8.68
CA GLY A 32 -1.63 -1.78 -9.51
C GLY A 32 -0.75 -0.63 -9.98
N LYS A 33 -1.05 -0.10 -11.17
CA LYS A 33 -0.27 1.01 -11.74
C LYS A 33 -0.44 2.28 -10.93
N GLU A 34 -1.69 2.72 -10.74
CA GLU A 34 -1.96 3.92 -9.96
C GLU A 34 -1.48 3.71 -8.53
N VAL A 35 -1.64 2.48 -8.05
CA VAL A 35 -1.23 2.11 -6.72
C VAL A 35 0.27 2.37 -6.53
N GLY A 36 1.08 1.87 -7.46
CA GLY A 36 2.52 2.05 -7.37
C GLY A 36 2.91 3.52 -7.42
N LYS A 37 2.26 4.27 -8.30
CA LYS A 37 2.53 5.69 -8.46
C LYS A 37 2.13 6.44 -7.19
N ALA A 38 0.97 6.08 -6.65
CA ALA A 38 0.46 6.70 -5.44
C ALA A 38 1.31 6.33 -4.24
N ILE A 39 1.91 5.15 -4.29
CA ILE A 39 2.77 4.70 -3.20
C ILE A 39 3.94 5.65 -3.01
N GLU A 40 4.57 6.04 -4.10
CA GLU A 40 5.69 6.94 -4.02
C GLU A 40 5.23 8.34 -3.65
N GLN A 41 4.27 8.83 -4.42
CA GLN A 41 3.73 10.17 -4.21
C GLN A 41 3.11 10.33 -2.84
N GLY A 42 2.50 9.27 -2.30
CA GLY A 42 1.87 9.36 -1.00
C GLY A 42 2.88 9.31 0.13
N ARG A 43 3.99 8.64 -0.11
CA ARG A 43 5.04 8.51 0.89
C ARG A 43 5.87 9.77 0.94
N GLN A 44 5.92 10.48 -0.18
CA GLN A 44 6.67 11.72 -0.27
C GLN A 44 5.89 12.84 0.41
N LYS A 45 4.64 12.56 0.77
CA LYS A 45 3.80 13.55 1.43
C LYS A 45 4.02 13.56 2.94
N PHE A 46 5.04 12.84 3.39
CA PHE A 46 5.36 12.79 4.81
C PHE A 46 6.16 14.01 5.22
N GLU A 47 6.81 13.92 6.36
CA GLU A 47 7.61 15.02 6.88
C GLU A 47 9.05 14.59 7.11
N PRO A 48 10.00 14.99 6.23
CA PRO A 48 9.71 15.83 5.05
C PRO A 48 9.33 15.00 3.83
N THR A 49 9.83 13.80 3.84
CA THR A 49 9.61 12.82 2.78
C THR A 49 10.02 11.43 3.27
N MET A 50 9.09 10.50 3.22
CA MET A 50 9.37 9.13 3.65
C MET A 50 10.03 8.37 2.51
N THR A 51 11.30 8.01 2.70
CA THR A 51 12.05 7.29 1.68
C THR A 51 11.74 5.81 1.70
N GLN A 52 12.33 5.12 0.75
CA GLN A 52 12.13 3.68 0.57
C GLN A 52 12.66 2.89 1.77
N ALA A 53 13.88 3.19 2.18
CA ALA A 53 14.49 2.50 3.32
C ALA A 53 13.69 2.69 4.60
N GLU A 54 13.26 3.93 4.85
CA GLU A 54 12.50 4.26 6.05
C GLU A 54 11.14 3.58 6.06
N LEU A 55 10.39 3.71 4.97
CA LEU A 55 9.07 3.08 4.92
C LEU A 55 9.22 1.58 5.02
N GLY A 56 10.23 1.04 4.34
CA GLY A 56 10.48 -0.38 4.39
C GLY A 56 10.79 -0.83 5.80
N LYS A 57 11.61 -0.05 6.49
CA LYS A 57 11.99 -0.36 7.86
C LYS A 57 10.78 -0.42 8.78
N GLU A 58 9.92 0.60 8.69
CA GLU A 58 8.73 0.65 9.55
C GLU A 58 7.70 -0.44 9.20
N ILE A 59 7.58 -0.80 7.92
CA ILE A 59 6.61 -1.82 7.54
C ILE A 59 7.18 -3.24 7.70
N GLY A 60 8.47 -3.33 7.98
CA GLY A 60 9.10 -4.62 8.18
C GLY A 60 9.59 -5.25 6.89
N GLU A 61 9.90 -4.41 5.91
CA GLU A 61 10.39 -4.90 4.62
C GLU A 61 11.74 -4.26 4.29
N THR A 62 12.26 -4.59 3.12
CA THR A 62 13.53 -4.06 2.66
C THR A 62 13.33 -2.85 1.74
N ALA A 63 14.42 -2.15 1.42
CA ALA A 63 14.35 -0.99 0.55
C ALA A 63 13.88 -1.38 -0.84
N ALA A 64 14.38 -2.51 -1.33
CA ALA A 64 14.00 -3.01 -2.65
C ALA A 64 12.51 -3.30 -2.71
N THR A 65 11.95 -3.71 -1.57
CA THR A 65 10.53 -4.02 -1.49
C THR A 65 9.71 -2.78 -1.82
N VAL A 66 10.04 -1.66 -1.18
CA VAL A 66 9.34 -0.40 -1.41
C VAL A 66 9.58 0.08 -2.84
N ALA A 67 10.84 -0.01 -3.27
CA ALA A 67 11.22 0.40 -4.62
C ALA A 67 10.46 -0.41 -5.67
N SER A 68 10.26 -1.68 -5.37
CA SER A 68 9.54 -2.57 -6.25
C SER A 68 8.03 -2.30 -6.19
N TYR A 69 7.56 -1.84 -5.03
CA TYR A 69 6.14 -1.55 -4.83
C TYR A 69 5.69 -0.33 -5.63
N GLU A 70 6.52 0.72 -5.64
CA GLU A 70 6.20 1.93 -6.38
C GLU A 70 6.16 1.68 -7.89
N ARG A 71 6.77 0.56 -8.31
CA ARG A 71 6.79 0.17 -9.70
C ARG A 71 5.38 -0.23 -10.15
N GLY A 72 4.55 -0.60 -9.18
CA GLY A 72 3.21 -1.03 -9.48
C GLY A 72 3.10 -2.52 -9.54
N THR A 73 4.06 -3.20 -8.92
CA THR A 73 4.11 -4.65 -8.90
C THR A 73 5.25 -5.14 -8.02
N ALA A 74 4.88 -5.72 -6.90
CA ALA A 74 5.85 -6.24 -5.95
C ALA A 74 5.21 -7.34 -5.11
N THR A 75 4.16 -7.94 -5.67
CA THR A 75 3.39 -8.98 -4.98
C THR A 75 2.80 -8.38 -3.71
N PRO A 76 1.57 -7.85 -3.82
CA PRO A 76 0.91 -7.16 -2.73
C PRO A 76 0.42 -8.05 -1.60
N ASP A 77 1.15 -8.01 -0.50
CA ASP A 77 0.74 -8.71 0.68
C ASP A 77 -0.16 -7.74 1.39
N GLN A 78 -1.42 -8.11 1.55
CA GLN A 78 -2.42 -7.22 2.14
C GLN A 78 -1.94 -6.54 3.40
N ASN A 79 -1.21 -7.26 4.22
CA ASN A 79 -0.68 -6.74 5.47
C ASN A 79 0.33 -5.60 5.24
N ILE A 80 1.08 -5.67 4.14
CA ILE A 80 2.07 -4.66 3.84
C ILE A 80 1.39 -3.34 3.46
N LEU A 81 0.57 -3.38 2.41
CA LEU A 81 -0.16 -2.20 1.92
C LEU A 81 -0.93 -1.52 3.04
N SER A 82 -1.46 -2.34 3.94
CA SER A 82 -2.23 -1.85 5.07
C SER A 82 -1.44 -0.82 5.87
N LYS A 83 -0.21 -1.15 6.23
CA LYS A 83 0.62 -0.25 6.99
C LYS A 83 1.18 0.88 6.13
N MET A 84 1.55 0.56 4.89
CA MET A 84 2.13 1.55 3.98
C MET A 84 1.29 2.81 3.91
N GLU A 85 0.03 2.63 3.52
CA GLU A 85 -0.90 3.74 3.38
C GLU A 85 -1.50 4.27 4.68
N ARG A 86 -1.66 3.42 5.69
CA ARG A 86 -2.28 3.86 6.95
C ARG A 86 -1.41 4.83 7.72
N VAL A 87 -0.09 4.65 7.65
CA VAL A 87 0.83 5.53 8.36
C VAL A 87 0.69 6.99 7.88
N LEU A 88 0.23 7.18 6.65
CA LEU A 88 0.08 8.52 6.10
C LEU A 88 -1.39 8.87 5.83
N ASN A 89 -2.30 7.97 6.17
CA ASN A 89 -3.74 8.18 6.00
C ASN A 89 -4.13 8.42 4.55
N VAL A 90 -3.86 7.43 3.70
CA VAL A 90 -4.24 7.49 2.30
C VAL A 90 -4.66 6.09 1.86
N LYS A 91 -5.47 5.99 0.82
CA LYS A 91 -5.88 4.70 0.33
C LYS A 91 -5.68 4.63 -1.17
N LEU A 92 -5.30 3.46 -1.65
CA LEU A 92 -5.05 3.27 -3.07
C LEU A 92 -6.17 2.46 -3.70
N ARG A 93 -7.39 2.76 -3.28
CA ARG A 93 -8.56 2.09 -3.82
C ARG A 93 -9.70 3.09 -4.00
N GLY A 94 -10.38 3.01 -5.13
CA GLY A 94 -11.49 3.90 -5.40
C GLY A 94 -11.13 4.97 -6.42
N ALA A 95 -11.75 6.14 -6.28
CA ALA A 95 -11.50 7.25 -7.19
C ALA A 95 -10.56 8.27 -6.56
N ASN A 96 -10.63 8.39 -5.24
CA ASN A 96 -9.76 9.32 -4.53
C ASN A 96 -8.46 8.64 -4.17
N ILE A 97 -7.77 8.17 -5.20
CA ILE A 97 -6.51 7.48 -5.05
C ILE A 97 -5.42 8.42 -4.49
N GLY A 98 -4.70 7.93 -3.49
CA GLY A 98 -3.64 8.72 -2.89
C GLY A 98 -4.14 9.60 -1.78
N ALA A 99 -5.45 9.54 -1.55
CA ALA A 99 -6.09 10.33 -0.51
C ALA A 99 -6.70 9.42 0.54
N PRO A 100 -6.98 9.93 1.75
CA PRO A 100 -7.62 9.12 2.79
C PRO A 100 -9.03 8.76 2.34
N ARG A 101 -9.28 7.48 2.12
CA ARG A 101 -10.59 7.03 1.69
C ARG A 101 -10.95 5.78 2.46
N LEU A 102 -11.68 5.96 3.56
CA LEU A 102 -12.07 4.86 4.42
C LEU A 102 -10.84 4.20 5.02
N GLY A 103 -9.76 4.98 5.11
CA GLY A 103 -8.51 4.48 5.66
C GLY A 103 -8.51 4.56 7.17
N PRO A 104 -8.16 5.71 7.74
CA PRO A 104 -8.15 5.90 9.19
C PRO A 104 -9.56 5.71 9.75
N LYS A 105 -10.54 6.17 8.99
CA LYS A 105 -11.93 6.06 9.37
C LYS A 105 -12.75 5.62 8.17
N LYS A 106 -13.44 4.50 8.28
CA LYS A 106 -14.26 3.98 7.19
C LYS A 106 -15.66 4.55 7.24
N LYS A 107 -15.75 5.87 7.36
CA LYS A 107 -17.02 6.56 7.42
C LYS A 107 -17.27 7.30 6.12
N GLY A 1 20.18 -54.12 25.80
CA GLY A 1 20.20 -52.64 25.70
C GLY A 1 18.90 -52.08 25.18
N ALA A 2 18.66 -50.80 25.43
CA ALA A 2 17.44 -50.15 24.98
C ALA A 2 17.70 -48.68 24.71
N MET A 3 16.78 -48.05 24.00
CA MET A 3 16.90 -46.64 23.67
C MET A 3 15.53 -46.00 23.59
N ASP A 4 15.49 -44.67 23.65
CA ASP A 4 14.24 -43.94 23.61
C ASP A 4 14.33 -42.79 22.62
N PRO A 5 13.22 -42.46 21.95
CA PRO A 5 13.17 -41.36 20.98
C PRO A 5 13.15 -40.00 21.66
N GLU A 6 13.42 -38.95 20.90
CA GLU A 6 13.45 -37.60 21.45
C GLU A 6 12.15 -36.86 21.14
N PHE A 7 12.02 -35.67 21.69
CA PHE A 7 10.84 -34.83 21.48
C PHE A 7 11.20 -33.37 21.64
N ALA A 8 11.16 -32.64 20.55
CA ALA A 8 11.50 -31.21 20.56
C ALA A 8 10.45 -30.40 19.83
N GLY A 9 10.34 -29.13 20.17
CA GLY A 9 9.37 -28.25 19.54
C GLY A 9 9.98 -26.94 19.10
N GLY A 10 9.60 -26.50 17.91
CA GLY A 10 10.12 -25.25 17.39
C GLY A 10 10.63 -25.40 15.96
N THR A 11 10.13 -24.54 15.08
CA THR A 11 10.53 -24.56 13.69
C THR A 11 10.29 -23.20 13.05
N GLU A 12 11.29 -22.71 12.34
CA GLU A 12 11.20 -21.42 11.67
C GLU A 12 11.96 -21.48 10.35
N GLY A 13 11.44 -20.80 9.34
CA GLY A 13 12.08 -20.80 8.05
C GLY A 13 11.71 -19.57 7.24
N GLN A 14 11.88 -19.65 5.94
CA GLN A 14 11.56 -18.55 5.06
C GLN A 14 10.77 -19.04 3.85
N ARG A 15 10.23 -18.10 3.09
CA ARG A 15 9.46 -18.44 1.90
C ARG A 15 10.14 -17.86 0.67
N LEU A 16 10.50 -18.73 -0.27
CA LEU A 16 11.16 -18.30 -1.49
C LEU A 16 10.12 -17.85 -2.52
N THR A 17 9.70 -16.61 -2.42
CA THR A 17 8.72 -16.04 -3.34
C THR A 17 9.38 -15.70 -4.68
N LYS A 18 9.63 -16.73 -5.47
CA LYS A 18 10.27 -16.55 -6.77
C LYS A 18 9.24 -16.75 -7.88
N VAL A 19 9.04 -15.71 -8.67
CA VAL A 19 8.09 -15.77 -9.76
C VAL A 19 8.46 -14.74 -10.83
N ASP A 20 8.71 -15.23 -12.03
CA ASP A 20 9.05 -14.40 -13.16
C ASP A 20 8.38 -14.92 -14.41
N ARG A 21 7.30 -14.26 -14.79
CA ARG A 21 6.53 -14.66 -15.96
C ARG A 21 5.67 -13.51 -16.44
N SER A 22 5.36 -13.50 -17.72
CA SER A 22 4.53 -12.46 -18.31
C SER A 22 3.13 -13.01 -18.60
N ASP A 23 2.96 -14.29 -18.35
CA ASP A 23 1.68 -14.96 -18.57
C ASP A 23 0.93 -15.14 -17.26
N ASP A 24 1.07 -14.17 -16.38
CA ASP A 24 0.43 -14.19 -15.07
C ASP A 24 -1.00 -13.65 -15.18
N ILE A 25 -1.75 -14.23 -16.11
CA ILE A 25 -3.13 -13.81 -16.35
C ILE A 25 -4.06 -14.29 -15.24
N ILE A 26 -3.90 -15.55 -14.84
CA ILE A 26 -4.72 -16.12 -13.79
C ILE A 26 -4.00 -16.06 -12.45
N LYS A 27 -2.96 -15.26 -12.40
CA LYS A 27 -2.16 -15.10 -11.19
C LYS A 27 -2.05 -13.63 -10.82
N PRO A 28 -2.90 -13.15 -9.89
CA PRO A 28 -2.88 -11.77 -9.45
C PRO A 28 -1.78 -11.50 -8.42
N LYS A 29 -0.55 -11.33 -8.90
CA LYS A 29 0.58 -11.09 -8.03
C LYS A 29 1.15 -9.69 -8.26
N THR A 30 0.32 -8.80 -8.80
CA THR A 30 0.75 -7.44 -9.04
C THR A 30 -0.09 -6.47 -8.21
N VAL A 31 0.52 -5.36 -7.79
CA VAL A 31 -0.19 -4.39 -6.95
C VAL A 31 -1.04 -3.42 -7.78
N GLY A 32 -0.58 -3.08 -8.99
CA GLY A 32 -1.34 -2.16 -9.82
C GLY A 32 -0.59 -0.87 -10.07
N LYS A 33 -0.76 -0.29 -11.26
CA LYS A 33 -0.08 0.94 -11.62
C LYS A 33 -0.64 2.15 -10.87
N GLU A 34 -1.92 2.09 -10.49
CA GLU A 34 -2.53 3.18 -9.75
C GLU A 34 -1.97 3.19 -8.33
N VAL A 35 -1.79 1.99 -7.80
CA VAL A 35 -1.25 1.82 -6.46
C VAL A 35 0.15 2.41 -6.41
N GLY A 36 0.95 2.11 -7.44
CA GLY A 36 2.30 2.62 -7.51
C GLY A 36 2.37 4.12 -7.53
N LYS A 37 1.47 4.76 -8.27
CA LYS A 37 1.44 6.21 -8.36
C LYS A 37 1.15 6.83 -7.00
N ALA A 38 0.18 6.26 -6.29
CA ALA A 38 -0.18 6.74 -4.96
C ALA A 38 0.92 6.43 -3.96
N ILE A 39 1.52 5.26 -4.11
CA ILE A 39 2.60 4.86 -3.23
C ILE A 39 3.72 5.89 -3.23
N GLU A 40 4.13 6.32 -4.42
CA GLU A 40 5.21 7.28 -4.54
C GLU A 40 4.77 8.66 -4.05
N GLN A 41 3.56 9.06 -4.41
CA GLN A 41 3.04 10.35 -4.01
C GLN A 41 2.83 10.38 -2.50
N GLY A 42 2.53 9.21 -1.93
CA GLY A 42 2.33 9.11 -0.50
C GLY A 42 3.61 9.26 0.29
N ARG A 43 4.70 8.67 -0.20
CA ARG A 43 5.99 8.74 0.49
C ARG A 43 6.51 10.17 0.52
N GLN A 44 6.30 10.88 -0.57
CA GLN A 44 6.76 12.26 -0.67
C GLN A 44 5.74 13.20 -0.04
N LYS A 45 4.65 12.64 0.46
CA LYS A 45 3.60 13.41 1.10
C LYS A 45 4.00 13.75 2.54
N PHE A 46 5.05 13.10 3.03
CA PHE A 46 5.52 13.32 4.38
C PHE A 46 6.23 14.66 4.53
N GLU A 47 6.85 14.87 5.69
CA GLU A 47 7.54 16.11 5.98
C GLU A 47 8.93 15.83 6.55
N PRO A 48 9.99 16.13 5.79
CA PRO A 48 9.89 16.70 4.44
C PRO A 48 9.58 15.66 3.39
N THR A 49 10.09 14.47 3.63
CA THR A 49 9.92 13.33 2.74
C THR A 49 10.29 12.04 3.47
N MET A 50 9.42 11.04 3.40
CA MET A 50 9.66 9.75 4.03
C MET A 50 10.56 8.88 3.15
N THR A 51 11.53 8.22 3.77
CA THR A 51 12.45 7.37 3.04
C THR A 51 11.85 5.98 2.84
N GLN A 52 12.33 5.29 1.82
CA GLN A 52 11.86 3.94 1.53
C GLN A 52 12.34 2.98 2.61
N ALA A 53 13.53 3.25 3.13
CA ALA A 53 14.12 2.42 4.18
C ALA A 53 13.26 2.43 5.44
N GLU A 54 12.90 3.63 5.90
CA GLU A 54 12.09 3.77 7.10
C GLU A 54 10.69 3.22 6.87
N LEU A 55 10.20 3.36 5.64
CA LEU A 55 8.88 2.86 5.29
C LEU A 55 8.91 1.33 5.27
N GLY A 56 10.02 0.80 4.80
CA GLY A 56 10.19 -0.64 4.71
C GLY A 56 10.30 -1.28 6.08
N LYS A 57 11.13 -0.70 6.93
CA LYS A 57 11.32 -1.22 8.27
C LYS A 57 9.99 -1.26 9.02
N GLU A 58 9.19 -0.22 8.84
CA GLU A 58 7.89 -0.11 9.50
C GLU A 58 6.92 -1.22 9.06
N ILE A 59 7.08 -1.70 7.82
CA ILE A 59 6.18 -2.75 7.31
C ILE A 59 6.87 -4.11 7.23
N GLY A 60 8.11 -4.16 7.70
CA GLY A 60 8.87 -5.41 7.70
C GLY A 60 9.27 -5.87 6.31
N GLU A 61 9.53 -4.92 5.42
CA GLU A 61 9.93 -5.23 4.06
C GLU A 61 11.30 -4.65 3.74
N THR A 62 11.91 -5.14 2.68
CA THR A 62 13.22 -4.67 2.26
C THR A 62 13.11 -3.35 1.52
N ALA A 63 14.15 -2.53 1.61
CA ALA A 63 14.18 -1.22 0.96
C ALA A 63 13.87 -1.35 -0.54
N ALA A 64 14.48 -2.33 -1.20
CA ALA A 64 14.24 -2.55 -2.62
C ALA A 64 12.79 -2.83 -2.88
N THR A 65 12.19 -3.69 -2.06
CA THR A 65 10.80 -4.04 -2.21
C THR A 65 9.91 -2.80 -2.08
N VAL A 66 10.22 -1.97 -1.10
CA VAL A 66 9.46 -0.75 -0.86
C VAL A 66 9.58 0.22 -2.03
N ALA A 67 10.79 0.36 -2.56
CA ALA A 67 11.03 1.23 -3.70
C ALA A 67 10.46 0.62 -4.97
N SER A 68 10.42 -0.70 -5.01
CA SER A 68 9.88 -1.45 -6.13
C SER A 68 8.34 -1.42 -6.11
N TYR A 69 7.77 -1.25 -4.93
CA TYR A 69 6.31 -1.22 -4.77
C TYR A 69 5.65 -0.14 -5.62
N GLU A 70 6.31 1.02 -5.74
CA GLU A 70 5.76 2.12 -6.53
C GLU A 70 5.71 1.79 -8.02
N ARG A 71 6.46 0.77 -8.42
CA ARG A 71 6.50 0.33 -9.79
C ARG A 71 5.16 -0.29 -10.20
N GLY A 72 4.39 -0.70 -9.19
CA GLY A 72 3.09 -1.29 -9.45
C GLY A 72 3.16 -2.80 -9.52
N THR A 73 4.19 -3.37 -8.88
CA THR A 73 4.39 -4.81 -8.88
C THR A 73 5.47 -5.19 -7.88
N ALA A 74 5.04 -5.77 -6.80
CA ALA A 74 5.93 -6.23 -5.73
C ALA A 74 5.18 -7.20 -4.82
N THR A 75 4.21 -7.90 -5.42
CA THR A 75 3.34 -8.83 -4.70
C THR A 75 2.48 -8.06 -3.69
N PRO A 76 1.20 -7.85 -4.04
CA PRO A 76 0.29 -7.06 -3.22
C PRO A 76 -0.25 -7.73 -1.98
N ASP A 77 0.42 -7.52 -0.89
CA ASP A 77 -0.07 -8.04 0.35
C ASP A 77 -0.99 -6.97 0.89
N GLN A 78 -2.28 -7.29 0.92
CA GLN A 78 -3.31 -6.33 1.34
C GLN A 78 -2.99 -5.64 2.63
N ASN A 79 -2.41 -6.39 3.54
CA ASN A 79 -2.03 -5.86 4.83
C ASN A 79 -0.85 -4.92 4.69
N ILE A 80 0.16 -5.33 3.92
CA ILE A 80 1.34 -4.51 3.71
C ILE A 80 0.95 -3.20 3.04
N LEU A 81 0.19 -3.27 1.94
CA LEU A 81 -0.26 -2.07 1.24
C LEU A 81 -0.95 -1.13 2.21
N SER A 82 -1.81 -1.71 3.04
CA SER A 82 -2.54 -0.96 4.04
C SER A 82 -1.59 -0.31 5.05
N LYS A 83 -0.59 -1.08 5.49
CA LYS A 83 0.37 -0.60 6.48
C LYS A 83 1.33 0.45 5.93
N MET A 84 1.85 0.26 4.73
CA MET A 84 2.81 1.19 4.14
C MET A 84 2.20 2.59 3.97
N GLU A 85 1.03 2.65 3.36
CA GLU A 85 0.33 3.92 3.14
C GLU A 85 -0.26 4.46 4.43
N ARG A 86 -0.56 3.56 5.38
CA ARG A 86 -1.12 3.95 6.67
C ARG A 86 -0.24 4.96 7.38
N VAL A 87 1.05 4.97 7.02
CA VAL A 87 2.01 5.87 7.67
C VAL A 87 1.80 7.33 7.26
N LEU A 88 1.38 7.56 6.02
CA LEU A 88 1.16 8.93 5.55
C LEU A 88 -0.31 9.23 5.26
N ASN A 89 -1.18 8.29 5.62
CA ASN A 89 -2.64 8.46 5.46
C ASN A 89 -3.02 8.49 3.98
N VAL A 90 -2.68 7.41 3.30
CA VAL A 90 -2.99 7.27 1.89
C VAL A 90 -3.67 5.93 1.67
N LYS A 91 -4.62 5.88 0.73
CA LYS A 91 -5.30 4.64 0.43
C LYS A 91 -5.07 4.25 -1.01
N LEU A 92 -4.72 2.99 -1.20
CA LEU A 92 -4.46 2.45 -2.53
C LEU A 92 -5.69 1.73 -3.08
N ARG A 93 -6.85 2.08 -2.56
CA ARG A 93 -8.09 1.46 -3.01
C ARG A 93 -9.23 2.48 -3.01
N GLY A 94 -10.26 2.19 -3.79
CA GLY A 94 -11.39 3.07 -3.88
C GLY A 94 -11.32 3.97 -5.09
N ALA A 95 -12.13 5.02 -5.08
CA ALA A 95 -12.14 5.96 -6.19
C ALA A 95 -11.18 7.11 -5.94
N ASN A 96 -11.03 7.46 -4.67
CA ASN A 96 -10.13 8.54 -4.29
C ASN A 96 -8.77 7.99 -3.93
N ILE A 97 -8.17 7.28 -4.87
CA ILE A 97 -6.85 6.68 -4.68
C ILE A 97 -5.80 7.76 -4.45
N GLY A 98 -4.91 7.52 -3.49
CA GLY A 98 -3.86 8.47 -3.19
C GLY A 98 -4.29 9.47 -2.14
N ALA A 99 -5.57 9.42 -1.82
CA ALA A 99 -6.14 10.31 -0.81
C ALA A 99 -6.49 9.53 0.45
N PRO A 100 -6.58 10.21 1.61
CA PRO A 100 -6.95 9.57 2.87
C PRO A 100 -8.38 9.03 2.78
N ARG A 101 -8.56 7.75 3.03
CA ARG A 101 -9.86 7.14 2.93
C ARG A 101 -9.97 5.98 3.92
N LEU A 102 -10.92 5.10 3.66
CA LEU A 102 -11.14 3.93 4.50
C LEU A 102 -11.18 2.68 3.64
N GLY A 103 -10.78 1.56 4.21
CA GLY A 103 -10.79 0.32 3.47
C GLY A 103 -11.82 -0.65 4.01
N PRO A 104 -13.05 -0.59 3.50
CA PRO A 104 -14.13 -1.47 3.93
C PRO A 104 -14.09 -2.80 3.20
N LYS A 105 -13.50 -3.80 3.83
CA LYS A 105 -13.39 -5.12 3.24
C LYS A 105 -13.60 -6.19 4.30
N LYS A 106 -14.78 -6.77 4.31
CA LYS A 106 -15.14 -7.81 5.26
C LYS A 106 -14.45 -9.11 4.88
N LYS A 107 -13.61 -9.61 5.76
CA LYS A 107 -12.88 -10.85 5.52
C LYS A 107 -13.62 -12.03 6.12
N GLY A 1 -20.72 -37.11 43.49
CA GLY A 1 -19.79 -36.32 44.32
C GLY A 1 -20.12 -34.84 44.31
N ALA A 2 -19.38 -34.05 45.08
CA ALA A 2 -19.60 -32.62 45.16
C ALA A 2 -18.26 -31.90 45.27
N MET A 3 -17.88 -31.18 44.23
CA MET A 3 -16.62 -30.46 44.22
C MET A 3 -16.87 -28.96 44.01
N ASP A 4 -15.98 -28.15 44.56
CA ASP A 4 -16.10 -26.71 44.43
C ASP A 4 -14.75 -26.11 44.01
N PRO A 5 -14.56 -25.89 42.71
CA PRO A 5 -13.31 -25.32 42.19
C PRO A 5 -13.14 -23.85 42.59
N GLU A 6 -12.16 -23.59 43.43
CA GLU A 6 -11.88 -22.24 43.90
C GLU A 6 -10.67 -21.68 43.16
N PHE A 7 -10.92 -20.93 42.10
CA PHE A 7 -9.87 -20.34 41.31
C PHE A 7 -10.08 -18.84 41.16
N ALA A 8 -9.00 -18.11 40.91
CA ALA A 8 -9.07 -16.66 40.74
C ALA A 8 -7.84 -16.14 40.03
N GLY A 9 -8.04 -15.37 38.98
CA GLY A 9 -6.94 -14.82 38.23
C GLY A 9 -6.88 -13.31 38.34
N GLY A 10 -5.72 -12.74 38.01
CA GLY A 10 -5.56 -11.31 38.09
C GLY A 10 -4.43 -10.82 37.21
N THR A 11 -4.67 -10.79 35.90
CA THR A 11 -3.67 -10.34 34.95
C THR A 11 -4.18 -9.13 34.16
N GLU A 12 -3.70 -7.95 34.53
CA GLU A 12 -4.11 -6.72 33.85
C GLU A 12 -3.19 -6.42 32.67
N GLY A 13 -3.68 -5.63 31.73
CA GLY A 13 -2.90 -5.28 30.56
C GLY A 13 -3.60 -5.63 29.27
N GLN A 14 -3.77 -4.64 28.39
CA GLN A 14 -4.44 -4.84 27.11
C GLN A 14 -4.03 -3.76 26.12
N ARG A 15 -4.05 -4.10 24.84
CA ARG A 15 -3.69 -3.15 23.78
C ARG A 15 -4.76 -3.16 22.69
N LEU A 16 -5.11 -1.98 22.21
CA LEU A 16 -6.12 -1.85 21.16
C LEU A 16 -5.50 -2.03 19.78
N THR A 17 -6.30 -2.56 18.85
CA THR A 17 -5.85 -2.80 17.49
C THR A 17 -4.63 -3.72 17.48
N LYS A 18 -4.70 -4.74 18.33
CA LYS A 18 -3.61 -5.71 18.47
C LYS A 18 -3.87 -6.95 17.61
N VAL A 19 -4.97 -6.93 16.87
CA VAL A 19 -5.32 -8.04 16.01
C VAL A 19 -5.88 -7.57 14.68
N ASP A 20 -5.37 -8.14 13.59
CA ASP A 20 -5.81 -7.78 12.25
C ASP A 20 -5.40 -8.86 11.26
N ARG A 21 -6.33 -9.22 10.38
CA ARG A 21 -6.10 -10.24 9.37
C ARG A 21 -7.33 -10.40 8.48
N SER A 22 -7.14 -10.37 7.18
CA SER A 22 -8.25 -10.51 6.24
C SER A 22 -7.92 -11.52 5.15
N ASP A 23 -6.97 -12.39 5.41
CA ASP A 23 -6.58 -13.40 4.43
C ASP A 23 -6.34 -14.75 5.11
N ASP A 24 -7.16 -15.72 4.75
CA ASP A 24 -7.04 -17.07 5.31
C ASP A 24 -6.52 -18.02 4.23
N ILE A 25 -6.67 -17.60 2.97
CA ILE A 25 -6.21 -18.40 1.84
C ILE A 25 -5.09 -17.66 1.13
N ILE A 26 -4.06 -18.39 0.72
CA ILE A 26 -2.92 -17.80 0.03
C ILE A 26 -3.30 -17.46 -1.41
N LYS A 27 -3.46 -16.18 -1.69
CA LYS A 27 -3.81 -15.72 -3.03
C LYS A 27 -2.78 -14.69 -3.51
N PRO A 28 -1.72 -15.16 -4.18
CA PRO A 28 -0.66 -14.30 -4.70
C PRO A 28 -1.18 -13.33 -5.76
N LYS A 29 -0.92 -12.04 -5.56
CA LYS A 29 -1.38 -11.03 -6.48
C LYS A 29 -0.28 -9.99 -6.68
N THR A 30 -0.59 -8.99 -7.45
CA THR A 30 0.33 -7.90 -7.75
C THR A 30 -0.13 -6.64 -7.01
N VAL A 31 0.61 -5.54 -7.17
CA VAL A 31 0.24 -4.29 -6.50
C VAL A 31 -0.80 -3.53 -7.33
N GLY A 32 -0.35 -2.96 -8.44
CA GLY A 32 -1.23 -2.19 -9.30
C GLY A 32 -0.56 -0.92 -9.77
N LYS A 33 -1.02 -0.36 -10.88
CA LYS A 33 -0.41 0.85 -11.42
C LYS A 33 -0.81 2.09 -10.62
N GLU A 34 -2.10 2.30 -10.45
CA GLU A 34 -2.60 3.47 -9.73
C GLU A 34 -2.12 3.47 -8.29
N VAL A 35 -2.08 2.31 -7.66
CA VAL A 35 -1.64 2.22 -6.29
C VAL A 35 -0.16 2.56 -6.19
N GLY A 36 0.61 2.16 -7.20
CA GLY A 36 2.03 2.45 -7.22
C GLY A 36 2.30 3.94 -7.28
N LYS A 37 1.53 4.65 -8.10
CA LYS A 37 1.66 6.09 -8.24
C LYS A 37 1.38 6.77 -6.91
N ALA A 38 0.35 6.30 -6.22
CA ALA A 38 -0.03 6.85 -4.93
C ALA A 38 1.04 6.54 -3.87
N ILE A 39 1.72 5.41 -4.04
CA ILE A 39 2.78 5.02 -3.12
C ILE A 39 3.92 6.03 -3.15
N GLU A 40 4.27 6.46 -4.35
CA GLU A 40 5.35 7.41 -4.53
C GLU A 40 4.93 8.77 -4.01
N GLN A 41 3.75 9.23 -4.44
CA GLN A 41 3.23 10.52 -4.03
C GLN A 41 3.01 10.56 -2.53
N GLY A 42 2.51 9.46 -1.97
CA GLY A 42 2.24 9.41 -0.54
C GLY A 42 3.51 9.44 0.29
N ARG A 43 4.58 8.89 -0.27
CA ARG A 43 5.87 8.84 0.42
C ARG A 43 6.59 10.18 0.29
N GLN A 44 6.54 10.78 -0.89
CA GLN A 44 7.18 12.06 -1.14
C GLN A 44 6.47 13.19 -0.42
N LYS A 45 5.22 12.96 -0.07
CA LYS A 45 4.43 13.99 0.63
C LYS A 45 4.60 13.92 2.15
N PHE A 46 5.66 13.28 2.62
CA PHE A 46 5.87 13.17 4.06
C PHE A 46 6.75 14.28 4.60
N GLU A 47 7.19 15.17 3.72
CA GLU A 47 8.04 16.32 4.07
C GLU A 47 9.29 15.91 4.85
N PRO A 48 10.46 15.82 4.19
CA PRO A 48 10.58 16.08 2.76
C PRO A 48 10.10 14.92 1.91
N THR A 49 10.45 13.74 2.34
CA THR A 49 10.10 12.50 1.66
C THR A 49 10.41 11.30 2.56
N MET A 50 9.44 10.42 2.74
CA MET A 50 9.61 9.22 3.55
C MET A 50 10.74 8.36 3.02
N THR A 51 11.56 7.84 3.91
CA THR A 51 12.67 7.00 3.53
C THR A 51 12.19 5.60 3.16
N GLN A 52 12.84 5.00 2.17
CA GLN A 52 12.47 3.67 1.71
C GLN A 52 12.83 2.63 2.76
N ALA A 53 14.01 2.80 3.36
CA ALA A 53 14.49 1.88 4.38
C ALA A 53 13.62 1.90 5.64
N GLU A 54 13.18 3.08 6.03
CA GLU A 54 12.36 3.24 7.23
C GLU A 54 10.96 2.68 7.00
N LEU A 55 10.37 2.98 5.84
CA LEU A 55 9.04 2.46 5.53
C LEU A 55 9.14 0.95 5.42
N GLY A 56 10.23 0.49 4.82
CA GLY A 56 10.45 -0.93 4.69
C GLY A 56 10.52 -1.59 6.04
N LYS A 57 11.25 -0.99 6.96
CA LYS A 57 11.38 -1.52 8.31
C LYS A 57 10.01 -1.56 8.99
N GLU A 58 9.21 -0.53 8.76
CA GLU A 58 7.86 -0.45 9.34
C GLU A 58 6.96 -1.60 8.87
N ILE A 59 7.04 -1.93 7.57
CA ILE A 59 6.19 -3.00 7.01
C ILE A 59 6.89 -4.36 7.03
N GLY A 60 8.17 -4.37 7.37
CA GLY A 60 8.92 -5.62 7.41
C GLY A 60 9.42 -6.03 6.04
N GLU A 61 9.78 -5.05 5.23
CA GLU A 61 10.28 -5.29 3.89
C GLU A 61 11.63 -4.61 3.69
N THR A 62 12.22 -4.81 2.52
CA THR A 62 13.50 -4.21 2.20
C THR A 62 13.30 -2.85 1.53
N ALA A 63 14.35 -2.03 1.53
CA ALA A 63 14.29 -0.72 0.90
C ALA A 63 13.97 -0.83 -0.58
N ALA A 64 14.60 -1.78 -1.24
CA ALA A 64 14.38 -2.02 -2.66
C ALA A 64 12.93 -2.38 -2.92
N THR A 65 12.33 -3.12 -1.99
CA THR A 65 10.94 -3.52 -2.10
C THR A 65 10.04 -2.29 -2.10
N VAL A 66 10.30 -1.38 -1.16
CA VAL A 66 9.52 -0.16 -1.06
C VAL A 66 9.69 0.68 -2.33
N ALA A 67 10.92 0.76 -2.81
CA ALA A 67 11.22 1.51 -4.02
C ALA A 67 10.58 0.88 -5.25
N SER A 68 10.52 -0.44 -5.28
CA SER A 68 9.91 -1.16 -6.38
C SER A 68 8.38 -1.13 -6.32
N TYR A 69 7.85 -0.98 -5.10
CA TYR A 69 6.40 -0.92 -4.87
C TYR A 69 5.73 0.16 -5.73
N GLU A 70 6.36 1.33 -5.84
CA GLU A 70 5.80 2.44 -6.61
C GLU A 70 5.64 2.09 -8.09
N ARG A 71 6.39 1.08 -8.54
CA ARG A 71 6.32 0.64 -9.91
C ARG A 71 5.00 -0.08 -10.17
N GLY A 72 4.39 -0.53 -9.08
CA GLY A 72 3.14 -1.23 -9.17
C GLY A 72 3.31 -2.73 -9.21
N THR A 73 4.50 -3.18 -8.84
CA THR A 73 4.81 -4.59 -8.83
C THR A 73 6.08 -4.84 -8.00
N ALA A 74 5.86 -5.43 -6.84
CA ALA A 74 6.94 -5.73 -5.92
C ALA A 74 6.59 -6.92 -5.03
N THR A 75 5.61 -7.70 -5.49
CA THR A 75 5.12 -8.85 -4.73
C THR A 75 4.62 -8.42 -3.36
N PRO A 76 3.37 -7.95 -3.30
CA PRO A 76 2.76 -7.46 -2.08
C PRO A 76 1.91 -8.47 -1.33
N ASP A 77 1.39 -8.00 -0.21
CA ASP A 77 0.52 -8.78 0.65
C ASP A 77 -0.56 -7.83 1.12
N GLN A 78 -1.75 -8.35 1.40
CA GLN A 78 -2.86 -7.51 1.85
C GLN A 78 -2.50 -6.77 3.12
N ASN A 79 -1.76 -7.44 3.97
CA ASN A 79 -1.31 -6.86 5.23
C ASN A 79 -0.38 -5.68 4.97
N ILE A 80 0.52 -5.83 4.00
CA ILE A 80 1.47 -4.76 3.67
C ILE A 80 0.72 -3.54 3.14
N LEU A 81 -0.08 -3.73 2.10
CA LEU A 81 -0.87 -2.64 1.51
C LEU A 81 -1.63 -1.88 2.61
N SER A 82 -2.24 -2.64 3.50
CA SER A 82 -3.00 -2.09 4.61
C SER A 82 -2.16 -1.13 5.45
N LYS A 83 -0.93 -1.53 5.80
CA LYS A 83 -0.05 -0.69 6.60
C LYS A 83 0.51 0.47 5.77
N MET A 84 0.79 0.18 4.50
CA MET A 84 1.34 1.17 3.58
C MET A 84 0.53 2.46 3.57
N GLU A 85 -0.75 2.32 3.29
CA GLU A 85 -1.67 3.45 3.22
C GLU A 85 -1.99 4.02 4.60
N ARG A 86 -1.94 3.16 5.61
CA ARG A 86 -2.26 3.54 6.97
C ARG A 86 -1.30 4.59 7.52
N VAL A 87 -0.01 4.41 7.26
CA VAL A 87 1.01 5.35 7.72
C VAL A 87 0.83 6.75 7.13
N LEU A 88 0.19 6.83 5.96
CA LEU A 88 0.02 8.12 5.29
C LEU A 88 -1.41 8.64 5.36
N ASN A 89 -2.32 7.86 5.93
CA ASN A 89 -3.73 8.26 6.03
C ASN A 89 -4.26 8.56 4.64
N VAL A 90 -4.13 7.57 3.77
CA VAL A 90 -4.61 7.66 2.40
C VAL A 90 -5.20 6.33 2.00
N LYS A 91 -5.95 6.30 0.93
CA LYS A 91 -6.52 5.06 0.45
C LYS A 91 -6.13 4.81 -0.99
N LEU A 92 -5.61 3.62 -1.24
CA LEU A 92 -5.18 3.23 -2.56
C LEU A 92 -6.29 2.52 -3.31
N ARG A 93 -7.50 2.62 -2.78
CA ARG A 93 -8.67 2.01 -3.39
C ARG A 93 -9.79 3.03 -3.55
N GLY A 94 -10.47 2.97 -4.68
CA GLY A 94 -11.55 3.90 -4.95
C GLY A 94 -11.15 4.97 -5.95
N ALA A 95 -11.87 6.07 -5.94
CA ALA A 95 -11.58 7.18 -6.84
C ALA A 95 -10.67 8.20 -6.18
N ASN A 96 -10.83 8.36 -4.86
CA ASN A 96 -10.02 9.30 -4.10
C ASN A 96 -8.72 8.66 -3.65
N ILE A 97 -7.99 8.09 -4.60
CA ILE A 97 -6.72 7.44 -4.29
C ILE A 97 -5.64 8.48 -4.03
N GLY A 98 -4.83 8.23 -3.01
CA GLY A 98 -3.77 9.16 -2.67
C GLY A 98 -4.22 10.13 -1.62
N ALA A 99 -5.48 10.01 -1.23
CA ALA A 99 -6.08 10.86 -0.22
C ALA A 99 -6.77 10.02 0.83
N PRO A 100 -6.94 10.55 2.07
CA PRO A 100 -7.62 9.81 3.13
C PRO A 100 -9.07 9.51 2.72
N ARG A 101 -9.42 8.23 2.65
CA ARG A 101 -10.78 7.86 2.26
C ARG A 101 -11.28 6.74 3.16
N LEU A 102 -11.45 7.07 4.43
CA LEU A 102 -11.91 6.09 5.41
C LEU A 102 -13.42 6.11 5.50
N GLY A 103 -14.04 5.31 4.65
CA GLY A 103 -15.48 5.23 4.63
C GLY A 103 -15.96 3.83 4.94
N PRO A 104 -17.15 3.70 5.52
CA PRO A 104 -17.72 2.39 5.89
C PRO A 104 -18.19 1.60 4.67
N LYS A 105 -18.13 2.22 3.50
CA LYS A 105 -18.55 1.56 2.26
C LYS A 105 -17.47 0.60 1.77
N LYS A 106 -17.83 -0.69 1.76
CA LYS A 106 -16.93 -1.73 1.29
C LYS A 106 -17.67 -2.66 0.35
N LYS A 107 -17.05 -3.78 0.01
CA LYS A 107 -17.66 -4.74 -0.90
C LYS A 107 -18.41 -5.81 -0.10
N GLY A 1 34.43 -34.74 3.89
CA GLY A 1 35.15 -33.49 3.55
C GLY A 1 35.94 -32.95 4.73
N ALA A 2 37.26 -32.93 4.60
CA ALA A 2 38.12 -32.44 5.66
C ALA A 2 38.02 -30.93 5.85
N MET A 3 37.89 -30.20 4.75
CA MET A 3 37.81 -28.75 4.83
C MET A 3 36.90 -28.18 3.74
N ASP A 4 35.69 -27.82 4.13
CA ASP A 4 34.71 -27.25 3.21
C ASP A 4 33.81 -26.26 3.94
N PRO A 5 34.25 -25.00 4.05
CA PRO A 5 33.49 -23.96 4.74
C PRO A 5 32.34 -23.43 3.89
N GLU A 6 31.57 -22.51 4.44
CA GLU A 6 30.44 -21.94 3.74
C GLU A 6 30.40 -20.43 3.93
N PHE A 7 30.23 -19.72 2.81
CA PHE A 7 30.17 -18.27 2.82
C PHE A 7 29.35 -17.78 1.63
N ALA A 8 28.34 -16.97 1.91
CA ALA A 8 27.49 -16.44 0.85
C ALA A 8 27.59 -14.92 0.80
N GLY A 9 27.40 -14.37 -0.39
CA GLY A 9 27.46 -12.94 -0.56
C GLY A 9 26.11 -12.38 -0.94
N GLY A 10 26.00 -11.06 -0.96
CA GLY A 10 24.73 -10.44 -1.31
C GLY A 10 24.92 -9.05 -1.88
N THR A 11 24.06 -8.70 -2.82
CA THR A 11 24.11 -7.38 -3.45
C THR A 11 22.69 -6.89 -3.71
N GLU A 12 22.38 -5.68 -3.25
CA GLU A 12 21.05 -5.12 -3.41
C GLU A 12 21.09 -3.84 -4.25
N GLY A 13 20.00 -3.61 -4.99
CA GLY A 13 19.91 -2.44 -5.84
C GLY A 13 19.15 -2.75 -7.11
N GLN A 14 18.19 -1.90 -7.46
CA GLN A 14 17.40 -2.13 -8.67
C GLN A 14 16.79 -0.83 -9.19
N ARG A 15 16.47 -0.83 -10.48
CA ARG A 15 15.87 0.32 -11.13
C ARG A 15 14.44 -0.03 -11.55
N LEU A 16 13.52 0.91 -11.41
CA LEU A 16 12.14 0.65 -11.77
C LEU A 16 11.46 1.89 -12.34
N THR A 17 10.28 1.70 -12.92
CA THR A 17 9.51 2.78 -13.51
C THR A 17 8.01 2.43 -13.50
N LYS A 18 7.17 3.40 -13.16
CA LYS A 18 5.74 3.16 -13.13
C LYS A 18 5.04 3.98 -14.21
N VAL A 19 3.84 3.57 -14.58
CA VAL A 19 3.07 4.25 -15.60
C VAL A 19 1.58 3.92 -15.44
N ASP A 20 0.78 4.94 -15.16
CA ASP A 20 -0.66 4.76 -14.99
C ASP A 20 -1.32 4.42 -16.32
N ARG A 21 -2.42 3.69 -16.26
CA ARG A 21 -3.14 3.29 -17.47
C ARG A 21 -4.65 3.20 -17.18
N SER A 22 -5.37 2.47 -18.01
CA SER A 22 -6.81 2.31 -17.85
C SER A 22 -7.12 1.25 -16.79
N ASP A 23 -8.41 1.05 -16.53
CA ASP A 23 -8.84 0.07 -15.53
C ASP A 23 -9.35 -1.20 -16.18
N ASP A 24 -9.16 -1.31 -17.49
CA ASP A 24 -9.62 -2.47 -18.24
C ASP A 24 -8.55 -3.56 -18.22
N ILE A 25 -8.12 -3.91 -17.01
CA ILE A 25 -7.10 -4.94 -16.83
C ILE A 25 -7.51 -5.90 -15.73
N ILE A 26 -6.88 -7.07 -15.70
CA ILE A 26 -7.17 -8.08 -14.69
C ILE A 26 -6.42 -7.76 -13.40
N LYS A 27 -6.68 -8.54 -12.36
CA LYS A 27 -6.03 -8.35 -11.08
C LYS A 27 -5.16 -9.56 -10.75
N PRO A 28 -3.90 -9.56 -11.21
CA PRO A 28 -2.95 -10.64 -10.98
C PRO A 28 -2.13 -10.41 -9.71
N LYS A 29 -0.86 -10.78 -9.74
CA LYS A 29 0.02 -10.61 -8.59
C LYS A 29 0.69 -9.23 -8.62
N THR A 30 -0.03 -8.25 -9.13
CA THR A 30 0.49 -6.90 -9.21
C THR A 30 -0.27 -6.00 -8.24
N VAL A 31 0.32 -4.87 -7.87
CA VAL A 31 -0.32 -3.97 -6.91
C VAL A 31 -1.15 -2.91 -7.62
N GLY A 32 -0.75 -2.51 -8.82
CA GLY A 32 -1.49 -1.51 -9.56
C GLY A 32 -0.63 -0.34 -9.97
N LYS A 33 -0.85 0.18 -11.17
CA LYS A 33 -0.07 1.31 -11.68
C LYS A 33 -0.33 2.57 -10.88
N GLU A 34 -1.60 2.92 -10.72
CA GLU A 34 -1.98 4.11 -9.96
C GLU A 34 -1.55 3.94 -8.51
N VAL A 35 -1.58 2.69 -8.06
CA VAL A 35 -1.20 2.34 -6.70
C VAL A 35 0.27 2.69 -6.47
N GLY A 36 1.13 2.24 -7.37
CA GLY A 36 2.56 2.52 -7.25
C GLY A 36 2.85 4.02 -7.30
N LYS A 37 2.14 4.71 -8.19
CA LYS A 37 2.30 6.15 -8.34
C LYS A 37 1.97 6.85 -7.04
N ALA A 38 0.81 6.54 -6.48
CA ALA A 38 0.36 7.15 -5.23
C ALA A 38 1.25 6.74 -4.08
N ILE A 39 1.82 5.54 -4.16
CA ILE A 39 2.71 5.06 -3.12
C ILE A 39 3.88 6.02 -2.97
N GLU A 40 4.48 6.40 -4.09
CA GLU A 40 5.63 7.27 -4.06
C GLU A 40 5.22 8.68 -3.65
N GLN A 41 4.16 9.17 -4.28
CA GLN A 41 3.65 10.52 -4.00
C GLN A 41 3.21 10.65 -2.55
N GLY A 42 2.67 9.58 -1.98
CA GLY A 42 2.22 9.62 -0.60
C GLY A 42 3.37 9.69 0.39
N ARG A 43 4.51 9.12 0.02
CA ARG A 43 5.68 9.09 0.91
C ARG A 43 6.45 10.40 0.83
N GLN A 44 6.47 11.01 -0.35
CA GLN A 44 7.18 12.26 -0.55
C GLN A 44 6.38 13.43 0.03
N LYS A 45 5.09 13.18 0.28
CA LYS A 45 4.21 14.20 0.81
C LYS A 45 4.36 14.34 2.32
N PHE A 46 5.40 13.75 2.88
CA PHE A 46 5.64 13.82 4.32
C PHE A 46 6.50 15.03 4.68
N GLU A 47 7.19 15.53 3.70
CA GLU A 47 8.08 16.68 3.84
C GLU A 47 9.20 16.42 4.87
N PRO A 48 10.45 16.29 4.42
CA PRO A 48 10.80 16.38 3.00
C PRO A 48 10.35 15.17 2.19
N THR A 49 10.82 14.02 2.59
CA THR A 49 10.52 12.77 1.91
C THR A 49 10.86 11.57 2.79
N MET A 50 9.96 10.60 2.84
CA MET A 50 10.18 9.37 3.61
C MET A 50 11.18 8.50 2.86
N THR A 51 12.13 7.91 3.56
CA THR A 51 13.13 7.08 2.90
C THR A 51 12.62 5.66 2.69
N GLN A 52 13.26 4.95 1.78
CA GLN A 52 12.87 3.59 1.48
C GLN A 52 13.24 2.68 2.65
N ALA A 53 14.26 3.10 3.40
CA ALA A 53 14.73 2.36 4.56
C ALA A 53 13.72 2.37 5.68
N GLU A 54 13.35 3.56 6.13
CA GLU A 54 12.38 3.71 7.22
C GLU A 54 11.03 3.15 6.82
N LEU A 55 10.69 3.33 5.57
CA LEU A 55 9.45 2.81 5.03
C LEU A 55 9.44 1.28 5.13
N GLY A 56 10.57 0.67 4.81
CA GLY A 56 10.69 -0.76 4.87
C GLY A 56 10.64 -1.25 6.31
N LYS A 57 11.28 -0.51 7.20
CA LYS A 57 11.33 -0.85 8.61
C LYS A 57 9.94 -0.84 9.24
N GLU A 58 9.12 0.13 8.84
CA GLU A 58 7.76 0.25 9.39
C GLU A 58 6.81 -0.81 8.85
N ILE A 59 7.16 -1.48 7.75
CA ILE A 59 6.30 -2.52 7.18
C ILE A 59 6.93 -3.90 7.29
N GLY A 60 8.12 -3.96 7.87
CA GLY A 60 8.82 -5.23 8.03
C GLY A 60 9.37 -5.76 6.73
N GLU A 61 9.86 -4.86 5.89
CA GLU A 61 10.43 -5.23 4.60
C GLU A 61 11.76 -4.52 4.38
N THR A 62 12.27 -4.59 3.16
CA THR A 62 13.54 -3.96 2.83
C THR A 62 13.32 -2.78 1.87
N ALA A 63 14.41 -2.09 1.53
CA ALA A 63 14.33 -0.95 0.63
C ALA A 63 13.84 -1.39 -0.75
N ALA A 64 14.25 -2.59 -1.16
CA ALA A 64 13.85 -3.14 -2.44
C ALA A 64 12.34 -3.27 -2.53
N THR A 65 11.73 -3.82 -1.48
CA THR A 65 10.29 -3.99 -1.43
C THR A 65 9.58 -2.66 -1.64
N VAL A 66 10.07 -1.63 -0.96
CA VAL A 66 9.50 -0.29 -1.07
C VAL A 66 9.62 0.23 -2.49
N ALA A 67 10.82 0.15 -3.05
CA ALA A 67 11.07 0.62 -4.41
C ALA A 67 10.30 -0.21 -5.44
N SER A 68 10.11 -1.47 -5.13
CA SER A 68 9.38 -2.37 -6.01
C SER A 68 7.88 -2.08 -5.97
N TYR A 69 7.40 -1.56 -4.84
CA TYR A 69 5.98 -1.26 -4.70
C TYR A 69 5.59 0.00 -5.46
N GLU A 70 6.49 1.00 -5.50
CA GLU A 70 6.21 2.24 -6.22
C GLU A 70 6.12 2.00 -7.73
N ARG A 71 6.65 0.86 -8.17
CA ARG A 71 6.61 0.51 -9.58
C ARG A 71 5.19 0.07 -9.95
N GLY A 72 4.42 -0.33 -8.96
CA GLY A 72 3.08 -0.79 -9.21
C GLY A 72 3.02 -2.29 -9.37
N THR A 73 4.02 -2.98 -8.85
CA THR A 73 4.12 -4.43 -8.93
C THR A 73 5.24 -4.94 -8.03
N ALA A 74 4.84 -5.50 -6.91
CA ALA A 74 5.76 -6.05 -5.93
C ALA A 74 5.07 -7.14 -5.16
N THR A 75 4.10 -7.77 -5.81
CA THR A 75 3.29 -8.82 -5.21
C THR A 75 2.54 -8.22 -4.03
N PRO A 76 1.28 -7.84 -4.27
CA PRO A 76 0.45 -7.18 -3.27
C PRO A 76 0.05 -8.04 -2.09
N ASP A 77 0.78 -7.87 -0.99
CA ASP A 77 0.44 -8.56 0.23
C ASP A 77 -0.59 -7.67 0.90
N GLN A 78 -1.79 -8.18 1.04
CA GLN A 78 -2.89 -7.42 1.60
C GLN A 78 -2.51 -6.71 2.89
N ASN A 79 -1.75 -7.40 3.72
CA ASN A 79 -1.29 -6.86 4.99
C ASN A 79 -0.32 -5.71 4.76
N ILE A 80 0.63 -5.89 3.82
CA ILE A 80 1.60 -4.84 3.52
C ILE A 80 0.91 -3.55 3.08
N LEU A 81 0.05 -3.65 2.06
CA LEU A 81 -0.69 -2.48 1.55
C LEU A 81 -1.38 -1.75 2.70
N SER A 82 -1.96 -2.54 3.59
CA SER A 82 -2.65 -2.02 4.76
C SER A 82 -1.73 -1.19 5.65
N LYS A 83 -0.54 -1.70 5.91
CA LYS A 83 0.44 -0.99 6.75
C LYS A 83 1.05 0.19 6.02
N MET A 84 1.35 -0.01 4.74
CA MET A 84 1.97 1.00 3.90
C MET A 84 1.23 2.33 3.95
N GLU A 85 -0.03 2.28 3.58
CA GLU A 85 -0.89 3.46 3.55
C GLU A 85 -1.32 3.91 4.93
N ARG A 86 -1.37 2.99 5.88
CA ARG A 86 -1.79 3.30 7.25
C ARG A 86 -0.98 4.44 7.86
N VAL A 87 0.25 4.61 7.41
CA VAL A 87 1.12 5.66 7.94
C VAL A 87 0.85 7.01 7.27
N LEU A 88 0.32 6.98 6.05
CA LEU A 88 0.08 8.22 5.29
C LEU A 88 -1.37 8.68 5.36
N ASN A 89 -2.28 7.80 5.78
CA ASN A 89 -3.72 8.12 5.87
C ASN A 89 -4.30 8.33 4.48
N VAL A 90 -3.68 7.70 3.50
CA VAL A 90 -4.15 7.75 2.14
C VAL A 90 -4.40 6.33 1.72
N LYS A 91 -5.43 6.08 0.94
CA LYS A 91 -5.71 4.72 0.54
C LYS A 91 -5.65 4.59 -0.97
N LEU A 92 -5.13 3.46 -1.41
CA LEU A 92 -5.02 3.18 -2.84
C LEU A 92 -6.12 2.22 -3.27
N ARG A 93 -7.31 2.43 -2.71
CA ARG A 93 -8.47 1.61 -3.02
C ARG A 93 -9.65 2.49 -3.39
N GLY A 94 -10.42 2.04 -4.36
CA GLY A 94 -11.58 2.79 -4.79
C GLY A 94 -11.22 3.92 -5.74
N ALA A 95 -12.12 4.86 -5.91
CA ALA A 95 -11.89 5.99 -6.81
C ALA A 95 -11.27 7.18 -6.06
N ASN A 96 -10.98 6.99 -4.78
CA ASN A 96 -10.40 8.05 -3.98
C ASN A 96 -8.96 7.73 -3.63
N ILE A 97 -8.23 7.19 -4.60
CA ILE A 97 -6.84 6.82 -4.40
C ILE A 97 -5.98 8.06 -4.19
N GLY A 98 -5.07 7.99 -3.21
CA GLY A 98 -4.22 9.11 -2.91
C GLY A 98 -4.82 9.99 -1.85
N ALA A 99 -6.00 9.59 -1.39
CA ALA A 99 -6.72 10.33 -0.37
C ALA A 99 -7.22 9.38 0.73
N PRO A 100 -7.50 9.91 1.95
CA PRO A 100 -8.01 9.09 3.05
C PRO A 100 -9.33 8.44 2.64
N ARG A 101 -9.38 7.12 2.69
CA ARG A 101 -10.57 6.40 2.31
C ARG A 101 -10.72 5.14 3.14
N LEU A 102 -11.58 5.21 4.16
CA LEU A 102 -11.78 4.06 5.03
C LEU A 102 -12.66 3.02 4.36
N GLY A 103 -12.09 2.33 3.38
CA GLY A 103 -12.80 1.30 2.67
C GLY A 103 -12.03 0.00 2.66
N PRO A 104 -11.97 -0.69 3.81
CA PRO A 104 -11.24 -1.95 3.93
C PRO A 104 -11.99 -3.13 3.34
N LYS A 105 -11.23 -4.14 2.90
CA LYS A 105 -11.81 -5.33 2.31
C LYS A 105 -11.78 -6.50 3.29
N LYS A 106 -10.77 -6.51 4.14
CA LYS A 106 -10.61 -7.56 5.13
C LYS A 106 -10.04 -7.00 6.43
N LYS A 107 -10.48 -7.56 7.55
CA LYS A 107 -10.02 -7.12 8.86
C LYS A 107 -8.72 -7.85 9.22
N GLY A 1 -26.90 -12.93 19.48
CA GLY A 1 -25.77 -13.62 18.79
C GLY A 1 -24.46 -12.90 19.02
N ALA A 2 -23.36 -13.64 18.96
CA ALA A 2 -22.04 -13.06 19.18
C ALA A 2 -21.49 -12.43 17.91
N MET A 3 -21.55 -13.19 16.80
CA MET A 3 -21.04 -12.75 15.49
C MET A 3 -19.69 -12.05 15.61
N ASP A 4 -18.78 -12.69 16.33
CA ASP A 4 -17.45 -12.14 16.55
C ASP A 4 -16.39 -13.11 16.04
N PRO A 5 -16.03 -13.03 14.76
CA PRO A 5 -15.02 -13.88 14.15
C PRO A 5 -13.64 -13.26 14.22
N GLU A 6 -12.62 -14.10 14.37
CA GLU A 6 -11.25 -13.63 14.45
C GLU A 6 -10.51 -13.88 13.14
N PHE A 7 -9.50 -13.06 12.87
CA PHE A 7 -8.71 -13.20 11.67
C PHE A 7 -7.25 -12.85 11.96
N ALA A 8 -6.34 -13.70 11.51
CA ALA A 8 -4.92 -13.49 11.72
C ALA A 8 -4.16 -13.79 10.43
N GLY A 9 -2.89 -13.39 10.37
CA GLY A 9 -2.11 -13.63 9.19
C GLY A 9 -0.62 -13.48 9.45
N GLY A 10 0.18 -13.64 8.41
CA GLY A 10 1.62 -13.54 8.53
C GLY A 10 2.31 -13.88 7.24
N THR A 11 3.44 -13.24 6.97
CA THR A 11 4.19 -13.49 5.76
C THR A 11 5.69 -13.59 6.05
N GLU A 12 6.30 -14.65 5.58
CA GLU A 12 7.72 -14.87 5.77
C GLU A 12 8.51 -14.27 4.61
N GLY A 13 8.02 -14.48 3.40
CA GLY A 13 8.68 -13.96 2.22
C GLY A 13 9.53 -15.02 1.55
N GLN A 14 9.04 -15.55 0.45
CA GLN A 14 9.76 -16.60 -0.28
C GLN A 14 10.35 -16.06 -1.57
N ARG A 15 9.87 -14.91 -2.01
CA ARG A 15 10.34 -14.31 -3.24
C ARG A 15 10.09 -12.81 -3.23
N LEU A 16 10.99 -12.06 -3.84
CA LEU A 16 10.86 -10.62 -3.90
C LEU A 16 10.82 -10.17 -5.36
N THR A 17 10.01 -9.17 -5.63
CA THR A 17 9.86 -8.64 -6.98
C THR A 17 11.01 -7.70 -7.32
N LYS A 18 11.52 -7.81 -8.54
CA LYS A 18 12.61 -6.97 -9.01
C LYS A 18 12.19 -6.25 -10.29
N VAL A 19 12.98 -5.26 -10.71
CA VAL A 19 12.68 -4.50 -11.92
C VAL A 19 12.52 -5.41 -13.13
N ASP A 20 11.42 -5.23 -13.85
CA ASP A 20 11.12 -6.03 -15.04
C ASP A 20 10.05 -5.33 -15.86
N ARG A 21 10.08 -5.53 -17.17
CA ARG A 21 9.09 -4.92 -18.05
C ARG A 21 7.75 -5.64 -17.97
N SER A 22 6.66 -4.91 -18.05
CA SER A 22 5.33 -5.50 -17.98
C SER A 22 5.02 -6.26 -19.26
N ASP A 23 4.67 -5.51 -20.31
CA ASP A 23 4.34 -6.10 -21.62
C ASP A 23 3.26 -7.17 -21.48
N ASP A 24 2.17 -6.82 -20.84
CA ASP A 24 1.06 -7.73 -20.64
C ASP A 24 -0.17 -6.95 -20.19
N ILE A 25 -1.25 -7.11 -20.92
CA ILE A 25 -2.50 -6.44 -20.61
C ILE A 25 -3.22 -7.12 -19.44
N ILE A 26 -2.88 -8.38 -19.21
CA ILE A 26 -3.50 -9.14 -18.13
C ILE A 26 -2.77 -8.86 -16.82
N LYS A 27 -3.48 -8.26 -15.88
CA LYS A 27 -2.89 -7.94 -14.59
C LYS A 27 -3.09 -9.09 -13.59
N PRO A 28 -1.98 -9.69 -13.13
CA PRO A 28 -2.01 -10.78 -12.16
C PRO A 28 -2.05 -10.22 -10.73
N LYS A 29 -1.33 -10.85 -9.81
CA LYS A 29 -1.28 -10.37 -8.44
C LYS A 29 -0.32 -9.19 -8.34
N THR A 30 -0.74 -8.06 -8.87
CA THR A 30 0.05 -6.85 -8.86
C THR A 30 -0.59 -5.84 -7.91
N VAL A 31 0.14 -4.77 -7.58
CA VAL A 31 -0.38 -3.77 -6.65
C VAL A 31 -1.23 -2.73 -7.39
N GLY A 32 -0.85 -2.42 -8.63
CA GLY A 32 -1.58 -1.44 -9.41
C GLY A 32 -0.65 -0.36 -9.96
N LYS A 33 -0.85 0.01 -11.22
CA LYS A 33 -0.01 1.01 -11.87
C LYS A 33 -0.14 2.38 -11.21
N GLU A 34 -1.36 2.90 -11.13
CA GLU A 34 -1.60 4.19 -10.50
C GLU A 34 -1.33 4.08 -9.01
N VAL A 35 -1.50 2.86 -8.52
CA VAL A 35 -1.28 2.53 -7.12
C VAL A 35 0.18 2.75 -6.76
N GLY A 36 1.09 2.26 -7.60
CA GLY A 36 2.51 2.45 -7.34
C GLY A 36 2.90 3.91 -7.40
N LYS A 37 2.29 4.63 -8.33
CA LYS A 37 2.54 6.06 -8.49
C LYS A 37 2.18 6.78 -7.21
N ALA A 38 0.99 6.50 -6.69
CA ALA A 38 0.52 7.11 -5.47
C ALA A 38 1.37 6.67 -4.30
N ILE A 39 1.90 5.46 -4.37
CA ILE A 39 2.77 4.95 -3.31
C ILE A 39 3.97 5.85 -3.16
N GLU A 40 4.61 6.17 -4.27
CA GLU A 40 5.81 7.00 -4.26
C GLU A 40 5.46 8.41 -3.82
N GLN A 41 4.45 8.98 -4.45
CA GLN A 41 4.01 10.32 -4.14
C GLN A 41 3.56 10.41 -2.68
N GLY A 42 2.94 9.35 -2.17
CA GLY A 42 2.47 9.35 -0.80
C GLY A 42 3.60 9.41 0.22
N ARG A 43 4.73 8.80 -0.09
CA ARG A 43 5.87 8.78 0.82
C ARG A 43 6.60 10.11 0.75
N GLN A 44 6.55 10.73 -0.42
CA GLN A 44 7.20 12.02 -0.63
C GLN A 44 6.37 13.16 -0.04
N LYS A 45 5.10 12.87 0.23
CA LYS A 45 4.21 13.88 0.79
C LYS A 45 4.32 13.93 2.31
N PHE A 46 5.44 13.45 2.84
CA PHE A 46 5.67 13.46 4.28
C PHE A 46 6.45 14.70 4.69
N GLU A 47 6.93 15.42 3.69
CA GLU A 47 7.71 16.66 3.87
C GLU A 47 8.91 16.47 4.81
N PRO A 48 10.13 16.40 4.25
CA PRO A 48 10.37 16.48 2.82
C PRO A 48 9.96 15.22 2.06
N THR A 49 10.41 14.09 2.55
CA THR A 49 10.13 12.79 1.94
C THR A 49 10.55 11.66 2.88
N MET A 50 9.66 10.69 3.07
CA MET A 50 9.95 9.55 3.93
C MET A 50 10.94 8.61 3.25
N THR A 51 11.94 8.15 4.00
CA THR A 51 12.94 7.26 3.47
C THR A 51 12.38 5.87 3.19
N GLN A 52 12.89 5.24 2.14
CA GLN A 52 12.43 3.90 1.76
C GLN A 52 12.87 2.86 2.78
N ALA A 53 14.08 3.03 3.31
CA ALA A 53 14.62 2.12 4.30
C ALA A 53 13.76 2.14 5.57
N GLU A 54 13.26 3.31 5.91
CA GLU A 54 12.43 3.48 7.09
C GLU A 54 11.03 2.94 6.83
N LEU A 55 10.53 3.18 5.62
CA LEU A 55 9.22 2.68 5.22
C LEU A 55 9.23 1.16 5.28
N GLY A 56 10.30 0.57 4.78
CA GLY A 56 10.44 -0.87 4.80
C GLY A 56 10.54 -1.39 6.21
N LYS A 57 11.27 -0.67 7.05
CA LYS A 57 11.47 -1.05 8.44
C LYS A 57 10.15 -1.04 9.21
N GLU A 58 9.30 -0.06 8.91
CA GLU A 58 8.01 0.07 9.60
C GLU A 58 6.96 -0.93 9.08
N ILE A 59 7.19 -1.55 7.94
CA ILE A 59 6.22 -2.51 7.40
C ILE A 59 6.74 -3.94 7.49
N GLY A 60 8.01 -4.09 7.86
CA GLY A 60 8.59 -5.42 7.99
C GLY A 60 9.18 -5.93 6.68
N GLU A 61 9.65 -5.02 5.86
CA GLU A 61 10.24 -5.36 4.56
C GLU A 61 11.62 -4.73 4.42
N THR A 62 12.16 -4.76 3.21
CA THR A 62 13.47 -4.18 2.94
C THR A 62 13.32 -2.94 2.08
N ALA A 63 14.44 -2.27 1.81
CA ALA A 63 14.43 -1.06 1.01
C ALA A 63 13.99 -1.34 -0.42
N ALA A 64 14.47 -2.46 -0.97
CA ALA A 64 14.12 -2.85 -2.34
C ALA A 64 12.62 -3.03 -2.50
N THR A 65 11.98 -3.58 -1.46
CA THR A 65 10.55 -3.80 -1.50
C THR A 65 9.80 -2.50 -1.74
N VAL A 66 10.14 -1.48 -0.94
CA VAL A 66 9.51 -0.18 -1.05
C VAL A 66 9.81 0.47 -2.40
N ALA A 67 11.07 0.40 -2.82
CA ALA A 67 11.48 0.98 -4.09
C ALA A 67 10.80 0.26 -5.26
N SER A 68 10.61 -1.04 -5.12
CA SER A 68 9.96 -1.83 -6.15
C SER A 68 8.43 -1.63 -6.15
N TYR A 69 7.87 -1.29 -4.99
CA TYR A 69 6.43 -1.10 -4.84
C TYR A 69 5.90 0.06 -5.69
N GLU A 70 6.65 1.15 -5.76
CA GLU A 70 6.23 2.33 -6.52
C GLU A 70 6.05 2.02 -8.01
N ARG A 71 6.63 0.92 -8.47
CA ARG A 71 6.51 0.53 -9.86
C ARG A 71 5.08 0.08 -10.14
N GLY A 72 4.38 -0.33 -9.09
CA GLY A 72 3.02 -0.79 -9.26
C GLY A 72 2.93 -2.30 -9.30
N THR A 73 3.95 -2.95 -8.76
CA THR A 73 4.01 -4.41 -8.74
C THR A 73 5.18 -4.88 -7.89
N ALA A 74 4.83 -5.49 -6.78
CA ALA A 74 5.80 -6.03 -5.84
C ALA A 74 5.14 -7.10 -5.00
N THR A 75 4.22 -7.84 -5.63
CA THR A 75 3.46 -8.88 -4.96
C THR A 75 2.75 -8.29 -3.75
N PRO A 76 1.56 -7.70 -3.98
CA PRO A 76 0.80 -7.01 -2.96
C PRO A 76 0.14 -7.88 -1.93
N ASP A 77 0.78 -7.99 -0.79
CA ASP A 77 0.15 -8.70 0.29
C ASP A 77 -0.76 -7.69 0.94
N GLN A 78 -2.02 -8.06 1.10
CA GLN A 78 -3.04 -7.15 1.62
C GLN A 78 -2.64 -6.53 2.95
N ASN A 79 -1.89 -7.28 3.72
CA ASN A 79 -1.43 -6.81 5.03
C ASN A 79 -0.36 -5.72 4.88
N ILE A 80 0.46 -5.82 3.84
CA ILE A 80 1.51 -4.83 3.64
C ILE A 80 0.91 -3.50 3.20
N LEU A 81 0.16 -3.51 2.09
CA LEU A 81 -0.49 -2.29 1.55
C LEU A 81 -1.24 -1.54 2.65
N SER A 82 -1.96 -2.32 3.46
CA SER A 82 -2.76 -1.79 4.53
C SER A 82 -1.93 -0.91 5.48
N LYS A 83 -0.78 -1.42 5.90
CA LYS A 83 0.09 -0.68 6.80
C LYS A 83 0.87 0.40 6.07
N MET A 84 1.29 0.10 4.84
CA MET A 84 2.06 1.03 4.01
C MET A 84 1.38 2.37 3.87
N GLU A 85 0.16 2.34 3.34
CA GLU A 85 -0.60 3.56 3.12
C GLU A 85 -1.12 4.15 4.40
N ARG A 86 -1.31 3.32 5.42
CA ARG A 86 -1.78 3.79 6.70
C ARG A 86 -0.83 4.83 7.27
N VAL A 87 0.45 4.72 6.88
CA VAL A 87 1.47 5.65 7.33
C VAL A 87 1.18 7.07 6.82
N LEU A 88 0.73 7.17 5.57
CA LEU A 88 0.43 8.49 4.99
C LEU A 88 -1.05 8.80 5.14
N ASN A 89 -1.82 7.83 5.62
CA ASN A 89 -3.27 7.97 5.79
C ASN A 89 -3.93 8.15 4.44
N VAL A 90 -3.58 7.26 3.51
CA VAL A 90 -4.13 7.30 2.17
C VAL A 90 -4.59 5.89 1.78
N LYS A 91 -5.42 5.80 0.76
CA LYS A 91 -5.89 4.52 0.27
C LYS A 91 -5.74 4.47 -1.23
N LEU A 92 -5.35 3.31 -1.75
CA LEU A 92 -5.14 3.14 -3.18
C LEU A 92 -6.24 2.27 -3.78
N ARG A 93 -7.34 2.13 -3.04
CA ARG A 93 -8.47 1.33 -3.49
C ARG A 93 -9.73 2.19 -3.49
N GLY A 94 -10.56 2.03 -4.50
CA GLY A 94 -11.79 2.80 -4.59
C GLY A 94 -11.66 3.99 -5.53
N ALA A 95 -12.34 5.07 -5.21
CA ALA A 95 -12.32 6.27 -6.02
C ALA A 95 -11.45 7.34 -5.37
N ASN A 96 -11.47 7.38 -4.05
CA ASN A 96 -10.70 8.37 -3.30
C ASN A 96 -9.25 7.91 -3.13
N ILE A 97 -8.60 7.61 -4.25
CA ILE A 97 -7.22 7.16 -4.21
C ILE A 97 -6.29 8.32 -3.89
N GLY A 98 -5.31 8.06 -3.04
CA GLY A 98 -4.37 9.09 -2.65
C GLY A 98 -4.90 9.89 -1.49
N ALA A 99 -6.09 9.54 -1.05
CA ALA A 99 -6.75 10.20 0.06
C ALA A 99 -7.14 9.17 1.11
N PRO A 100 -7.32 9.59 2.38
CA PRO A 100 -7.72 8.67 3.45
C PRO A 100 -9.10 8.08 3.14
N ARG A 101 -9.18 6.76 3.08
CA ARG A 101 -10.46 6.10 2.79
C ARG A 101 -10.63 4.87 3.67
N LEU A 102 -10.80 5.12 4.95
CA LEU A 102 -10.97 4.05 5.91
C LEU A 102 -11.72 4.55 7.13
N GLY A 103 -12.56 3.70 7.70
CA GLY A 103 -13.30 4.07 8.88
C GLY A 103 -12.44 3.94 10.12
N PRO A 104 -12.26 2.71 10.62
CA PRO A 104 -11.43 2.45 11.79
C PRO A 104 -9.94 2.60 11.46
N LYS A 105 -9.17 3.10 12.41
CA LYS A 105 -7.74 3.29 12.21
C LYS A 105 -7.00 1.94 12.27
N LYS A 106 -7.67 0.95 12.82
CA LYS A 106 -7.13 -0.39 12.93
C LYS A 106 -8.21 -1.41 12.63
N LYS A 107 -7.84 -2.43 11.86
CA LYS A 107 -8.78 -3.49 11.48
C LYS A 107 -8.96 -4.46 12.64
N GLY A 1 -30.80 49.11 46.76
CA GLY A 1 -30.23 48.28 45.68
C GLY A 1 -29.93 46.87 46.15
N ALA A 2 -28.66 46.48 46.12
CA ALA A 2 -28.22 45.16 46.54
C ALA A 2 -28.92 44.07 45.74
N MET A 3 -28.65 44.02 44.45
CA MET A 3 -29.25 43.02 43.58
C MET A 3 -28.26 41.89 43.34
N ASP A 4 -28.77 40.69 43.09
CA ASP A 4 -27.93 39.53 42.85
C ASP A 4 -28.15 39.00 41.44
N PRO A 5 -27.13 38.38 40.85
CA PRO A 5 -27.22 37.81 39.50
C PRO A 5 -28.04 36.52 39.46
N GLU A 6 -28.33 36.05 38.26
CA GLU A 6 -29.10 34.83 38.09
C GLU A 6 -28.32 33.84 37.24
N PHE A 7 -28.59 32.55 37.44
CA PHE A 7 -27.91 31.51 36.70
C PHE A 7 -28.91 30.45 36.26
N ALA A 8 -28.62 29.78 35.14
CA ALA A 8 -29.48 28.74 34.61
C ALA A 8 -28.69 27.77 33.75
N GLY A 9 -28.97 26.49 33.90
CA GLY A 9 -28.26 25.48 33.14
C GLY A 9 -29.18 24.69 32.24
N GLY A 10 -28.72 23.53 31.81
CA GLY A 10 -29.50 22.69 30.94
C GLY A 10 -28.97 21.27 30.92
N THR A 11 -29.82 20.31 30.63
CA THR A 11 -29.44 18.92 30.60
C THR A 11 -29.80 18.28 29.26
N GLU A 12 -28.85 17.57 28.67
CA GLU A 12 -29.06 16.89 27.40
C GLU A 12 -28.40 15.51 27.42
N GLY A 13 -28.71 14.68 26.44
CA GLY A 13 -28.13 13.35 26.38
C GLY A 13 -28.17 12.75 25.00
N GLN A 14 -26.99 12.49 24.44
CA GLN A 14 -26.88 11.88 23.12
C GLN A 14 -26.55 10.40 23.22
N ARG A 15 -26.55 9.70 22.10
CA ARG A 15 -26.26 8.27 22.08
C ARG A 15 -25.13 7.95 21.11
N LEU A 16 -24.14 7.19 21.56
CA LEU A 16 -23.01 6.83 20.72
C LEU A 16 -22.79 5.31 20.72
N THR A 17 -22.27 4.80 19.62
CA THR A 17 -22.00 3.38 19.48
C THR A 17 -21.13 3.12 18.25
N LYS A 18 -20.35 2.05 18.29
CA LYS A 18 -19.46 1.71 17.18
C LYS A 18 -19.09 0.23 17.22
N VAL A 19 -18.67 -0.32 16.08
CA VAL A 19 -18.29 -1.72 16.00
C VAL A 19 -17.00 -1.88 15.20
N ASP A 20 -16.35 -3.03 15.35
CA ASP A 20 -15.10 -3.32 14.66
C ASP A 20 -15.10 -4.71 14.05
N ARG A 21 -14.56 -4.84 12.84
CA ARG A 21 -14.49 -6.12 12.14
C ARG A 21 -13.33 -6.13 11.16
N SER A 22 -12.88 -7.32 10.80
CA SER A 22 -11.79 -7.47 9.85
C SER A 22 -12.32 -7.64 8.43
N ASP A 23 -11.44 -7.91 7.49
CA ASP A 23 -11.85 -8.11 6.10
C ASP A 23 -11.17 -9.35 5.54
N ASP A 24 -11.97 -10.31 5.15
CA ASP A 24 -11.46 -11.57 4.62
C ASP A 24 -11.42 -11.60 3.10
N ILE A 25 -11.68 -10.48 2.45
CA ILE A 25 -11.68 -10.43 0.99
C ILE A 25 -10.25 -10.37 0.45
N ILE A 26 -9.80 -11.49 -0.10
CA ILE A 26 -8.44 -11.59 -0.65
C ILE A 26 -8.41 -11.22 -2.13
N LYS A 27 -7.21 -10.88 -2.62
CA LYS A 27 -7.03 -10.50 -4.02
C LYS A 27 -5.73 -11.08 -4.57
N PRO A 28 -5.81 -12.21 -5.30
CA PRO A 28 -4.64 -12.86 -5.87
C PRO A 28 -4.20 -12.22 -7.20
N LYS A 29 -4.23 -10.89 -7.24
CA LYS A 29 -3.84 -10.14 -8.42
C LYS A 29 -2.54 -9.40 -8.15
N THR A 30 -2.31 -8.32 -8.86
CA THR A 30 -1.11 -7.51 -8.69
C THR A 30 -1.43 -6.28 -7.84
N VAL A 31 -0.48 -5.35 -7.74
CA VAL A 31 -0.69 -4.15 -6.95
C VAL A 31 -1.46 -3.10 -7.76
N GLY A 32 -0.89 -2.69 -8.89
CA GLY A 32 -1.54 -1.70 -9.73
C GLY A 32 -0.62 -0.55 -10.08
N LYS A 33 -0.64 -0.14 -11.35
CA LYS A 33 0.18 0.96 -11.81
C LYS A 33 -0.16 2.26 -11.10
N GLU A 34 -1.45 2.52 -10.94
CA GLU A 34 -1.90 3.73 -10.27
C GLU A 34 -1.61 3.62 -8.78
N VAL A 35 -1.60 2.39 -8.29
CA VAL A 35 -1.34 2.12 -6.90
C VAL A 35 0.13 2.43 -6.58
N GLY A 36 1.03 1.91 -7.42
CA GLY A 36 2.44 2.14 -7.23
C GLY A 36 2.79 3.61 -7.30
N LYS A 37 2.15 4.32 -8.23
CA LYS A 37 2.40 5.74 -8.41
C LYS A 37 1.98 6.52 -7.17
N ALA A 38 0.86 6.11 -6.58
CA ALA A 38 0.37 6.75 -5.38
C ALA A 38 1.23 6.37 -4.20
N ILE A 39 1.80 5.17 -4.26
CA ILE A 39 2.70 4.72 -3.22
C ILE A 39 3.89 5.67 -3.13
N GLU A 40 4.48 5.95 -4.27
CA GLU A 40 5.65 6.82 -4.35
C GLU A 40 5.32 8.22 -3.87
N GLN A 41 4.28 8.81 -4.44
CA GLN A 41 3.85 10.14 -4.09
C GLN A 41 3.40 10.20 -2.63
N GLY A 42 2.85 9.09 -2.15
CA GLY A 42 2.39 9.03 -0.77
C GLY A 42 3.52 9.04 0.25
N ARG A 43 4.67 8.49 -0.12
CA ARG A 43 5.81 8.43 0.79
C ARG A 43 6.54 9.76 0.77
N GLN A 44 6.69 10.32 -0.44
CA GLN A 44 7.38 11.59 -0.62
C GLN A 44 6.66 12.71 0.12
N LYS A 45 5.35 12.65 0.14
CA LYS A 45 4.55 13.70 0.79
C LYS A 45 4.46 13.48 2.29
N PHE A 46 5.60 13.29 2.95
CA PHE A 46 5.63 13.09 4.39
C PHE A 46 6.23 14.29 5.09
N GLU A 47 6.68 15.24 4.30
CA GLU A 47 7.30 16.47 4.78
C GLU A 47 8.53 16.18 5.65
N PRO A 48 9.73 16.32 5.09
CA PRO A 48 9.94 16.70 3.69
C PRO A 48 9.67 15.55 2.74
N THR A 49 10.20 14.40 3.10
CA THR A 49 10.07 13.18 2.32
C THR A 49 10.38 11.97 3.19
N MET A 50 9.54 10.94 3.13
CA MET A 50 9.77 9.74 3.90
C MET A 50 10.80 8.87 3.20
N THR A 51 11.83 8.47 3.93
CA THR A 51 12.89 7.64 3.39
C THR A 51 12.39 6.24 3.07
N GLN A 52 12.94 5.64 2.02
CA GLN A 52 12.53 4.31 1.59
C GLN A 52 12.93 3.26 2.62
N ALA A 53 14.12 3.41 3.18
CA ALA A 53 14.63 2.48 4.17
C ALA A 53 13.79 2.50 5.46
N GLU A 54 13.33 3.67 5.83
CA GLU A 54 12.51 3.82 7.03
C GLU A 54 11.13 3.22 6.82
N LEU A 55 10.53 3.49 5.66
CA LEU A 55 9.22 2.96 5.36
C LEU A 55 9.29 1.44 5.28
N GLY A 56 10.36 0.94 4.69
CA GLY A 56 10.54 -0.49 4.56
C GLY A 56 10.65 -1.17 5.90
N LYS A 57 11.50 -0.65 6.78
CA LYS A 57 11.68 -1.24 8.10
C LYS A 57 10.37 -1.15 8.88
N GLU A 58 9.62 -0.07 8.65
CA GLU A 58 8.35 0.14 9.32
C GLU A 58 7.34 -0.96 8.97
N ILE A 59 7.50 -1.59 7.81
CA ILE A 59 6.58 -2.64 7.39
C ILE A 59 7.26 -4.01 7.40
N GLY A 60 8.46 -4.07 7.95
CA GLY A 60 9.19 -5.33 8.03
C GLY A 60 9.84 -5.74 6.72
N GLU A 61 10.03 -4.76 5.84
CA GLU A 61 10.64 -5.00 4.54
C GLU A 61 11.93 -4.20 4.40
N THR A 62 12.42 -4.08 3.18
CA THR A 62 13.64 -3.33 2.93
C THR A 62 13.36 -2.09 2.09
N ALA A 63 14.38 -1.28 1.86
CA ALA A 63 14.24 -0.08 1.06
C ALA A 63 13.87 -0.45 -0.37
N ALA A 64 14.46 -1.54 -0.85
CA ALA A 64 14.20 -2.03 -2.20
C ALA A 64 12.75 -2.43 -2.34
N THR A 65 12.16 -2.94 -1.27
CA THR A 65 10.77 -3.36 -1.29
C THR A 65 9.87 -2.15 -1.57
N VAL A 66 10.13 -1.05 -0.88
CA VAL A 66 9.37 0.17 -1.07
C VAL A 66 9.60 0.73 -2.47
N ALA A 67 10.86 0.72 -2.87
CA ALA A 67 11.24 1.21 -4.19
C ALA A 67 10.68 0.32 -5.29
N SER A 68 10.51 -0.95 -4.98
CA SER A 68 9.94 -1.90 -5.93
C SER A 68 8.41 -1.77 -5.99
N TYR A 69 7.79 -1.46 -4.86
CA TYR A 69 6.34 -1.33 -4.77
C TYR A 69 5.80 -0.16 -5.60
N GLU A 70 6.56 0.93 -5.69
CA GLU A 70 6.11 2.09 -6.47
C GLU A 70 5.90 1.76 -7.95
N ARG A 71 6.47 0.64 -8.38
CA ARG A 71 6.33 0.18 -9.74
C ARG A 71 4.92 -0.32 -10.00
N GLY A 72 4.26 -0.77 -8.94
CA GLY A 72 2.92 -1.27 -9.05
C GLY A 72 2.87 -2.77 -9.22
N THR A 73 3.99 -3.42 -8.99
CA THR A 73 4.09 -4.86 -9.11
C THR A 73 5.20 -5.37 -8.21
N ALA A 74 4.79 -5.84 -7.05
CA ALA A 74 5.70 -6.36 -6.05
C ALA A 74 5.01 -7.44 -5.24
N THR A 75 4.04 -8.11 -5.87
CA THR A 75 3.24 -9.14 -5.23
C THR A 75 2.52 -8.54 -4.02
N PRO A 76 1.26 -8.13 -4.22
CA PRO A 76 0.47 -7.47 -3.19
C PRO A 76 0.03 -8.36 -2.05
N ASP A 77 0.75 -8.26 -0.95
CA ASP A 77 0.41 -8.99 0.24
C ASP A 77 -0.58 -8.10 0.95
N GLN A 78 -1.80 -8.58 1.12
CA GLN A 78 -2.86 -7.77 1.71
C GLN A 78 -2.46 -7.06 2.99
N ASN A 79 -1.70 -7.74 3.82
CA ASN A 79 -1.26 -7.18 5.09
C ASN A 79 -0.22 -6.08 4.91
N ILE A 80 0.63 -6.20 3.89
CA ILE A 80 1.66 -5.21 3.65
C ILE A 80 1.06 -3.88 3.20
N LEU A 81 0.31 -3.88 2.09
CA LEU A 81 -0.31 -2.66 1.55
C LEU A 81 -1.10 -1.95 2.65
N SER A 82 -1.79 -2.73 3.47
CA SER A 82 -2.59 -2.21 4.55
C SER A 82 -1.77 -1.30 5.46
N LYS A 83 -0.61 -1.78 5.89
CA LYS A 83 0.25 -1.01 6.77
C LYS A 83 0.99 0.10 6.02
N MET A 84 1.28 -0.13 4.76
CA MET A 84 2.00 0.82 3.94
C MET A 84 1.32 2.19 3.91
N GLU A 85 0.08 2.21 3.43
CA GLU A 85 -0.68 3.46 3.32
C GLU A 85 -1.16 3.99 4.67
N ARG A 86 -1.34 3.10 5.63
CA ARG A 86 -1.82 3.49 6.95
C ARG A 86 -0.95 4.58 7.57
N VAL A 87 0.34 4.56 7.29
CA VAL A 87 1.27 5.55 7.83
C VAL A 87 1.09 6.91 7.15
N LEU A 88 0.67 6.89 5.88
CA LEU A 88 0.50 8.13 5.13
C LEU A 88 -0.94 8.62 5.18
N ASN A 89 -1.84 7.78 5.69
CA ASN A 89 -3.26 8.11 5.80
C ASN A 89 -3.87 8.33 4.43
N VAL A 90 -3.58 7.41 3.52
CA VAL A 90 -4.14 7.46 2.18
C VAL A 90 -4.68 6.10 1.82
N LYS A 91 -5.59 6.03 0.88
CA LYS A 91 -6.15 4.76 0.48
C LYS A 91 -6.11 4.60 -1.02
N LEU A 92 -5.87 3.37 -1.46
CA LEU A 92 -5.80 3.07 -2.89
C LEU A 92 -7.09 2.37 -3.31
N ARG A 93 -8.20 2.83 -2.78
CA ARG A 93 -9.49 2.25 -3.10
C ARG A 93 -10.47 3.32 -3.55
N GLY A 94 -11.27 3.00 -4.55
CA GLY A 94 -12.24 3.94 -5.06
C GLY A 94 -11.64 4.92 -6.04
N ALA A 95 -12.15 6.14 -6.04
CA ALA A 95 -11.66 7.18 -6.93
C ALA A 95 -10.74 8.15 -6.20
N ASN A 96 -10.87 8.20 -4.88
CA ASN A 96 -10.05 9.09 -4.06
C ASN A 96 -8.75 8.41 -3.66
N ILE A 97 -8.05 7.90 -4.65
CA ILE A 97 -6.79 7.23 -4.40
C ILE A 97 -5.68 8.24 -4.11
N GLY A 98 -4.81 7.90 -3.18
CA GLY A 98 -3.70 8.77 -2.82
C GLY A 98 -4.10 9.80 -1.80
N ALA A 99 -5.34 9.73 -1.36
CA ALA A 99 -5.87 10.65 -0.36
C ALA A 99 -6.52 9.87 0.78
N PRO A 100 -6.62 10.47 1.98
CA PRO A 100 -7.27 9.81 3.12
C PRO A 100 -8.72 9.50 2.76
N ARG A 101 -9.10 8.23 2.83
CA ARG A 101 -10.47 7.82 2.48
C ARG A 101 -10.64 6.33 2.76
N LEU A 102 -10.80 6.00 4.02
CA LEU A 102 -10.97 4.62 4.43
C LEU A 102 -12.40 4.18 4.16
N GLY A 103 -12.55 3.08 3.43
CA GLY A 103 -13.87 2.57 3.13
C GLY A 103 -14.54 2.01 4.36
N PRO A 104 -15.88 1.97 4.39
CA PRO A 104 -16.63 1.45 5.54
C PRO A 104 -16.21 0.02 5.91
N LYS A 105 -16.34 -0.29 7.20
CA LYS A 105 -15.97 -1.61 7.69
C LYS A 105 -16.98 -2.65 7.24
N LYS A 106 -16.68 -3.92 7.47
CA LYS A 106 -17.56 -5.01 7.08
C LYS A 106 -18.95 -4.84 7.69
N LYS A 107 -18.99 -4.36 8.92
CA LYS A 107 -20.25 -4.14 9.60
C LYS A 107 -20.49 -2.65 9.78
N GLY A 1 55.64 -3.82 -24.98
CA GLY A 1 54.59 -3.44 -24.02
C GLY A 1 53.68 -2.35 -24.56
N ALA A 2 52.38 -2.55 -24.44
CA ALA A 2 51.40 -1.57 -24.91
C ALA A 2 50.11 -1.71 -24.12
N MET A 3 49.32 -0.64 -24.09
CA MET A 3 48.05 -0.65 -23.38
C MET A 3 46.97 0.02 -24.22
N ASP A 4 45.73 -0.38 -24.01
CA ASP A 4 44.61 0.19 -24.75
C ASP A 4 43.85 1.20 -23.92
N PRO A 5 43.48 2.35 -24.52
CA PRO A 5 42.74 3.40 -23.83
C PRO A 5 41.30 3.00 -23.53
N GLU A 6 40.80 3.40 -22.37
CA GLU A 6 39.44 3.08 -21.96
C GLU A 6 38.43 4.04 -22.58
N PHE A 7 37.27 3.53 -22.95
CA PHE A 7 36.22 4.35 -23.53
C PHE A 7 34.88 3.97 -22.91
N ALA A 8 34.12 4.97 -22.49
CA ALA A 8 32.82 4.74 -21.86
C ALA A 8 31.72 5.47 -22.61
N GLY A 9 30.50 4.97 -22.47
CA GLY A 9 29.36 5.58 -23.12
C GLY A 9 28.58 6.48 -22.19
N GLY A 10 27.31 6.67 -22.49
CA GLY A 10 26.46 7.51 -21.66
C GLY A 10 25.27 6.73 -21.12
N THR A 11 24.26 7.44 -20.64
CA THR A 11 23.07 6.81 -20.11
C THR A 11 21.85 7.73 -20.22
N GLU A 12 20.95 7.39 -21.13
CA GLU A 12 19.74 8.18 -21.32
C GLU A 12 18.56 7.49 -20.65
N GLY A 13 17.41 8.16 -20.65
CA GLY A 13 16.24 7.58 -20.02
C GLY A 13 14.95 8.15 -20.56
N GLN A 14 13.83 7.57 -20.14
CA GLN A 14 12.52 8.00 -20.57
C GLN A 14 11.47 7.55 -19.58
N ARG A 15 10.38 8.30 -19.48
CA ARG A 15 9.30 7.95 -18.56
C ARG A 15 7.94 8.27 -19.19
N LEU A 16 6.93 7.52 -18.79
CA LEU A 16 5.58 7.71 -19.33
C LEU A 16 4.58 7.89 -18.19
N THR A 17 3.73 8.89 -18.32
CA THR A 17 2.73 9.17 -17.30
C THR A 17 1.33 8.78 -17.79
N LYS A 18 0.75 7.78 -17.14
CA LYS A 18 -0.58 7.31 -17.50
C LYS A 18 -1.44 7.18 -16.25
N VAL A 19 -2.75 7.07 -16.45
CA VAL A 19 -3.70 6.94 -15.35
C VAL A 19 -4.62 5.75 -15.59
N ASP A 20 -4.94 5.03 -14.53
CA ASP A 20 -5.83 3.87 -14.62
C ASP A 20 -6.92 3.97 -13.56
N ARG A 21 -8.01 3.24 -13.77
CA ARG A 21 -9.12 3.24 -12.82
C ARG A 21 -9.95 1.97 -12.98
N SER A 22 -10.10 1.23 -11.88
CA SER A 22 -10.87 0.00 -11.89
C SER A 22 -11.37 -0.34 -10.48
N ASP A 23 -12.65 -0.10 -10.24
CA ASP A 23 -13.24 -0.41 -8.94
C ASP A 23 -14.09 -1.67 -9.05
N ASP A 24 -13.50 -2.79 -8.70
CA ASP A 24 -14.18 -4.07 -8.76
C ASP A 24 -13.31 -5.14 -8.12
N ILE A 25 -13.92 -5.93 -7.25
CA ILE A 25 -13.23 -7.01 -6.58
C ILE A 25 -12.92 -8.13 -7.57
N ILE A 26 -11.69 -8.13 -8.08
CA ILE A 26 -11.26 -9.13 -9.03
C ILE A 26 -10.26 -10.09 -8.40
N LYS A 27 -9.74 -11.02 -9.21
CA LYS A 27 -8.77 -11.99 -8.74
C LYS A 27 -7.51 -11.31 -8.21
N PRO A 28 -6.87 -11.91 -7.19
CA PRO A 28 -5.64 -11.37 -6.60
C PRO A 28 -4.50 -11.33 -7.63
N LYS A 29 -4.15 -10.12 -8.04
CA LYS A 29 -3.10 -9.93 -9.02
C LYS A 29 -1.97 -9.09 -8.44
N THR A 30 -1.55 -8.09 -9.20
CA THR A 30 -0.48 -7.20 -8.79
C THR A 30 -1.01 -6.14 -7.84
N VAL A 31 -0.15 -5.20 -7.45
CA VAL A 31 -0.54 -4.13 -6.54
C VAL A 31 -1.37 -3.07 -7.30
N GLY A 32 -1.05 -2.88 -8.58
CA GLY A 32 -1.77 -1.90 -9.37
C GLY A 32 -0.84 -0.86 -9.96
N LYS A 33 -1.08 -0.50 -11.22
CA LYS A 33 -0.25 0.48 -11.91
C LYS A 33 -0.47 1.87 -11.33
N GLU A 34 -1.74 2.20 -11.08
CA GLU A 34 -2.09 3.50 -10.52
C GLU A 34 -1.74 3.52 -9.05
N VAL A 35 -1.72 2.32 -8.47
CA VAL A 35 -1.40 2.14 -7.08
C VAL A 35 0.06 2.45 -6.83
N GLY A 36 0.94 1.93 -7.69
CA GLY A 36 2.36 2.18 -7.55
C GLY A 36 2.68 3.66 -7.61
N LYS A 37 2.05 4.36 -8.55
CA LYS A 37 2.26 5.79 -8.70
C LYS A 37 1.82 6.54 -7.45
N ALA A 38 0.69 6.10 -6.89
CA ALA A 38 0.16 6.72 -5.68
C ALA A 38 1.03 6.39 -4.46
N ILE A 39 1.65 5.21 -4.48
CA ILE A 39 2.50 4.80 -3.38
C ILE A 39 3.64 5.77 -3.18
N GLU A 40 4.29 6.14 -4.27
CA GLU A 40 5.41 7.03 -4.18
C GLU A 40 4.94 8.44 -3.84
N GLN A 41 3.99 8.94 -4.62
CA GLN A 41 3.47 10.28 -4.43
C GLN A 41 2.83 10.47 -3.06
N GLY A 42 2.19 9.43 -2.55
CA GLY A 42 1.54 9.55 -1.25
C GLY A 42 2.53 9.51 -0.11
N ARG A 43 3.60 8.75 -0.31
CA ARG A 43 4.61 8.58 0.71
C ARG A 43 5.59 9.74 0.72
N GLN A 44 5.87 10.30 -0.44
CA GLN A 44 6.78 11.42 -0.55
C GLN A 44 6.10 12.71 -0.08
N LYS A 45 4.84 12.59 0.31
CA LYS A 45 4.07 13.72 0.80
C LYS A 45 4.33 13.92 2.29
N PHE A 46 5.16 13.05 2.85
CA PHE A 46 5.49 13.10 4.28
C PHE A 46 6.37 14.30 4.59
N GLU A 47 6.88 14.35 5.81
CA GLU A 47 7.73 15.43 6.25
C GLU A 47 9.04 14.89 6.82
N PRO A 48 10.17 15.12 6.14
CA PRO A 48 10.21 15.87 4.88
C PRO A 48 9.79 15.03 3.69
N THR A 49 10.07 13.76 3.81
CA THR A 49 9.76 12.75 2.80
C THR A 49 9.96 11.37 3.41
N MET A 50 8.99 10.48 3.27
CA MET A 50 9.13 9.13 3.81
C MET A 50 10.11 8.33 2.97
N THR A 51 11.27 8.05 3.54
CA THR A 51 12.30 7.30 2.84
C THR A 51 11.88 5.84 2.65
N GLN A 52 12.47 5.21 1.66
CA GLN A 52 12.18 3.81 1.36
C GLN A 52 12.71 2.92 2.47
N ALA A 53 13.84 3.31 3.03
CA ALA A 53 14.47 2.55 4.11
C ALA A 53 13.60 2.56 5.35
N GLU A 54 12.98 3.71 5.66
CA GLU A 54 12.12 3.82 6.83
C GLU A 54 10.82 3.07 6.62
N LEU A 55 10.17 3.32 5.48
CA LEU A 55 8.92 2.66 5.15
C LEU A 55 9.11 1.15 5.14
N GLY A 56 10.18 0.71 4.48
CA GLY A 56 10.47 -0.71 4.41
C GLY A 56 10.67 -1.32 5.77
N LYS A 57 11.47 -0.67 6.60
CA LYS A 57 11.76 -1.18 7.93
C LYS A 57 10.50 -1.22 8.80
N GLU A 58 9.65 -0.22 8.68
CA GLU A 58 8.43 -0.16 9.50
C GLU A 58 7.37 -1.18 9.06
N ILE A 59 7.53 -1.74 7.86
CA ILE A 59 6.56 -2.73 7.38
C ILE A 59 7.18 -4.14 7.40
N GLY A 60 8.40 -4.23 7.91
CA GLY A 60 9.08 -5.51 8.01
C GLY A 60 9.72 -5.94 6.70
N GLU A 61 10.05 -4.98 5.86
CA GLU A 61 10.67 -5.24 4.57
C GLU A 61 11.98 -4.47 4.43
N THR A 62 12.41 -4.23 3.20
CA THR A 62 13.63 -3.49 2.94
C THR A 62 13.36 -2.31 2.01
N ALA A 63 14.39 -1.51 1.75
CA ALA A 63 14.25 -0.35 0.87
C ALA A 63 13.89 -0.77 -0.55
N ALA A 64 14.48 -1.87 -1.00
CA ALA A 64 14.20 -2.38 -2.34
C ALA A 64 12.74 -2.72 -2.50
N THR A 65 12.13 -3.22 -1.43
CA THR A 65 10.73 -3.58 -1.44
C THR A 65 9.86 -2.37 -1.75
N VAL A 66 10.13 -1.26 -1.06
CA VAL A 66 9.36 -0.04 -1.28
C VAL A 66 9.56 0.47 -2.70
N ALA A 67 10.80 0.48 -3.16
CA ALA A 67 11.13 0.91 -4.51
C ALA A 67 10.47 -0.02 -5.52
N SER A 68 10.35 -1.28 -5.14
CA SER A 68 9.73 -2.29 -5.96
C SER A 68 8.20 -2.13 -5.98
N TYR A 69 7.64 -1.52 -4.94
CA TYR A 69 6.20 -1.34 -4.85
C TYR A 69 5.70 -0.19 -5.74
N GLU A 70 6.49 0.86 -5.88
CA GLU A 70 6.08 2.04 -6.68
C GLU A 70 5.92 1.73 -8.17
N ARG A 71 6.54 0.66 -8.66
CA ARG A 71 6.40 0.30 -10.08
C ARG A 71 5.01 -0.19 -10.39
N GLY A 72 4.35 -0.68 -9.35
CA GLY A 72 3.01 -1.18 -9.48
C GLY A 72 2.99 -2.69 -9.58
N THR A 73 3.98 -3.32 -8.95
CA THR A 73 4.10 -4.76 -8.95
C THR A 73 5.25 -5.19 -8.05
N ALA A 74 4.87 -5.76 -6.92
CA ALA A 74 5.83 -6.21 -5.92
C ALA A 74 5.17 -7.27 -5.03
N THR A 75 4.16 -7.94 -5.60
CA THR A 75 3.39 -8.94 -4.88
C THR A 75 2.67 -8.25 -3.71
N PRO A 76 1.38 -7.94 -3.88
CA PRO A 76 0.59 -7.23 -2.89
C PRO A 76 0.25 -8.06 -1.65
N ASP A 77 1.02 -7.85 -0.60
CA ASP A 77 0.75 -8.53 0.65
C ASP A 77 -0.23 -7.66 1.39
N GLN A 78 -1.38 -8.20 1.70
CA GLN A 78 -2.45 -7.43 2.34
C GLN A 78 -2.00 -6.69 3.57
N ASN A 79 -1.20 -7.36 4.38
CA ASN A 79 -0.70 -6.76 5.61
C ASN A 79 0.29 -5.62 5.30
N ILE A 80 1.03 -5.73 4.18
CA ILE A 80 1.98 -4.68 3.82
C ILE A 80 1.22 -3.45 3.35
N LEU A 81 0.36 -3.62 2.33
CA LEU A 81 -0.45 -2.53 1.79
C LEU A 81 -1.14 -1.77 2.91
N SER A 82 -1.67 -2.54 3.87
CA SER A 82 -2.37 -1.98 5.01
C SER A 82 -1.49 -1.00 5.81
N LYS A 83 -0.26 -1.39 6.09
CA LYS A 83 0.65 -0.54 6.85
C LYS A 83 1.20 0.62 6.02
N MET A 84 1.48 0.38 4.75
CA MET A 84 2.03 1.39 3.84
C MET A 84 1.20 2.67 3.88
N GLU A 85 -0.08 2.50 3.62
CA GLU A 85 -1.04 3.60 3.59
C GLU A 85 -1.38 4.15 4.98
N ARG A 86 -1.27 3.29 5.98
CA ARG A 86 -1.64 3.62 7.35
C ARG A 86 -0.73 4.64 8.02
N VAL A 87 0.52 4.69 7.60
CA VAL A 87 1.49 5.60 8.20
C VAL A 87 1.21 7.07 7.87
N LEU A 88 0.50 7.28 6.77
CA LEU A 88 0.23 8.63 6.29
C LEU A 88 -1.26 8.91 6.05
N ASN A 89 -2.04 7.85 5.82
CA ASN A 89 -3.48 7.96 5.57
C ASN A 89 -3.74 8.40 4.14
N VAL A 90 -3.31 7.55 3.23
CA VAL A 90 -3.46 7.78 1.81
C VAL A 90 -3.94 6.49 1.17
N LYS A 91 -4.87 6.56 0.22
CA LYS A 91 -5.36 5.33 -0.42
C LYS A 91 -4.95 5.25 -1.87
N LEU A 92 -4.45 4.08 -2.25
CA LEU A 92 -4.01 3.81 -3.60
C LEU A 92 -5.12 3.19 -4.44
N ARG A 93 -6.11 2.63 -3.76
CA ARG A 93 -7.23 2.00 -4.45
C ARG A 93 -8.55 2.65 -4.07
N GLY A 94 -9.51 2.60 -4.99
CA GLY A 94 -10.80 3.20 -4.76
C GLY A 94 -11.03 4.38 -5.67
N ALA A 95 -11.91 5.28 -5.27
CA ALA A 95 -12.20 6.46 -6.07
C ALA A 95 -11.39 7.65 -5.58
N ASN A 96 -11.22 7.74 -4.27
CA ASN A 96 -10.46 8.83 -3.67
C ASN A 96 -8.99 8.46 -3.54
N ILE A 97 -8.38 8.10 -4.67
CA ILE A 97 -6.97 7.72 -4.67
C ILE A 97 -6.09 8.94 -4.43
N GLY A 98 -5.07 8.75 -3.59
CA GLY A 98 -4.16 9.83 -3.26
C GLY A 98 -4.73 10.71 -2.18
N ALA A 99 -5.88 10.30 -1.66
CA ALA A 99 -6.56 11.04 -0.62
C ALA A 99 -6.84 10.15 0.58
N PRO A 100 -6.82 10.73 1.80
CA PRO A 100 -7.13 9.99 3.03
C PRO A 100 -8.54 9.45 2.99
N ARG A 101 -8.69 8.15 3.15
CA ARG A 101 -10.00 7.50 3.10
C ARG A 101 -9.86 6.07 3.59
N LEU A 102 -10.19 5.84 4.84
CA LEU A 102 -10.10 4.51 5.43
C LEU A 102 -10.87 3.49 4.60
N GLY A 103 -12.10 3.85 4.20
CA GLY A 103 -12.91 2.96 3.41
C GLY A 103 -13.15 1.64 4.11
N PRO A 104 -12.73 0.52 3.52
CA PRO A 104 -12.89 -0.80 4.14
C PRO A 104 -11.84 -1.02 5.23
N LYS A 105 -12.28 -0.99 6.48
CA LYS A 105 -11.38 -1.18 7.61
C LYS A 105 -11.27 -2.65 7.98
N LYS A 106 -10.15 -3.27 7.64
CA LYS A 106 -9.92 -4.67 7.92
C LYS A 106 -8.43 -4.95 8.08
N LYS A 107 -8.07 -5.72 9.10
CA LYS A 107 -6.68 -6.07 9.36
C LYS A 107 -6.60 -7.25 10.32
N GLY A 1 -13.18 21.02 13.96
CA GLY A 1 -13.75 19.65 14.06
C GLY A 1 -15.26 19.67 13.89
N ALA A 2 -15.85 18.50 13.70
CA ALA A 2 -17.29 18.40 13.52
C ALA A 2 -17.88 17.40 14.51
N MET A 3 -19.00 17.79 15.11
CA MET A 3 -19.68 16.93 16.07
C MET A 3 -21.19 17.04 15.88
N ASP A 4 -21.89 15.93 16.09
CA ASP A 4 -23.35 15.90 15.94
C ASP A 4 -23.92 14.73 16.72
N PRO A 5 -24.95 14.97 17.54
CA PRO A 5 -25.59 13.94 18.38
C PRO A 5 -26.52 13.00 17.60
N GLU A 6 -26.06 12.51 16.46
CA GLU A 6 -26.84 11.59 15.65
C GLU A 6 -26.18 10.22 15.68
N PHE A 7 -26.96 9.19 15.96
CA PHE A 7 -26.43 7.83 16.03
C PHE A 7 -27.21 6.89 15.12
N ALA A 8 -26.49 6.24 14.22
CA ALA A 8 -27.10 5.30 13.29
C ALA A 8 -26.42 3.93 13.41
N GLY A 9 -26.79 3.01 12.54
CA GLY A 9 -26.21 1.68 12.56
C GLY A 9 -26.88 0.76 11.57
N GLY A 10 -26.97 -0.51 11.90
CA GLY A 10 -27.61 -1.46 11.02
C GLY A 10 -26.62 -2.19 10.12
N THR A 11 -26.14 -3.33 10.59
CA THR A 11 -25.20 -4.13 9.82
C THR A 11 -25.75 -5.54 9.62
N GLU A 12 -25.83 -5.97 8.37
CA GLU A 12 -26.33 -7.29 8.04
C GLU A 12 -25.44 -7.95 7.01
N GLY A 13 -25.37 -9.27 7.05
CA GLY A 13 -24.54 -10.00 6.12
C GLY A 13 -23.61 -10.97 6.83
N GLN A 14 -22.63 -11.49 6.09
CA GLN A 14 -21.67 -12.43 6.66
C GLN A 14 -20.27 -12.13 6.13
N ARG A 15 -19.28 -12.84 6.65
CA ARG A 15 -17.90 -12.67 6.24
C ARG A 15 -17.18 -14.01 6.16
N LEU A 16 -16.13 -14.06 5.36
CA LEU A 16 -15.35 -15.27 5.20
C LEU A 16 -13.86 -14.95 5.30
N THR A 17 -13.05 -15.98 5.44
CA THR A 17 -11.62 -15.83 5.54
C THR A 17 -10.93 -16.35 4.28
N LYS A 18 -10.00 -15.57 3.74
CA LYS A 18 -9.28 -15.96 2.54
C LYS A 18 -8.02 -16.73 2.90
N VAL A 19 -8.13 -18.05 2.94
CA VAL A 19 -7.01 -18.91 3.26
C VAL A 19 -7.05 -20.19 2.41
N ASP A 20 -5.94 -20.53 1.78
CA ASP A 20 -5.86 -21.71 0.94
C ASP A 20 -4.45 -22.29 0.95
N ARG A 21 -4.29 -23.46 0.34
CA ARG A 21 -2.99 -24.12 0.29
C ARG A 21 -2.25 -23.75 -0.99
N SER A 22 -0.93 -23.77 -0.93
CA SER A 22 -0.09 -23.43 -2.08
C SER A 22 0.39 -24.68 -2.82
N ASP A 23 -0.55 -25.45 -3.35
CA ASP A 23 -0.22 -26.66 -4.10
C ASP A 23 -0.38 -26.41 -5.59
N ASP A 24 0.70 -25.95 -6.22
CA ASP A 24 0.69 -25.65 -7.65
C ASP A 24 -0.42 -24.65 -7.94
N ILE A 25 -0.38 -23.54 -7.22
CA ILE A 25 -1.38 -22.50 -7.34
C ILE A 25 -1.10 -21.59 -8.52
N ILE A 26 -2.06 -20.72 -8.78
CA ILE A 26 -1.95 -19.76 -9.87
C ILE A 26 -1.01 -18.62 -9.50
N LYS A 27 -0.73 -17.77 -10.48
CA LYS A 27 0.14 -16.63 -10.28
C LYS A 27 -0.61 -15.53 -9.54
N PRO A 28 0.09 -14.77 -8.69
CA PRO A 28 -0.52 -13.67 -7.93
C PRO A 28 -0.88 -12.50 -8.83
N LYS A 29 -1.46 -11.47 -8.25
CA LYS A 29 -1.85 -10.30 -9.00
C LYS A 29 -0.78 -9.22 -8.87
N THR A 30 -1.16 -8.00 -9.14
CA THR A 30 -0.24 -6.88 -9.04
C THR A 30 -0.80 -5.83 -8.08
N VAL A 31 0.03 -4.86 -7.69
CA VAL A 31 -0.42 -3.83 -6.76
C VAL A 31 -1.18 -2.71 -7.46
N GLY A 32 -0.92 -2.54 -8.76
CA GLY A 32 -1.61 -1.50 -9.50
C GLY A 32 -0.67 -0.39 -9.94
N LYS A 33 -0.85 0.09 -11.16
CA LYS A 33 -0.01 1.15 -11.71
C LYS A 33 -0.27 2.48 -11.00
N GLU A 34 -1.54 2.84 -10.84
CA GLU A 34 -1.91 4.08 -10.18
C GLU A 34 -1.52 4.01 -8.72
N VAL A 35 -1.60 2.80 -8.16
CA VAL A 35 -1.23 2.55 -6.78
C VAL A 35 0.25 2.83 -6.58
N GLY A 36 1.06 2.33 -7.51
CA GLY A 36 2.49 2.55 -7.42
C GLY A 36 2.86 4.02 -7.44
N LYS A 37 2.18 4.77 -8.30
CA LYS A 37 2.42 6.21 -8.41
C LYS A 37 2.08 6.90 -7.09
N ALA A 38 0.98 6.47 -6.48
CA ALA A 38 0.55 7.04 -5.21
C ALA A 38 1.48 6.57 -4.10
N ILE A 39 2.04 5.37 -4.26
CA ILE A 39 2.96 4.84 -3.28
C ILE A 39 4.18 5.73 -3.15
N GLU A 40 4.74 6.11 -4.29
CA GLU A 40 5.92 6.95 -4.30
C GLU A 40 5.62 8.33 -3.74
N GLN A 41 4.59 8.97 -4.27
CA GLN A 41 4.18 10.28 -3.81
C GLN A 41 3.79 10.24 -2.34
N GLY A 42 3.22 9.12 -1.92
CA GLY A 42 2.82 8.95 -0.55
C GLY A 42 3.99 8.99 0.42
N ARG A 43 5.15 8.52 -0.03
CA ARG A 43 6.35 8.51 0.82
C ARG A 43 6.97 9.89 0.84
N GLN A 44 6.83 10.59 -0.28
CA GLN A 44 7.36 11.93 -0.42
C GLN A 44 6.52 12.93 0.38
N LYS A 45 5.27 12.59 0.59
CA LYS A 45 4.35 13.46 1.31
C LYS A 45 4.46 13.28 2.82
N PHE A 46 5.66 13.41 3.35
CA PHE A 46 5.87 13.28 4.79
C PHE A 46 6.54 14.50 5.39
N GLU A 47 6.80 15.48 4.52
CA GLU A 47 7.44 16.74 4.91
C GLU A 47 8.79 16.52 5.61
N PRO A 48 9.91 16.65 4.88
CA PRO A 48 9.90 16.99 3.46
C PRO A 48 9.64 15.79 2.54
N THR A 49 10.19 14.66 2.92
CA THR A 49 10.08 13.42 2.16
C THR A 49 10.72 12.26 2.94
N MET A 50 9.94 11.21 3.16
CA MET A 50 10.42 10.03 3.89
C MET A 50 11.17 9.11 2.94
N THR A 51 12.23 8.48 3.42
CA THR A 51 13.02 7.58 2.59
C THR A 51 12.29 6.26 2.39
N GLN A 52 12.74 5.51 1.40
CA GLN A 52 12.15 4.21 1.10
C GLN A 52 12.49 3.21 2.21
N ALA A 53 13.65 3.38 2.81
CA ALA A 53 14.10 2.51 3.89
C ALA A 53 13.25 2.67 5.14
N GLU A 54 12.83 3.90 5.42
CA GLU A 54 12.00 4.17 6.58
C GLU A 54 10.70 3.40 6.50
N LEU A 55 9.98 3.58 5.40
CA LEU A 55 8.71 2.90 5.20
C LEU A 55 8.91 1.39 5.11
N GLY A 56 10.01 0.98 4.49
CA GLY A 56 10.32 -0.43 4.35
C GLY A 56 10.54 -1.09 5.70
N LYS A 57 11.35 -0.45 6.52
CA LYS A 57 11.65 -0.96 7.84
C LYS A 57 10.39 -0.95 8.71
N GLU A 58 9.61 0.13 8.60
CA GLU A 58 8.38 0.27 9.37
C GLU A 58 7.36 -0.83 9.04
N ILE A 59 7.35 -1.31 7.80
CA ILE A 59 6.41 -2.35 7.40
C ILE A 59 6.99 -3.74 7.61
N GLY A 60 8.21 -3.80 8.14
CA GLY A 60 8.86 -5.08 8.40
C GLY A 60 9.52 -5.67 7.18
N GLU A 61 9.71 -4.86 6.15
CA GLU A 61 10.33 -5.32 4.92
C GLU A 61 11.65 -4.56 4.70
N THR A 62 12.02 -4.36 3.45
CA THR A 62 13.25 -3.66 3.13
C THR A 62 12.97 -2.45 2.23
N ALA A 63 13.99 -1.64 2.00
CA ALA A 63 13.86 -0.47 1.13
C ALA A 63 13.49 -0.88 -0.27
N ALA A 64 14.02 -2.01 -0.71
CA ALA A 64 13.75 -2.54 -2.04
C ALA A 64 12.26 -2.84 -2.19
N THR A 65 11.63 -3.28 -1.12
CA THR A 65 10.22 -3.60 -1.14
C THR A 65 9.40 -2.36 -1.52
N VAL A 66 9.70 -1.24 -0.87
CA VAL A 66 9.00 0.00 -1.13
C VAL A 66 9.32 0.51 -2.55
N ALA A 67 10.59 0.46 -2.91
CA ALA A 67 11.03 0.90 -4.23
C ALA A 67 10.42 0.03 -5.32
N SER A 68 10.24 -1.24 -5.04
CA SER A 68 9.63 -2.17 -5.98
C SER A 68 8.11 -1.99 -6.04
N TYR A 69 7.51 -1.63 -4.91
CA TYR A 69 6.06 -1.43 -4.82
C TYR A 69 5.61 -0.23 -5.64
N GLU A 70 6.42 0.85 -5.65
CA GLU A 70 6.07 2.06 -6.39
C GLU A 70 6.02 1.80 -7.91
N ARG A 71 6.64 0.71 -8.34
CA ARG A 71 6.66 0.34 -9.73
C ARG A 71 5.27 -0.13 -10.16
N GLY A 72 4.46 -0.52 -9.19
CA GLY A 72 3.12 -0.98 -9.48
C GLY A 72 3.06 -2.49 -9.63
N THR A 73 4.03 -3.17 -9.03
CA THR A 73 4.10 -4.61 -9.10
C THR A 73 5.16 -5.13 -8.13
N ALA A 74 4.69 -5.70 -7.04
CA ALA A 74 5.57 -6.25 -6.00
C ALA A 74 4.76 -7.18 -5.11
N THR A 75 3.78 -7.87 -5.73
CA THR A 75 2.91 -8.79 -5.02
C THR A 75 2.05 -8.05 -3.98
N PRO A 76 0.77 -7.82 -4.27
CA PRO A 76 -0.13 -7.11 -3.38
C PRO A 76 -0.53 -7.92 -2.14
N ASP A 77 0.33 -7.89 -1.13
CA ASP A 77 0.08 -8.58 0.11
C ASP A 77 -0.79 -7.70 0.99
N GLN A 78 -1.96 -8.20 1.34
CA GLN A 78 -2.94 -7.45 2.12
C GLN A 78 -2.33 -6.82 3.37
N ASN A 79 -1.58 -7.60 4.13
CA ASN A 79 -0.95 -7.10 5.34
C ASN A 79 0.02 -5.95 5.05
N ILE A 80 0.75 -6.05 3.95
CA ILE A 80 1.70 -5.01 3.57
C ILE A 80 0.94 -3.76 3.13
N LEU A 81 -0.03 -3.94 2.21
CA LEU A 81 -0.85 -2.82 1.74
C LEU A 81 -1.49 -2.10 2.92
N SER A 82 -1.97 -2.89 3.88
CA SER A 82 -2.61 -2.36 5.07
C SER A 82 -1.69 -1.38 5.81
N LYS A 83 -0.42 -1.73 5.92
CA LYS A 83 0.55 -0.87 6.60
C LYS A 83 0.88 0.35 5.73
N MET A 84 1.08 0.09 4.45
CA MET A 84 1.41 1.14 3.48
C MET A 84 0.42 2.28 3.55
N GLU A 85 -0.85 1.95 3.38
CA GLU A 85 -1.93 2.93 3.38
C GLU A 85 -2.07 3.64 4.73
N ARG A 86 -1.72 2.96 5.80
CA ARG A 86 -1.85 3.51 7.14
C ARG A 86 -0.79 4.56 7.46
N VAL A 87 0.46 4.25 7.13
CA VAL A 87 1.55 5.16 7.44
C VAL A 87 1.44 6.48 6.67
N LEU A 88 1.07 6.41 5.40
CA LEU A 88 0.96 7.62 4.57
C LEU A 88 -0.43 8.24 4.64
N ASN A 89 -1.38 7.51 5.24
CA ASN A 89 -2.76 7.97 5.37
C ASN A 89 -3.35 8.28 4.01
N VAL A 90 -3.25 7.30 3.12
CA VAL A 90 -3.77 7.40 1.78
C VAL A 90 -4.34 6.05 1.39
N LYS A 91 -5.45 6.04 0.69
CA LYS A 91 -6.04 4.78 0.28
C LYS A 91 -5.63 4.45 -1.14
N LEU A 92 -5.21 3.21 -1.35
CA LEU A 92 -4.79 2.74 -2.66
C LEU A 92 -5.90 1.93 -3.30
N ARG A 93 -7.09 2.05 -2.72
CA ARG A 93 -8.25 1.33 -3.21
C ARG A 93 -9.41 2.30 -3.41
N GLY A 94 -10.24 2.03 -4.41
CA GLY A 94 -11.37 2.88 -4.68
C GLY A 94 -11.07 3.93 -5.73
N ALA A 95 -11.83 5.01 -5.69
CA ALA A 95 -11.63 6.10 -6.63
C ALA A 95 -10.86 7.25 -5.99
N ASN A 96 -10.90 7.32 -4.66
CA ASN A 96 -10.19 8.36 -3.94
C ASN A 96 -8.79 7.91 -3.55
N ILE A 97 -8.05 7.42 -4.54
CA ILE A 97 -6.69 6.95 -4.31
C ILE A 97 -5.76 8.12 -4.05
N GLY A 98 -4.80 7.91 -3.14
CA GLY A 98 -3.86 8.96 -2.81
C GLY A 98 -4.41 9.93 -1.79
N ALA A 99 -5.61 9.62 -1.31
CA ALA A 99 -6.27 10.45 -0.32
C ALA A 99 -6.72 9.61 0.85
N PRO A 100 -6.66 10.15 2.09
CA PRO A 100 -7.14 9.44 3.26
C PRO A 100 -8.67 9.38 3.18
N ARG A 101 -9.25 8.21 3.24
CA ARG A 101 -10.69 8.05 3.14
C ARG A 101 -11.09 6.65 3.50
N LEU A 102 -11.17 6.39 4.79
CA LEU A 102 -11.53 5.06 5.23
C LEU A 102 -13.05 4.92 5.29
N GLY A 103 -13.65 4.51 4.16
CA GLY A 103 -15.08 4.32 4.11
C GLY A 103 -15.56 3.86 2.75
N PRO A 104 -15.26 2.61 2.34
CA PRO A 104 -15.71 2.08 1.06
C PRO A 104 -17.14 1.55 1.12
N LYS A 105 -18.07 2.27 0.50
CA LYS A 105 -19.46 1.87 0.48
C LYS A 105 -20.02 1.97 -0.93
N LYS A 106 -20.97 1.11 -1.26
CA LYS A 106 -21.57 1.12 -2.60
C LYS A 106 -22.72 2.11 -2.68
N LYS A 107 -23.44 2.28 -1.58
CA LYS A 107 -24.56 3.20 -1.56
C LYS A 107 -24.11 4.57 -1.07
N GLY A 1 -24.50 37.23 -19.48
CA GLY A 1 -23.73 36.14 -20.14
C GLY A 1 -23.44 34.99 -19.19
N ALA A 2 -24.44 34.16 -18.97
CA ALA A 2 -24.30 33.02 -18.08
C ALA A 2 -25.04 31.81 -18.61
N MET A 3 -24.46 30.63 -18.43
CA MET A 3 -25.06 29.40 -18.88
C MET A 3 -24.70 28.26 -17.93
N ASP A 4 -25.69 27.41 -17.66
CA ASP A 4 -25.48 26.28 -16.75
C ASP A 4 -26.41 25.13 -17.15
N PRO A 5 -25.85 23.91 -17.28
CA PRO A 5 -26.63 22.71 -17.64
C PRO A 5 -27.49 22.19 -16.50
N GLU A 6 -28.78 22.11 -16.73
CA GLU A 6 -29.73 21.62 -15.74
C GLU A 6 -30.23 20.23 -16.12
N PHE A 7 -30.47 19.38 -15.12
CA PHE A 7 -30.95 18.03 -15.38
C PHE A 7 -31.68 17.48 -14.16
N ALA A 8 -32.39 16.38 -14.35
CA ALA A 8 -33.14 15.74 -13.28
C ALA A 8 -32.94 14.23 -13.32
N GLY A 9 -33.17 13.57 -12.20
CA GLY A 9 -33.01 12.13 -12.15
C GLY A 9 -33.21 11.58 -10.75
N GLY A 10 -33.37 10.27 -10.65
CA GLY A 10 -33.57 9.64 -9.36
C GLY A 10 -34.91 8.95 -9.28
N THR A 11 -35.82 9.34 -10.16
CA THR A 11 -37.15 8.76 -10.20
C THR A 11 -37.22 7.66 -11.26
N GLU A 12 -37.36 6.42 -10.82
CA GLU A 12 -37.44 5.28 -11.73
C GLU A 12 -38.24 4.14 -11.11
N GLY A 13 -38.38 3.06 -11.86
CA GLY A 13 -39.11 1.91 -11.36
C GLY A 13 -38.21 0.98 -10.56
N GLN A 14 -38.76 0.37 -9.53
CA GLN A 14 -37.99 -0.53 -8.68
C GLN A 14 -38.05 -1.97 -9.19
N ARG A 15 -37.00 -2.72 -8.91
CA ARG A 15 -36.91 -4.12 -9.32
C ARG A 15 -37.34 -5.04 -8.19
N LEU A 16 -37.91 -6.18 -8.55
CA LEU A 16 -38.36 -7.15 -7.57
C LEU A 16 -37.79 -8.54 -7.87
N THR A 17 -36.90 -8.60 -8.84
CA THR A 17 -36.28 -9.85 -9.24
C THR A 17 -34.92 -10.03 -8.57
N LYS A 18 -34.75 -11.15 -7.88
CA LYS A 18 -33.50 -11.45 -7.19
C LYS A 18 -32.89 -12.73 -7.75
N VAL A 19 -31.61 -12.94 -7.49
CA VAL A 19 -30.92 -14.12 -7.98
C VAL A 19 -30.71 -15.14 -6.86
N ASP A 20 -30.33 -16.35 -7.23
CA ASP A 20 -30.08 -17.43 -6.27
C ASP A 20 -28.64 -17.91 -6.37
N ARG A 21 -27.87 -17.23 -7.21
CA ARG A 21 -26.47 -17.59 -7.40
C ARG A 21 -25.58 -16.71 -6.52
N SER A 22 -24.63 -17.33 -5.84
CA SER A 22 -23.71 -16.62 -4.97
C SER A 22 -22.36 -17.33 -4.92
N ASP A 23 -21.38 -16.79 -5.65
CA ASP A 23 -20.05 -17.37 -5.70
C ASP A 23 -19.01 -16.28 -5.55
N ASP A 24 -18.27 -16.32 -4.46
CA ASP A 24 -17.23 -15.34 -4.19
C ASP A 24 -15.90 -16.01 -3.85
N ILE A 25 -15.04 -16.11 -4.84
CA ILE A 25 -13.71 -16.69 -4.65
C ILE A 25 -12.66 -15.62 -4.92
N ILE A 26 -11.73 -15.47 -4.00
CA ILE A 26 -10.67 -14.48 -4.14
C ILE A 26 -9.50 -15.04 -4.96
N LYS A 27 -8.83 -14.16 -5.68
CA LYS A 27 -7.69 -14.56 -6.51
C LYS A 27 -6.52 -13.61 -6.29
N PRO A 28 -5.31 -14.17 -6.11
CA PRO A 28 -4.11 -13.35 -5.91
C PRO A 28 -3.67 -12.65 -7.19
N LYS A 29 -3.67 -11.33 -7.16
CA LYS A 29 -3.28 -10.54 -8.32
C LYS A 29 -2.06 -9.68 -7.99
N THR A 30 -1.86 -8.66 -8.79
CA THR A 30 -0.74 -7.74 -8.60
C THR A 30 -1.18 -6.53 -7.79
N VAL A 31 -0.28 -5.57 -7.58
CA VAL A 31 -0.60 -4.38 -6.81
C VAL A 31 -1.54 -3.47 -7.58
N GLY A 32 -1.06 -2.97 -8.70
CA GLY A 32 -1.84 -2.08 -9.52
C GLY A 32 -0.97 -0.99 -10.11
N LYS A 33 -1.35 -0.45 -11.25
CA LYS A 33 -0.55 0.58 -11.91
C LYS A 33 -0.67 1.93 -11.23
N GLU A 34 -1.90 2.39 -11.05
CA GLU A 34 -2.11 3.70 -10.44
C GLU A 34 -1.71 3.71 -8.97
N VAL A 35 -1.84 2.57 -8.30
CA VAL A 35 -1.48 2.49 -6.91
C VAL A 35 0.03 2.64 -6.74
N GLY A 36 0.80 2.11 -7.70
CA GLY A 36 2.24 2.20 -7.64
C GLY A 36 2.72 3.64 -7.68
N LYS A 37 2.21 4.41 -8.62
CA LYS A 37 2.60 5.81 -8.76
C LYS A 37 2.20 6.61 -7.52
N ALA A 38 1.04 6.27 -6.96
CA ALA A 38 0.56 6.93 -5.76
C ALA A 38 1.42 6.55 -4.57
N ILE A 39 1.97 5.34 -4.60
CA ILE A 39 2.84 4.86 -3.55
C ILE A 39 4.07 5.77 -3.48
N GLU A 40 4.66 6.02 -4.64
CA GLU A 40 5.87 6.82 -4.75
C GLU A 40 5.62 8.25 -4.25
N GLN A 41 4.60 8.88 -4.80
CA GLN A 41 4.24 10.23 -4.42
C GLN A 41 3.80 10.29 -2.97
N GLY A 42 3.13 9.23 -2.53
CA GLY A 42 2.66 9.16 -1.15
C GLY A 42 3.79 9.13 -0.13
N ARG A 43 4.92 8.55 -0.50
CA ARG A 43 6.05 8.46 0.42
C ARG A 43 6.76 9.80 0.52
N GLN A 44 6.80 10.52 -0.60
CA GLN A 44 7.42 11.83 -0.66
C GLN A 44 6.51 12.90 -0.07
N LYS A 45 5.25 12.54 0.15
CA LYS A 45 4.27 13.48 0.68
C LYS A 45 4.43 13.64 2.20
N PHE A 46 5.39 12.93 2.77
CA PHE A 46 5.62 13.00 4.20
C PHE A 46 6.28 14.33 4.59
N GLU A 47 6.76 14.39 5.84
CA GLU A 47 7.39 15.60 6.34
C GLU A 47 8.72 15.25 7.01
N PRO A 48 9.86 15.64 6.40
CA PRO A 48 9.87 16.35 5.12
C PRO A 48 9.66 15.42 3.95
N THR A 49 10.10 14.21 4.16
CA THR A 49 10.01 13.14 3.19
C THR A 49 10.34 11.81 3.87
N MET A 50 9.57 10.77 3.58
CA MET A 50 9.80 9.47 4.17
C MET A 50 10.80 8.69 3.33
N THR A 51 11.84 8.18 3.97
CA THR A 51 12.84 7.41 3.27
C THR A 51 12.34 5.99 3.00
N GLN A 52 12.91 5.35 2.00
CA GLN A 52 12.51 4.00 1.64
C GLN A 52 12.91 3.02 2.73
N ALA A 53 14.03 3.30 3.38
CA ALA A 53 14.54 2.46 4.45
C ALA A 53 13.62 2.49 5.67
N GLU A 54 13.23 3.69 6.08
CA GLU A 54 12.36 3.85 7.25
C GLU A 54 10.98 3.27 6.99
N LEU A 55 10.44 3.51 5.81
CA LEU A 55 9.13 2.99 5.46
C LEU A 55 9.17 1.48 5.40
N GLY A 56 10.22 0.96 4.76
CA GLY A 56 10.38 -0.48 4.66
C GLY A 56 10.54 -1.12 6.01
N LYS A 57 11.36 -0.51 6.86
CA LYS A 57 11.60 -1.02 8.19
C LYS A 57 10.32 -1.07 9.01
N GLU A 58 9.52 0.00 8.95
CA GLU A 58 8.28 0.06 9.72
C GLU A 58 7.20 -0.90 9.23
N ILE A 59 7.33 -1.40 8.00
CA ILE A 59 6.35 -2.35 7.48
C ILE A 59 6.91 -3.77 7.52
N GLY A 60 8.16 -3.91 7.92
CA GLY A 60 8.79 -5.21 8.02
C GLY A 60 9.44 -5.66 6.73
N GLU A 61 9.75 -4.72 5.86
CA GLU A 61 10.38 -5.01 4.57
C GLU A 61 11.73 -4.28 4.46
N THR A 62 12.21 -4.12 3.23
CA THR A 62 13.47 -3.45 3.00
C THR A 62 13.26 -2.21 2.14
N ALA A 63 14.32 -1.43 1.92
CA ALA A 63 14.23 -0.22 1.10
C ALA A 63 13.85 -0.57 -0.33
N ALA A 64 14.44 -1.64 -0.85
CA ALA A 64 14.17 -2.09 -2.21
C ALA A 64 12.69 -2.39 -2.38
N THR A 65 12.06 -2.94 -1.34
CA THR A 65 10.65 -3.26 -1.39
C THR A 65 9.81 -2.02 -1.66
N VAL A 66 10.06 -0.98 -0.90
CA VAL A 66 9.34 0.27 -1.05
C VAL A 66 9.60 0.91 -2.41
N ALA A 67 10.86 0.88 -2.84
CA ALA A 67 11.23 1.45 -4.12
C ALA A 67 10.70 0.61 -5.28
N SER A 68 10.60 -0.69 -5.09
CA SER A 68 10.09 -1.59 -6.11
C SER A 68 8.55 -1.55 -6.21
N TYR A 69 7.89 -1.31 -5.07
CA TYR A 69 6.43 -1.28 -5.01
C TYR A 69 5.80 -0.22 -5.92
N GLU A 70 6.48 0.92 -6.08
CA GLU A 70 5.96 2.01 -6.91
C GLU A 70 5.71 1.58 -8.36
N ARG A 71 6.33 0.48 -8.77
CA ARG A 71 6.16 -0.02 -10.11
C ARG A 71 4.73 -0.55 -10.30
N GLY A 72 4.09 -0.91 -9.20
CA GLY A 72 2.76 -1.43 -9.26
C GLY A 72 2.74 -2.94 -9.32
N THR A 73 3.88 -3.55 -9.04
CA THR A 73 4.01 -4.98 -9.05
C THR A 73 5.21 -5.39 -8.20
N ALA A 74 4.91 -5.95 -7.06
CA ALA A 74 5.91 -6.40 -6.11
C ALA A 74 5.33 -7.49 -5.22
N THR A 75 4.36 -8.24 -5.77
CA THR A 75 3.66 -9.29 -5.04
C THR A 75 2.99 -8.66 -3.82
N PRO A 76 1.76 -8.17 -4.03
CA PRO A 76 1.03 -7.46 -2.99
C PRO A 76 0.36 -8.33 -1.95
N ASP A 77 0.89 -8.26 -0.75
CA ASP A 77 0.26 -8.94 0.35
C ASP A 77 -0.77 -7.95 0.82
N GLN A 78 -2.01 -8.38 0.89
CA GLN A 78 -3.12 -7.47 1.24
C GLN A 78 -2.86 -6.69 2.51
N ASN A 79 -2.13 -7.29 3.43
CA ASN A 79 -1.82 -6.67 4.71
C ASN A 79 -0.73 -5.60 4.55
N ILE A 80 0.19 -5.79 3.62
CA ILE A 80 1.27 -4.82 3.41
C ILE A 80 0.70 -3.49 2.93
N LEU A 81 -0.04 -3.53 1.82
CA LEU A 81 -0.67 -2.34 1.24
C LEU A 81 -1.39 -1.54 2.33
N SER A 82 -2.02 -2.26 3.24
CA SER A 82 -2.75 -1.66 4.34
C SER A 82 -1.82 -0.86 5.26
N LYS A 83 -0.66 -1.42 5.56
CA LYS A 83 0.32 -0.77 6.43
C LYS A 83 1.07 0.34 5.73
N MET A 84 1.42 0.11 4.47
CA MET A 84 2.18 1.06 3.68
C MET A 84 1.51 2.44 3.66
N GLU A 85 0.28 2.46 3.21
CA GLU A 85 -0.50 3.68 3.10
C GLU A 85 -0.93 4.23 4.45
N ARG A 86 -1.08 3.35 5.43
CA ARG A 86 -1.52 3.74 6.76
C ARG A 86 -0.59 4.82 7.35
N VAL A 87 0.67 4.78 6.96
CA VAL A 87 1.65 5.73 7.47
C VAL A 87 1.50 7.10 6.81
N LEU A 88 1.05 7.13 5.55
CA LEU A 88 0.92 8.39 4.82
C LEU A 88 -0.50 8.95 4.88
N ASN A 89 -1.44 8.12 5.38
CA ASN A 89 -2.85 8.51 5.51
C ASN A 89 -3.51 8.70 4.16
N VAL A 90 -2.90 8.13 3.13
CA VAL A 90 -3.47 8.17 1.80
C VAL A 90 -3.81 6.75 1.45
N LYS A 91 -4.92 6.52 0.80
CA LYS A 91 -5.29 5.16 0.48
C LYS A 91 -5.44 4.97 -1.02
N LEU A 92 -4.98 3.83 -1.51
CA LEU A 92 -5.07 3.53 -2.93
C LEU A 92 -6.21 2.56 -3.18
N ARG A 93 -7.33 2.79 -2.52
CA ARG A 93 -8.50 1.92 -2.67
C ARG A 93 -9.76 2.75 -2.90
N GLY A 94 -10.63 2.26 -3.77
CA GLY A 94 -11.87 2.95 -4.07
C GLY A 94 -11.67 4.04 -5.10
N ALA A 95 -12.53 5.05 -5.03
CA ALA A 95 -12.47 6.17 -5.96
C ALA A 95 -11.82 7.38 -5.29
N ASN A 96 -11.18 7.16 -4.16
CA ASN A 96 -10.51 8.22 -3.44
C ASN A 96 -9.04 7.90 -3.26
N ILE A 97 -8.41 7.44 -4.33
CA ILE A 97 -7.01 7.09 -4.30
C ILE A 97 -6.15 8.35 -4.14
N GLY A 98 -5.12 8.25 -3.31
CA GLY A 98 -4.27 9.38 -3.07
C GLY A 98 -4.88 10.27 -2.01
N ALA A 99 -5.96 9.80 -1.43
CA ALA A 99 -6.68 10.51 -0.39
C ALA A 99 -6.94 9.57 0.78
N PRO A 100 -7.17 10.12 1.98
CA PRO A 100 -7.49 9.31 3.16
C PRO A 100 -8.84 8.62 2.97
N ARG A 101 -8.83 7.30 3.05
CA ARG A 101 -10.04 6.52 2.88
C ARG A 101 -9.96 5.29 3.76
N LEU A 102 -10.52 5.39 4.96
CA LEU A 102 -10.48 4.28 5.90
C LEU A 102 -11.33 3.11 5.41
N GLY A 103 -10.85 1.91 5.67
CA GLY A 103 -11.54 0.71 5.26
C GLY A 103 -10.89 0.00 4.10
N PRO A 104 -9.67 -0.55 4.29
CA PRO A 104 -8.97 -1.27 3.22
C PRO A 104 -9.51 -2.68 3.02
N LYS A 105 -10.24 -3.17 4.02
CA LYS A 105 -10.82 -4.49 3.97
C LYS A 105 -12.24 -4.46 4.51
N LYS A 106 -13.14 -5.20 3.87
CA LYS A 106 -14.53 -5.25 4.29
C LYS A 106 -14.68 -6.28 5.41
N LYS A 107 -14.74 -5.80 6.64
CA LYS A 107 -14.88 -6.66 7.80
C LYS A 107 -15.54 -5.90 8.94
N GLY A 1 -41.08 49.55 13.87
CA GLY A 1 -40.57 48.18 14.07
C GLY A 1 -41.68 47.20 14.41
N ALA A 2 -41.41 45.92 14.21
CA ALA A 2 -42.39 44.88 14.49
C ALA A 2 -41.69 43.55 14.76
N MET A 3 -42.32 42.69 15.55
CA MET A 3 -41.75 41.39 15.86
C MET A 3 -42.39 40.31 15.01
N ASP A 4 -41.61 39.32 14.63
CA ASP A 4 -42.10 38.22 13.81
C ASP A 4 -42.11 36.92 14.61
N PRO A 5 -43.01 35.99 14.28
CA PRO A 5 -43.12 34.71 14.99
C PRO A 5 -41.86 33.87 14.85
N GLU A 6 -41.40 33.32 15.97
CA GLU A 6 -40.21 32.48 15.98
C GLU A 6 -40.53 31.09 15.43
N PHE A 7 -39.52 30.43 14.87
CA PHE A 7 -39.71 29.11 14.29
C PHE A 7 -38.41 28.32 14.31
N ALA A 8 -38.52 27.00 14.38
CA ALA A 8 -37.35 26.14 14.41
C ALA A 8 -37.71 24.73 13.94
N GLY A 9 -36.73 24.01 13.41
CA GLY A 9 -36.97 22.67 12.92
C GLY A 9 -35.89 21.70 13.35
N GLY A 10 -35.87 20.53 12.75
CA GLY A 10 -34.88 19.52 13.09
C GLY A 10 -34.98 18.30 12.20
N THR A 11 -33.90 17.54 12.12
CA THR A 11 -33.87 16.33 11.29
C THR A 11 -32.87 15.32 11.86
N GLU A 12 -33.31 14.07 12.00
CA GLU A 12 -32.46 13.01 12.52
C GLU A 12 -32.78 11.69 11.84
N GLY A 13 -32.09 10.63 12.26
CA GLY A 13 -32.32 9.33 11.68
C GLY A 13 -31.04 8.54 11.52
N GLN A 14 -30.96 7.40 12.19
CA GLN A 14 -29.79 6.55 12.12
C GLN A 14 -30.17 5.13 11.73
N ARG A 15 -29.20 4.35 11.28
CA ARG A 15 -29.45 2.98 10.88
C ARG A 15 -28.15 2.17 10.87
N LEU A 16 -28.26 0.88 11.15
CA LEU A 16 -27.11 -0.01 11.16
C LEU A 16 -27.55 -1.42 10.81
N THR A 17 -27.01 -1.94 9.71
CA THR A 17 -27.33 -3.29 9.26
C THR A 17 -26.16 -3.92 8.51
N LYS A 18 -25.52 -4.88 9.15
CA LYS A 18 -24.40 -5.59 8.56
C LYS A 18 -24.78 -7.04 8.30
N VAL A 19 -24.46 -7.54 7.12
CA VAL A 19 -24.79 -8.90 6.75
C VAL A 19 -23.54 -9.71 6.42
N ASP A 20 -23.57 -10.98 6.78
CA ASP A 20 -22.45 -11.88 6.52
C ASP A 20 -22.55 -12.44 5.11
N ARG A 21 -21.43 -12.96 4.60
CA ARG A 21 -21.38 -13.52 3.27
C ARG A 21 -20.19 -14.47 3.15
N SER A 22 -20.29 -15.46 2.27
CA SER A 22 -19.21 -16.41 2.08
C SER A 22 -17.95 -15.70 1.55
N ASP A 23 -16.78 -16.25 1.86
CA ASP A 23 -15.53 -15.65 1.42
C ASP A 23 -14.80 -16.54 0.43
N ASP A 24 -14.95 -16.24 -0.84
CA ASP A 24 -14.31 -16.99 -1.91
C ASP A 24 -13.94 -16.06 -3.06
N ILE A 25 -12.66 -15.77 -3.19
CA ILE A 25 -12.18 -14.90 -4.24
C ILE A 25 -11.16 -15.59 -5.12
N ILE A 26 -10.95 -15.03 -6.29
CA ILE A 26 -10.00 -15.57 -7.26
C ILE A 26 -8.60 -15.05 -6.96
N LYS A 27 -7.63 -15.47 -7.76
CA LYS A 27 -6.25 -15.04 -7.57
C LYS A 27 -6.09 -13.58 -7.99
N PRO A 28 -5.37 -12.79 -7.18
CA PRO A 28 -5.13 -11.38 -7.46
C PRO A 28 -4.08 -11.16 -8.54
N LYS A 29 -3.77 -9.89 -8.79
CA LYS A 29 -2.78 -9.53 -9.80
C LYS A 29 -1.63 -8.79 -9.13
N THR A 30 -1.13 -7.75 -9.79
CA THR A 30 -0.05 -6.93 -9.27
C THR A 30 -0.60 -5.94 -8.23
N VAL A 31 0.24 -5.01 -7.78
CA VAL A 31 -0.21 -4.04 -6.79
C VAL A 31 -1.06 -2.96 -7.44
N GLY A 32 -0.77 -2.64 -8.70
CA GLY A 32 -1.52 -1.64 -9.40
C GLY A 32 -0.65 -0.52 -9.92
N LYS A 33 -0.84 -0.17 -11.19
CA LYS A 33 -0.07 0.87 -11.83
C LYS A 33 -0.34 2.23 -11.18
N GLU A 34 -1.62 2.51 -10.93
CA GLU A 34 -2.01 3.76 -10.31
C GLU A 34 -1.60 3.74 -8.83
N VAL A 35 -1.58 2.54 -8.27
CA VAL A 35 -1.19 2.33 -6.89
C VAL A 35 0.28 2.70 -6.71
N GLY A 36 1.11 2.23 -7.62
CA GLY A 36 2.53 2.53 -7.56
C GLY A 36 2.83 4.01 -7.64
N LYS A 37 2.17 4.69 -8.57
CA LYS A 37 2.37 6.12 -8.74
C LYS A 37 1.95 6.87 -7.49
N ALA A 38 0.88 6.41 -6.87
CA ALA A 38 0.38 7.01 -5.65
C ALA A 38 1.31 6.69 -4.50
N ILE A 39 1.97 5.55 -4.55
CA ILE A 39 2.92 5.16 -3.51
C ILE A 39 4.03 6.20 -3.44
N GLU A 40 4.59 6.54 -4.59
CA GLU A 40 5.68 7.50 -4.65
C GLU A 40 5.20 8.88 -4.19
N GLN A 41 4.11 9.34 -4.76
CA GLN A 41 3.55 10.63 -4.41
C GLN A 41 3.12 10.66 -2.94
N GLY A 42 2.70 9.51 -2.44
CA GLY A 42 2.28 9.41 -1.05
C GLY A 42 3.44 9.45 -0.08
N ARG A 43 4.59 8.97 -0.51
CA ARG A 43 5.78 8.95 0.34
C ARG A 43 6.47 10.32 0.29
N GLN A 44 6.45 10.93 -0.90
CA GLN A 44 7.07 12.24 -1.10
C GLN A 44 6.24 13.35 -0.46
N LYS A 45 5.01 13.05 -0.10
CA LYS A 45 4.15 14.05 0.51
C LYS A 45 4.37 14.15 2.02
N PHE A 46 5.38 13.44 2.52
CA PHE A 46 5.66 13.46 3.95
C PHE A 46 6.38 14.73 4.38
N GLU A 47 6.99 15.38 3.40
CA GLU A 47 7.73 16.63 3.61
C GLU A 47 8.85 16.46 4.64
N PRO A 48 10.11 16.34 4.19
CA PRO A 48 10.47 16.35 2.77
C PRO A 48 9.94 15.15 2.01
N THR A 49 10.39 13.99 2.41
CA THR A 49 9.99 12.73 1.79
C THR A 49 10.29 11.56 2.73
N MET A 50 9.34 10.65 2.85
CA MET A 50 9.52 9.48 3.71
C MET A 50 10.55 8.54 3.12
N THR A 51 11.48 8.10 3.94
CA THR A 51 12.53 7.19 3.50
C THR A 51 11.96 5.83 3.14
N GLN A 52 12.56 5.19 2.14
CA GLN A 52 12.10 3.87 1.69
C GLN A 52 12.42 2.84 2.76
N ALA A 53 13.56 3.01 3.42
CA ALA A 53 14.00 2.09 4.46
C ALA A 53 13.05 2.13 5.66
N GLU A 54 12.72 3.34 6.11
CA GLU A 54 11.84 3.52 7.25
C GLU A 54 10.45 2.98 6.95
N LEU A 55 9.97 3.20 5.73
CA LEU A 55 8.66 2.72 5.33
C LEU A 55 8.66 1.20 5.33
N GLY A 56 9.73 0.62 4.80
CA GLY A 56 9.85 -0.83 4.77
C GLY A 56 9.93 -1.41 6.17
N LYS A 57 10.74 -0.76 7.00
CA LYS A 57 10.91 -1.19 8.38
C LYS A 57 9.57 -1.17 9.13
N GLU A 58 8.75 -0.17 8.85
CA GLU A 58 7.45 -0.02 9.48
C GLU A 58 6.49 -1.17 9.10
N ILE A 59 6.80 -1.89 8.02
CA ILE A 59 5.96 -3.01 7.60
C ILE A 59 6.72 -4.33 7.64
N GLY A 60 7.95 -4.29 8.14
CA GLY A 60 8.75 -5.50 8.26
C GLY A 60 9.35 -5.95 6.94
N GLU A 61 9.56 -5.01 6.04
CA GLU A 61 10.14 -5.30 4.74
C GLU A 61 11.44 -4.53 4.55
N THR A 62 11.97 -4.55 3.34
CA THR A 62 13.21 -3.86 3.04
C THR A 62 12.95 -2.62 2.18
N ALA A 63 13.98 -1.82 1.96
CA ALA A 63 13.86 -0.63 1.14
C ALA A 63 13.52 -1.00 -0.29
N ALA A 64 14.05 -2.14 -0.74
CA ALA A 64 13.80 -2.64 -2.08
C ALA A 64 12.32 -2.88 -2.29
N THR A 65 11.66 -3.39 -1.26
CA THR A 65 10.24 -3.68 -1.33
C THR A 65 9.44 -2.39 -1.60
N VAL A 66 9.77 -1.34 -0.87
CA VAL A 66 9.07 -0.06 -1.04
C VAL A 66 9.42 0.56 -2.39
N ALA A 67 10.67 0.40 -2.81
CA ALA A 67 11.13 0.95 -4.09
C ALA A 67 10.49 0.20 -5.26
N SER A 68 10.29 -1.09 -5.10
CA SER A 68 9.66 -1.89 -6.15
C SER A 68 8.15 -1.66 -6.17
N TYR A 69 7.59 -1.33 -5.01
CA TYR A 69 6.16 -1.09 -4.87
C TYR A 69 5.69 0.13 -5.67
N GLU A 70 6.48 1.20 -5.66
CA GLU A 70 6.12 2.42 -6.39
C GLU A 70 6.07 2.19 -7.90
N ARG A 71 6.68 1.11 -8.38
CA ARG A 71 6.67 0.79 -9.78
C ARG A 71 5.29 0.28 -10.19
N GLY A 72 4.55 -0.23 -9.21
CA GLY A 72 3.25 -0.78 -9.45
C GLY A 72 3.27 -2.29 -9.52
N THR A 73 4.29 -2.88 -8.91
CA THR A 73 4.46 -4.31 -8.91
C THR A 73 5.58 -4.72 -7.94
N ALA A 74 5.17 -5.40 -6.89
CA ALA A 74 6.07 -5.88 -5.86
C ALA A 74 5.35 -6.95 -5.04
N THR A 75 4.40 -7.62 -5.71
CA THR A 75 3.55 -8.63 -5.09
C THR A 75 2.67 -7.97 -4.03
N PRO A 76 1.37 -7.81 -4.33
CA PRO A 76 0.45 -7.12 -3.44
C PRO A 76 -0.04 -7.93 -2.26
N ASP A 77 0.69 -7.85 -1.16
CA ASP A 77 0.24 -8.52 0.04
C ASP A 77 -0.74 -7.57 0.69
N GLN A 78 -1.98 -7.99 0.80
CA GLN A 78 -3.03 -7.14 1.35
C GLN A 78 -2.66 -6.50 2.68
N ASN A 79 -2.00 -7.28 3.52
CA ASN A 79 -1.58 -6.82 4.83
C ASN A 79 -0.50 -5.75 4.73
N ILE A 80 0.35 -5.84 3.71
CA ILE A 80 1.42 -4.86 3.51
C ILE A 80 0.83 -3.52 3.09
N LEU A 81 0.06 -3.52 2.00
CA LEU A 81 -0.58 -2.29 1.50
C LEU A 81 -1.34 -1.59 2.62
N SER A 82 -2.00 -2.38 3.44
CA SER A 82 -2.79 -1.85 4.54
C SER A 82 -1.93 -1.06 5.53
N LYS A 83 -0.85 -1.65 6.01
CA LYS A 83 0.02 -0.99 6.98
C LYS A 83 0.97 0.04 6.35
N MET A 84 1.42 -0.24 5.13
CA MET A 84 2.35 0.64 4.44
C MET A 84 1.75 2.03 4.18
N GLU A 85 0.51 2.05 3.71
CA GLU A 85 -0.20 3.30 3.42
C GLU A 85 -0.68 3.98 4.69
N ARG A 86 -0.93 3.18 5.71
CA ARG A 86 -1.44 3.65 6.99
C ARG A 86 -0.48 4.61 7.69
N VAL A 87 0.81 4.49 7.37
CA VAL A 87 1.83 5.34 8.00
C VAL A 87 1.68 6.80 7.60
N LEU A 88 1.08 7.00 6.44
CA LEU A 88 0.90 8.35 5.92
C LEU A 88 -0.58 8.74 5.91
N ASN A 89 -1.46 7.75 6.10
CA ASN A 89 -2.92 7.98 6.12
C ASN A 89 -3.37 8.29 4.72
N VAL A 90 -2.83 7.51 3.80
CA VAL A 90 -3.13 7.62 2.40
C VAL A 90 -3.52 6.25 1.91
N LYS A 91 -4.50 6.15 1.03
CA LYS A 91 -4.89 4.85 0.53
C LYS A 91 -4.92 4.84 -0.98
N LEU A 92 -4.38 3.76 -1.52
CA LEU A 92 -4.32 3.57 -2.95
C LEU A 92 -5.32 2.52 -3.38
N ARG A 93 -6.41 2.44 -2.64
CA ARG A 93 -7.48 1.48 -2.93
C ARG A 93 -8.83 2.20 -2.91
N GLY A 94 -9.68 1.86 -3.86
CA GLY A 94 -11.00 2.48 -3.91
C GLY A 94 -11.08 3.58 -4.95
N ALA A 95 -11.93 4.57 -4.70
CA ALA A 95 -12.10 5.69 -5.60
C ALA A 95 -11.34 6.91 -5.10
N ASN A 96 -11.10 6.95 -3.80
CA ASN A 96 -10.39 8.06 -3.19
C ASN A 96 -8.89 7.77 -3.15
N ILE A 97 -8.34 7.39 -4.29
CA ILE A 97 -6.94 7.07 -4.40
C ILE A 97 -6.08 8.32 -4.16
N GLY A 98 -5.00 8.15 -3.42
CA GLY A 98 -4.11 9.26 -3.13
C GLY A 98 -4.58 10.04 -1.93
N ALA A 99 -5.65 9.54 -1.32
CA ALA A 99 -6.24 10.16 -0.15
C ALA A 99 -6.59 9.09 0.89
N PRO A 100 -6.82 9.48 2.16
CA PRO A 100 -7.18 8.52 3.21
C PRO A 100 -8.52 7.84 2.92
N ARG A 101 -8.54 6.53 2.85
CA ARG A 101 -9.77 5.80 2.57
C ARG A 101 -9.73 4.44 3.26
N LEU A 102 -10.41 4.34 4.38
CA LEU A 102 -10.44 3.10 5.14
C LEU A 102 -11.42 2.11 4.52
N GLY A 103 -10.87 1.16 3.80
CA GLY A 103 -11.67 0.16 3.14
C GLY A 103 -10.81 -0.81 2.34
N PRO A 104 -9.97 -1.59 3.03
CA PRO A 104 -9.07 -2.56 2.39
C PRO A 104 -9.81 -3.72 1.73
N LYS A 105 -11.03 -3.97 2.22
CA LYS A 105 -11.85 -5.05 1.70
C LYS A 105 -13.15 -4.51 1.16
N LYS A 106 -13.66 -5.16 0.11
CA LYS A 106 -14.91 -4.75 -0.52
C LYS A 106 -16.09 -4.90 0.43
N LYS A 107 -16.28 -6.10 0.96
CA LYS A 107 -17.38 -6.37 1.88
C LYS A 107 -16.87 -7.11 3.11
N GLY A 1 47.69 -45.00 0.09
CA GLY A 1 46.86 -45.26 -1.12
C GLY A 1 45.61 -46.07 -0.82
N ALA A 2 44.82 -45.60 0.14
CA ALA A 2 43.60 -46.29 0.53
C ALA A 2 42.52 -46.08 -0.52
N MET A 3 42.04 -47.16 -1.11
CA MET A 3 41.00 -47.08 -2.12
C MET A 3 39.63 -47.28 -1.51
N ASP A 4 39.18 -46.29 -0.76
CA ASP A 4 37.88 -46.33 -0.11
C ASP A 4 37.16 -45.00 -0.27
N PRO A 5 36.45 -44.80 -1.38
CA PRO A 5 35.72 -43.57 -1.64
C PRO A 5 34.34 -43.57 -1.00
N GLU A 6 33.83 -42.37 -0.71
CA GLU A 6 32.52 -42.21 -0.11
C GLU A 6 31.50 -41.83 -1.18
N PHE A 7 30.25 -42.15 -0.93
CA PHE A 7 29.18 -41.85 -1.87
C PHE A 7 28.11 -41.01 -1.19
N ALA A 8 28.23 -39.70 -1.32
CA ALA A 8 27.28 -38.78 -0.73
C ALA A 8 26.86 -37.73 -1.74
N GLY A 9 25.58 -37.42 -1.79
CA GLY A 9 25.09 -36.43 -2.72
C GLY A 9 23.66 -36.02 -2.43
N GLY A 10 23.10 -35.18 -3.29
CA GLY A 10 21.75 -34.71 -3.11
C GLY A 10 21.69 -33.21 -2.86
N THR A 11 21.11 -32.49 -3.81
CA THR A 11 20.99 -31.05 -3.69
C THR A 11 19.88 -30.53 -4.61
N GLU A 12 19.24 -29.45 -4.19
CA GLU A 12 18.15 -28.86 -4.96
C GLU A 12 18.45 -27.38 -5.24
N GLY A 13 17.52 -26.70 -5.87
CA GLY A 13 17.72 -25.28 -6.15
C GLY A 13 17.30 -24.91 -7.55
N GLN A 14 16.14 -24.28 -7.66
CA GLN A 14 15.63 -23.86 -8.95
C GLN A 14 14.92 -22.51 -8.82
N ARG A 15 15.06 -21.68 -9.83
CA ARG A 15 14.43 -20.36 -9.84
C ARG A 15 14.58 -19.70 -11.19
N LEU A 16 13.53 -18.99 -11.61
CA LEU A 16 13.53 -18.28 -12.88
C LEU A 16 12.80 -16.96 -12.72
N THR A 17 13.49 -15.86 -12.96
CA THR A 17 12.89 -14.55 -12.82
C THR A 17 13.24 -13.65 -14.00
N LYS A 18 12.53 -13.84 -15.11
CA LYS A 18 12.75 -13.04 -16.30
C LYS A 18 11.54 -13.11 -17.22
N VAL A 19 10.70 -12.08 -17.18
CA VAL A 19 9.52 -12.02 -18.02
C VAL A 19 9.44 -10.68 -18.73
N ASP A 20 8.51 -10.57 -19.67
CA ASP A 20 8.33 -9.35 -20.43
C ASP A 20 6.87 -9.24 -20.87
N ARG A 21 6.16 -8.24 -20.37
CA ARG A 21 4.76 -8.06 -20.71
C ARG A 21 4.52 -6.63 -21.20
N SER A 22 4.56 -6.44 -22.52
CA SER A 22 4.34 -5.14 -23.12
C SER A 22 2.86 -4.78 -23.10
N ASP A 23 2.02 -5.78 -23.29
CA ASP A 23 0.58 -5.60 -23.31
C ASP A 23 -0.09 -6.70 -22.50
N ASP A 24 -0.70 -6.31 -21.39
CA ASP A 24 -1.39 -7.25 -20.51
C ASP A 24 -2.57 -6.58 -19.83
N ILE A 25 -3.77 -6.91 -20.27
CA ILE A 25 -4.97 -6.33 -19.68
C ILE A 25 -5.42 -7.10 -18.46
N ILE A 26 -4.98 -8.35 -18.35
CA ILE A 26 -5.34 -9.21 -17.22
C ILE A 26 -4.73 -8.67 -15.93
N LYS A 27 -5.52 -8.71 -14.85
CA LYS A 27 -5.06 -8.24 -13.55
C LYS A 27 -4.78 -9.44 -12.64
N PRO A 28 -3.52 -9.88 -12.60
CA PRO A 28 -3.11 -11.02 -11.79
C PRO A 28 -2.79 -10.61 -10.36
N LYS A 29 -1.78 -11.24 -9.76
CA LYS A 29 -1.38 -10.91 -8.40
C LYS A 29 -0.48 -9.68 -8.41
N THR A 30 -1.03 -8.56 -8.83
CA THR A 30 -0.30 -7.31 -8.91
C THR A 30 -0.89 -6.29 -7.94
N VAL A 31 -0.08 -5.32 -7.54
CA VAL A 31 -0.54 -4.30 -6.61
C VAL A 31 -1.37 -3.23 -7.32
N GLY A 32 -1.05 -2.98 -8.59
CA GLY A 32 -1.78 -1.98 -9.35
C GLY A 32 -0.87 -0.90 -9.89
N LYS A 33 -1.09 -0.51 -11.14
CA LYS A 33 -0.28 0.52 -11.79
C LYS A 33 -0.49 1.89 -11.14
N GLU A 34 -1.75 2.31 -11.02
CA GLU A 34 -2.07 3.59 -10.40
C GLU A 34 -1.71 3.52 -8.92
N VAL A 35 -1.83 2.31 -8.38
CA VAL A 35 -1.51 2.04 -7.01
C VAL A 35 -0.04 2.31 -6.74
N GLY A 36 0.81 1.81 -7.65
CA GLY A 36 2.25 2.00 -7.52
C GLY A 36 2.66 3.46 -7.51
N LYS A 37 2.13 4.24 -8.44
CA LYS A 37 2.46 5.67 -8.51
C LYS A 37 2.02 6.36 -7.22
N ALA A 38 0.88 5.95 -6.70
CA ALA A 38 0.35 6.50 -5.47
C ALA A 38 1.20 6.07 -4.29
N ILE A 39 1.80 4.90 -4.40
CA ILE A 39 2.67 4.41 -3.35
C ILE A 39 3.83 5.36 -3.15
N GLU A 40 4.45 5.79 -4.25
CA GLU A 40 5.58 6.69 -4.18
C GLU A 40 5.11 8.05 -3.69
N GLN A 41 4.05 8.56 -4.28
CA GLN A 41 3.51 9.86 -3.91
C GLN A 41 3.06 9.85 -2.46
N GLY A 42 2.52 8.72 -2.02
CA GLY A 42 2.06 8.60 -0.65
C GLY A 42 3.18 8.74 0.37
N ARG A 43 4.35 8.21 0.03
CA ARG A 43 5.49 8.28 0.94
C ARG A 43 6.17 9.64 0.83
N GLN A 44 6.19 10.18 -0.40
CA GLN A 44 6.81 11.47 -0.65
C GLN A 44 5.95 12.60 -0.13
N LYS A 45 4.65 12.36 -0.01
CA LYS A 45 3.73 13.39 0.45
C LYS A 45 3.63 13.40 1.98
N PHE A 46 4.66 12.89 2.63
CA PHE A 46 4.69 12.84 4.08
C PHE A 46 5.09 14.19 4.66
N GLU A 47 5.64 15.02 3.79
CA GLU A 47 6.10 16.37 4.14
C GLU A 47 7.16 16.33 5.25
N PRO A 48 8.44 16.53 4.90
CA PRO A 48 8.88 16.78 3.53
C PRO A 48 8.75 15.56 2.63
N THR A 49 9.46 14.52 3.00
CA THR A 49 9.48 13.27 2.25
C THR A 49 9.92 12.12 3.13
N MET A 50 9.11 11.07 3.20
CA MET A 50 9.44 9.89 3.98
C MET A 50 10.44 9.03 3.22
N THR A 51 11.47 8.56 3.90
CA THR A 51 12.49 7.74 3.28
C THR A 51 11.95 6.35 2.93
N GLN A 52 12.41 5.80 1.82
CA GLN A 52 11.98 4.48 1.39
C GLN A 52 12.52 3.42 2.34
N ALA A 53 13.74 3.62 2.82
CA ALA A 53 14.37 2.69 3.73
C ALA A 53 13.64 2.63 5.06
N GLU A 54 13.28 3.79 5.60
CA GLU A 54 12.56 3.85 6.87
C GLU A 54 11.17 3.26 6.74
N LEU A 55 10.50 3.53 5.62
CA LEU A 55 9.18 2.99 5.38
C LEU A 55 9.27 1.47 5.30
N GLY A 56 10.35 1.00 4.69
CA GLY A 56 10.58 -0.42 4.57
C GLY A 56 10.82 -1.06 5.93
N LYS A 57 11.69 -0.45 6.72
CA LYS A 57 12.01 -0.95 8.04
C LYS A 57 10.75 -1.01 8.91
N GLU A 58 9.91 0.02 8.79
CA GLU A 58 8.67 0.11 9.55
C GLU A 58 7.72 -1.06 9.24
N ILE A 59 7.74 -1.52 7.99
CA ILE A 59 6.87 -2.64 7.60
C ILE A 59 7.61 -3.97 7.67
N GLY A 60 8.89 -3.92 8.07
CA GLY A 60 9.69 -5.12 8.19
C GLY A 60 10.31 -5.56 6.88
N GLU A 61 10.33 -4.68 5.90
CA GLU A 61 10.90 -4.97 4.61
C GLU A 61 12.16 -4.15 4.38
N THR A 62 12.54 -3.96 3.13
CA THR A 62 13.73 -3.20 2.80
C THR A 62 13.37 -1.99 1.95
N ALA A 63 14.36 -1.13 1.67
CA ALA A 63 14.14 0.05 0.85
C ALA A 63 13.76 -0.36 -0.55
N ALA A 64 14.34 -1.46 -1.02
CA ALA A 64 14.06 -1.99 -2.34
C ALA A 64 12.61 -2.39 -2.46
N THR A 65 12.03 -2.83 -1.34
CA THR A 65 10.64 -3.24 -1.33
C THR A 65 9.73 -2.06 -1.63
N VAL A 66 9.95 -0.95 -0.95
CA VAL A 66 9.15 0.25 -1.15
C VAL A 66 9.33 0.77 -2.58
N ALA A 67 10.58 0.80 -3.03
CA ALA A 67 10.90 1.26 -4.38
C ALA A 67 10.34 0.31 -5.43
N SER A 68 10.27 -0.96 -5.10
CA SER A 68 9.73 -1.97 -6.00
C SER A 68 8.19 -1.92 -6.05
N TYR A 69 7.57 -1.61 -4.92
CA TYR A 69 6.12 -1.54 -4.84
C TYR A 69 5.55 -0.40 -5.68
N GLU A 70 6.30 0.71 -5.77
CA GLU A 70 5.86 1.89 -6.55
C GLU A 70 5.72 1.56 -8.02
N ARG A 71 6.33 0.45 -8.44
CA ARG A 71 6.27 0.03 -9.81
C ARG A 71 4.87 -0.46 -10.18
N GLY A 72 4.15 -0.95 -9.19
CA GLY A 72 2.81 -1.44 -9.43
C GLY A 72 2.78 -2.94 -9.59
N THR A 73 3.80 -3.59 -9.06
CA THR A 73 3.92 -5.02 -9.14
C THR A 73 5.06 -5.49 -8.24
N ALA A 74 4.67 -6.07 -7.12
CA ALA A 74 5.59 -6.58 -6.13
C ALA A 74 4.86 -7.55 -5.20
N THR A 75 3.79 -8.14 -5.73
CA THR A 75 2.95 -9.08 -5.00
C THR A 75 2.19 -8.37 -3.88
N PRO A 76 0.87 -8.16 -4.06
CA PRO A 76 0.05 -7.46 -3.07
C PRO A 76 -0.25 -8.28 -1.82
N ASP A 77 0.62 -8.19 -0.85
CA ASP A 77 0.42 -8.87 0.42
C ASP A 77 -0.51 -8.02 1.26
N GLN A 78 -1.69 -8.56 1.56
CA GLN A 78 -2.72 -7.83 2.31
C GLN A 78 -2.17 -7.17 3.56
N ASN A 79 -1.41 -7.92 4.32
CA ASN A 79 -0.82 -7.41 5.55
C ASN A 79 0.13 -6.26 5.25
N ILE A 80 0.96 -6.40 4.21
CA ILE A 80 1.88 -5.35 3.83
C ILE A 80 1.11 -4.10 3.41
N LEU A 81 0.23 -4.26 2.41
CA LEU A 81 -0.60 -3.14 1.91
C LEU A 81 -1.25 -2.38 3.06
N SER A 82 -1.80 -3.15 4.00
CA SER A 82 -2.48 -2.59 5.15
C SER A 82 -1.57 -1.65 5.96
N LYS A 83 -0.39 -2.12 6.31
CA LYS A 83 0.54 -1.32 7.08
C LYS A 83 1.20 -0.23 6.25
N MET A 84 1.38 -0.48 4.97
CA MET A 84 2.01 0.48 4.08
C MET A 84 1.30 1.83 4.09
N GLU A 85 0.04 1.81 3.69
CA GLU A 85 -0.74 3.03 3.61
C GLU A 85 -1.22 3.52 4.97
N ARG A 86 -1.38 2.63 5.95
CA ARG A 86 -1.86 3.02 7.27
C ARG A 86 -0.94 4.07 7.91
N VAL A 87 0.34 4.02 7.57
CA VAL A 87 1.31 4.96 8.12
C VAL A 87 1.10 6.36 7.54
N LEU A 88 0.68 6.41 6.28
CA LEU A 88 0.49 7.68 5.60
C LEU A 88 -0.97 8.13 5.67
N ASN A 89 -1.87 7.19 6.00
CA ASN A 89 -3.30 7.47 6.08
C ASN A 89 -3.81 7.89 4.72
N VAL A 90 -3.57 7.03 3.75
CA VAL A 90 -4.01 7.25 2.39
C VAL A 90 -4.57 5.95 1.85
N LYS A 91 -5.37 6.05 0.81
CA LYS A 91 -5.94 4.87 0.19
C LYS A 91 -5.65 4.89 -1.30
N LEU A 92 -5.32 3.75 -1.84
CA LEU A 92 -5.01 3.64 -3.25
C LEU A 92 -6.25 3.21 -4.03
N ARG A 93 -7.40 3.70 -3.60
CA ARG A 93 -8.68 3.39 -4.23
C ARG A 93 -9.53 4.65 -4.39
N GLY A 94 -10.44 4.62 -5.35
CA GLY A 94 -11.31 5.76 -5.60
C GLY A 94 -10.64 6.82 -6.45
N ALA A 95 -11.21 8.03 -6.44
CA ALA A 95 -10.66 9.13 -7.20
C ALA A 95 -9.67 9.93 -6.37
N ASN A 96 -9.66 9.67 -5.07
CA ASN A 96 -8.76 10.37 -4.17
C ASN A 96 -7.61 9.46 -3.77
N ILE A 97 -6.98 8.85 -4.75
CA ILE A 97 -5.86 7.97 -4.51
C ILE A 97 -4.65 8.78 -4.05
N GLY A 98 -3.95 8.26 -3.05
CA GLY A 98 -2.79 8.95 -2.53
C GLY A 98 -3.16 9.84 -1.36
N ALA A 99 -4.44 9.79 -1.02
CA ALA A 99 -4.99 10.56 0.08
C ALA A 99 -5.91 9.66 0.91
N PRO A 100 -6.19 10.02 2.19
CA PRO A 100 -7.07 9.23 3.04
C PRO A 100 -8.44 9.09 2.37
N ARG A 101 -8.89 7.88 2.11
CA ARG A 101 -10.19 7.67 1.46
C ARG A 101 -10.92 6.49 2.07
N LEU A 102 -11.93 6.78 2.86
CA LEU A 102 -12.72 5.76 3.51
C LEU A 102 -13.88 5.35 2.62
N GLY A 103 -13.76 4.19 2.00
CA GLY A 103 -14.81 3.72 1.12
C GLY A 103 -15.60 2.58 1.72
N PRO A 104 -16.83 2.37 1.29
CA PRO A 104 -17.67 1.30 1.78
C PRO A 104 -17.50 0.02 0.98
N LYS A 105 -17.57 -1.12 1.66
CA LYS A 105 -17.44 -2.40 0.98
C LYS A 105 -18.82 -2.97 0.67
N LYS A 106 -19.84 -2.20 0.99
CA LYS A 106 -21.21 -2.60 0.74
C LYS A 106 -21.71 -2.03 -0.59
N LYS A 107 -21.83 -2.88 -1.58
CA LYS A 107 -22.30 -2.46 -2.88
C LYS A 107 -23.81 -2.61 -2.98
N GLY A 1 -2.34 -55.26 25.92
CA GLY A 1 -1.46 -54.11 25.59
C GLY A 1 -1.54 -53.74 24.13
N ALA A 2 -1.73 -52.46 23.85
CA ALA A 2 -1.82 -51.96 22.48
C ALA A 2 -1.49 -50.48 22.43
N MET A 3 -0.64 -50.10 21.50
CA MET A 3 -0.23 -48.72 21.34
C MET A 3 0.17 -48.44 19.90
N ASP A 4 0.10 -47.18 19.50
CA ASP A 4 0.45 -46.78 18.14
C ASP A 4 1.56 -45.72 18.19
N PRO A 5 2.57 -45.83 17.32
CA PRO A 5 3.71 -44.89 17.27
C PRO A 5 3.26 -43.45 17.10
N GLU A 6 3.55 -42.62 18.09
CA GLU A 6 3.18 -41.21 18.06
C GLU A 6 4.22 -40.41 17.28
N PHE A 7 3.80 -39.85 16.16
CA PHE A 7 4.69 -39.07 15.32
C PHE A 7 4.44 -37.58 15.51
N ALA A 8 5.51 -36.80 15.52
CA ALA A 8 5.40 -35.36 15.69
C ALA A 8 5.47 -34.64 14.35
N GLY A 9 4.80 -33.50 14.27
CA GLY A 9 4.79 -32.73 13.03
C GLY A 9 5.91 -31.71 12.98
N GLY A 10 5.77 -30.74 12.08
CA GLY A 10 6.78 -29.71 11.94
C GLY A 10 6.25 -28.51 11.17
N THR A 11 7.13 -27.64 10.73
CA THR A 11 6.73 -26.46 9.99
C THR A 11 7.88 -25.99 9.10
N GLU A 12 7.53 -25.39 7.97
CA GLU A 12 8.52 -24.89 7.01
C GLU A 12 7.89 -23.82 6.12
N GLY A 13 8.65 -22.76 5.86
CA GLY A 13 8.16 -21.70 5.01
C GLY A 13 9.08 -21.47 3.83
N GLN A 14 8.67 -20.59 2.93
CA GLN A 14 9.45 -20.28 1.75
C GLN A 14 8.94 -19.02 1.08
N ARG A 15 9.86 -18.15 0.69
CA ARG A 15 9.51 -16.89 0.04
C ARG A 15 9.33 -17.08 -1.47
N LEU A 16 8.34 -16.39 -2.01
CA LEU A 16 8.04 -16.47 -3.44
C LEU A 16 7.48 -15.14 -3.93
N THR A 17 8.16 -14.51 -4.87
CA THR A 17 7.72 -13.25 -5.42
C THR A 17 7.16 -13.46 -6.83
N LYS A 18 6.09 -12.74 -7.14
CA LYS A 18 5.48 -12.84 -8.46
C LYS A 18 5.44 -11.47 -9.13
N VAL A 19 6.26 -11.32 -10.16
CA VAL A 19 6.33 -10.06 -10.90
C VAL A 19 6.57 -10.35 -12.38
N ASP A 20 5.60 -9.99 -13.21
CA ASP A 20 5.70 -10.20 -14.65
C ASP A 20 4.66 -9.33 -15.36
N ARG A 21 4.48 -9.54 -16.65
CA ARG A 21 3.52 -8.77 -17.42
C ARG A 21 2.17 -9.48 -17.46
N SER A 22 1.20 -8.89 -18.14
CA SER A 22 -0.12 -9.48 -18.24
C SER A 22 -0.25 -10.34 -19.50
N ASP A 23 0.43 -11.49 -19.49
CA ASP A 23 0.39 -12.41 -20.62
C ASP A 23 0.14 -13.83 -20.10
N ASP A 24 -0.76 -13.90 -19.13
CA ASP A 24 -1.13 -15.16 -18.50
C ASP A 24 -2.41 -14.95 -17.72
N ILE A 25 -3.41 -15.78 -17.99
CA ILE A 25 -4.70 -15.67 -17.31
C ILE A 25 -4.61 -16.26 -15.90
N ILE A 26 -4.20 -15.41 -14.97
CA ILE A 26 -4.08 -15.80 -13.57
C ILE A 26 -4.68 -14.72 -12.69
N LYS A 27 -4.53 -14.86 -11.38
CA LYS A 27 -5.04 -13.88 -10.45
C LYS A 27 -4.16 -12.63 -10.50
N PRO A 28 -4.76 -11.43 -10.38
CA PRO A 28 -4.01 -10.17 -10.42
C PRO A 28 -3.11 -10.01 -9.20
N LYS A 29 -1.95 -10.66 -9.24
CA LYS A 29 -0.99 -10.58 -8.16
C LYS A 29 -0.13 -9.32 -8.28
N THR A 30 -0.79 -8.21 -8.55
CA THR A 30 -0.12 -6.94 -8.70
C THR A 30 -0.74 -5.91 -7.76
N VAL A 31 0.00 -4.86 -7.42
CA VAL A 31 -0.50 -3.85 -6.51
C VAL A 31 -1.33 -2.79 -7.25
N GLY A 32 -0.98 -2.54 -8.51
CA GLY A 32 -1.71 -1.57 -9.28
C GLY A 32 -0.81 -0.48 -9.83
N LYS A 33 -1.06 -0.06 -11.06
CA LYS A 33 -0.25 0.97 -11.71
C LYS A 33 -0.45 2.31 -11.02
N GLU A 34 -1.69 2.71 -10.85
CA GLU A 34 -2.01 3.97 -10.19
C GLU A 34 -1.60 3.88 -8.73
N VAL A 35 -1.75 2.68 -8.18
CA VAL A 35 -1.39 2.41 -6.80
C VAL A 35 0.10 2.65 -6.57
N GLY A 36 0.92 2.12 -7.48
CA GLY A 36 2.37 2.29 -7.36
C GLY A 36 2.75 3.76 -7.40
N LYS A 37 2.09 4.51 -8.26
CA LYS A 37 2.34 5.94 -8.40
C LYS A 37 1.94 6.66 -7.11
N ALA A 38 0.82 6.23 -6.54
CA ALA A 38 0.36 6.80 -5.29
C ALA A 38 1.31 6.46 -4.16
N ILE A 39 1.83 5.25 -4.20
CA ILE A 39 2.79 4.79 -3.18
C ILE A 39 3.95 5.77 -3.06
N GLU A 40 4.48 6.19 -4.19
CA GLU A 40 5.60 7.11 -4.22
C GLU A 40 5.16 8.49 -3.75
N GLN A 41 4.05 8.97 -4.30
CA GLN A 41 3.51 10.27 -3.95
C GLN A 41 3.13 10.33 -2.48
N GLY A 42 2.58 9.22 -1.98
CA GLY A 42 2.13 9.16 -0.60
C GLY A 42 3.26 9.27 0.40
N ARG A 43 4.39 8.64 0.08
CA ARG A 43 5.54 8.65 0.97
C ARG A 43 6.30 9.95 0.87
N GLN A 44 6.42 10.49 -0.33
CA GLN A 44 7.14 11.75 -0.51
C GLN A 44 6.30 12.90 0.04
N LYS A 45 5.03 12.63 0.30
CA LYS A 45 4.11 13.63 0.83
C LYS A 45 4.26 13.80 2.34
N PHE A 46 5.33 13.22 2.89
CA PHE A 46 5.58 13.31 4.32
C PHE A 46 6.24 14.64 4.67
N GLU A 47 6.91 14.68 5.82
CA GLU A 47 7.56 15.89 6.27
C GLU A 47 8.99 15.61 6.71
N PRO A 48 9.99 16.01 5.90
CA PRO A 48 9.77 16.69 4.61
C PRO A 48 9.44 15.71 3.49
N THR A 49 9.98 14.54 3.64
CA THR A 49 9.81 13.45 2.69
C THR A 49 10.18 12.12 3.36
N MET A 50 9.36 11.10 3.15
CA MET A 50 9.64 9.79 3.74
C MET A 50 10.50 8.97 2.79
N THR A 51 11.60 8.45 3.31
CA THR A 51 12.50 7.64 2.51
C THR A 51 11.97 6.22 2.37
N GLN A 52 12.51 5.49 1.41
CA GLN A 52 12.10 4.12 1.16
C GLN A 52 12.54 3.20 2.30
N ALA A 53 13.63 3.57 2.95
CA ALA A 53 14.16 2.80 4.06
C ALA A 53 13.27 2.90 5.30
N GLU A 54 12.64 4.06 5.47
CA GLU A 54 11.76 4.27 6.62
C GLU A 54 10.53 3.39 6.53
N LEU A 55 9.81 3.48 5.42
CA LEU A 55 8.61 2.67 5.23
C LEU A 55 8.97 1.20 5.20
N GLY A 56 10.08 0.86 4.55
CA GLY A 56 10.52 -0.52 4.47
C GLY A 56 10.75 -1.09 5.85
N LYS A 57 11.43 -0.33 6.69
CA LYS A 57 11.71 -0.76 8.05
C LYS A 57 10.40 -0.87 8.84
N GLU A 58 9.54 0.14 8.68
CA GLU A 58 8.26 0.17 9.38
C GLU A 58 7.37 -1.02 9.04
N ILE A 59 7.40 -1.48 7.78
CA ILE A 59 6.58 -2.61 7.39
C ILE A 59 7.29 -3.95 7.63
N GLY A 60 8.58 -3.89 7.92
CA GLY A 60 9.34 -5.10 8.20
C GLY A 60 9.99 -5.70 6.97
N GLU A 61 10.20 -4.89 5.95
CA GLU A 61 10.81 -5.34 4.71
C GLU A 61 12.10 -4.55 4.45
N THR A 62 12.51 -4.46 3.19
CA THR A 62 13.72 -3.72 2.84
C THR A 62 13.38 -2.51 1.99
N ALA A 63 14.39 -1.72 1.65
CA ALA A 63 14.20 -0.54 0.83
C ALA A 63 13.81 -0.93 -0.59
N ALA A 64 14.35 -2.06 -1.05
CA ALA A 64 14.05 -2.58 -2.38
C ALA A 64 12.57 -2.91 -2.50
N THR A 65 12.01 -3.44 -1.41
CA THR A 65 10.60 -3.79 -1.38
C THR A 65 9.74 -2.57 -1.69
N VAL A 66 10.04 -1.48 -1.02
CA VAL A 66 9.30 -0.23 -1.21
C VAL A 66 9.50 0.31 -2.63
N ALA A 67 10.77 0.33 -3.07
CA ALA A 67 11.09 0.82 -4.40
C ALA A 67 10.44 -0.03 -5.49
N SER A 68 10.40 -1.34 -5.25
CA SER A 68 9.78 -2.27 -6.18
C SER A 68 8.25 -2.16 -6.13
N TYR A 69 7.73 -1.72 -4.98
CA TYR A 69 6.29 -1.57 -4.80
C TYR A 69 5.75 -0.40 -5.62
N GLU A 70 6.46 0.73 -5.62
CA GLU A 70 6.02 1.92 -6.37
C GLU A 70 5.93 1.61 -7.86
N ARG A 71 6.59 0.54 -8.29
CA ARG A 71 6.58 0.11 -9.66
C ARG A 71 5.16 -0.29 -10.09
N GLY A 72 4.35 -0.64 -9.09
CA GLY A 72 2.99 -1.05 -9.37
C GLY A 72 2.86 -2.55 -9.45
N THR A 73 3.82 -3.25 -8.86
CA THR A 73 3.86 -4.70 -8.87
C THR A 73 5.00 -5.19 -7.99
N ALA A 74 4.63 -5.85 -6.93
CA ALA A 74 5.58 -6.40 -5.98
C ALA A 74 4.91 -7.49 -5.14
N THR A 75 3.94 -8.16 -5.75
CA THR A 75 3.16 -9.19 -5.06
C THR A 75 2.47 -8.56 -3.84
N PRO A 76 1.23 -8.10 -4.03
CA PRO A 76 0.48 -7.39 -2.98
C PRO A 76 0.00 -8.23 -1.82
N ASP A 77 0.69 -8.09 -0.69
CA ASP A 77 0.27 -8.76 0.52
C ASP A 77 -0.66 -7.79 1.20
N GLN A 78 -1.90 -8.20 1.41
CA GLN A 78 -2.93 -7.32 1.98
C GLN A 78 -2.46 -6.59 3.24
N ASN A 79 -1.85 -7.34 4.15
CA ASN A 79 -1.38 -6.76 5.40
C ASN A 79 -0.29 -5.70 5.16
N ILE A 80 0.56 -5.94 4.16
CA ILE A 80 1.64 -5.01 3.85
C ILE A 80 1.09 -3.69 3.31
N LEU A 81 0.29 -3.77 2.24
CA LEU A 81 -0.30 -2.57 1.63
C LEU A 81 -1.07 -1.76 2.67
N SER A 82 -1.74 -2.47 3.55
CA SER A 82 -2.52 -1.84 4.60
C SER A 82 -1.67 -0.94 5.49
N LYS A 83 -0.55 -1.47 5.98
CA LYS A 83 0.34 -0.69 6.84
C LYS A 83 1.16 0.32 6.05
N MET A 84 1.51 -0.06 4.83
CA MET A 84 2.31 0.80 3.95
C MET A 84 1.73 2.20 3.79
N GLU A 85 0.51 2.25 3.27
CA GLU A 85 -0.17 3.51 3.05
C GLU A 85 -0.74 4.09 4.34
N ARG A 86 -0.98 3.23 5.33
CA ARG A 86 -1.53 3.66 6.61
C ARG A 86 -0.73 4.80 7.22
N VAL A 87 0.60 4.70 7.12
CA VAL A 87 1.49 5.72 7.66
C VAL A 87 1.36 7.04 6.91
N LEU A 88 0.92 6.97 5.67
CA LEU A 88 0.78 8.15 4.83
C LEU A 88 -0.66 8.65 4.76
N ASN A 89 -1.60 7.79 5.17
CA ASN A 89 -3.03 8.11 5.17
C ASN A 89 -3.58 7.98 3.78
N VAL A 90 -3.32 6.82 3.17
CA VAL A 90 -3.81 6.51 1.85
C VAL A 90 -4.41 5.11 1.88
N LYS A 91 -5.28 4.76 0.93
CA LYS A 91 -5.87 3.43 0.93
C LYS A 91 -5.77 2.72 -0.39
N LEU A 92 -5.21 3.43 -1.35
CA LEU A 92 -5.01 2.92 -2.72
C LEU A 92 -6.29 2.41 -3.39
N ARG A 93 -7.43 2.67 -2.78
CA ARG A 93 -8.72 2.22 -3.33
C ARG A 93 -9.73 3.34 -3.32
N GLY A 94 -10.67 3.30 -4.25
CA GLY A 94 -11.68 4.33 -4.34
C GLY A 94 -11.40 5.31 -5.45
N ALA A 95 -12.27 6.30 -5.60
CA ALA A 95 -12.09 7.31 -6.63
C ALA A 95 -11.05 8.32 -6.17
N ASN A 96 -10.90 8.44 -4.86
CA ASN A 96 -9.93 9.35 -4.27
C ASN A 96 -8.58 8.68 -4.10
N ILE A 97 -8.04 8.15 -5.18
CA ILE A 97 -6.74 7.50 -5.13
C ILE A 97 -5.65 8.51 -4.79
N GLY A 98 -4.72 8.11 -3.94
CA GLY A 98 -3.65 8.99 -3.54
C GLY A 98 -4.08 9.88 -2.41
N ALA A 99 -5.14 9.45 -1.73
CA ALA A 99 -5.70 10.20 -0.61
C ALA A 99 -6.34 9.23 0.37
N PRO A 100 -6.58 9.64 1.63
CA PRO A 100 -7.24 8.78 2.62
C PRO A 100 -8.64 8.41 2.14
N ARG A 101 -8.92 7.13 2.02
CA ARG A 101 -10.22 6.68 1.56
C ARG A 101 -10.64 5.46 2.35
N LEU A 102 -11.18 5.70 3.53
CA LEU A 102 -11.61 4.62 4.40
C LEU A 102 -12.80 3.87 3.84
N GLY A 103 -12.53 2.68 3.31
CA GLY A 103 -13.58 1.85 2.76
C GLY A 103 -13.77 0.60 3.59
N PRO A 104 -14.70 -0.29 3.22
CA PRO A 104 -14.96 -1.53 3.96
C PRO A 104 -13.73 -2.46 3.93
N LYS A 105 -13.13 -2.67 5.10
CA LYS A 105 -11.97 -3.53 5.21
C LYS A 105 -12.02 -4.33 6.51
N LYS A 106 -11.13 -5.31 6.63
CA LYS A 106 -11.09 -6.15 7.83
C LYS A 106 -9.92 -5.77 8.72
N LYS A 107 -9.95 -6.26 9.95
CA LYS A 107 -8.90 -5.99 10.91
C LYS A 107 -7.81 -7.04 10.80
N GLY A 1 34.72 28.08 -7.89
CA GLY A 1 33.48 28.88 -8.04
C GLY A 1 32.53 28.63 -6.89
N ALA A 2 31.34 29.21 -6.98
CA ALA A 2 30.34 29.05 -5.93
C ALA A 2 28.96 28.81 -6.53
N MET A 3 28.08 28.20 -5.75
CA MET A 3 26.72 27.92 -6.19
C MET A 3 25.71 28.67 -5.32
N ASP A 4 24.54 28.92 -5.88
CA ASP A 4 23.48 29.64 -5.15
C ASP A 4 22.44 28.66 -4.61
N PRO A 5 21.85 28.98 -3.44
CA PRO A 5 20.82 28.13 -2.80
C PRO A 5 19.56 28.00 -3.65
N GLU A 6 18.87 26.89 -3.50
CA GLU A 6 17.65 26.64 -4.25
C GLU A 6 16.45 26.52 -3.31
N PHE A 7 15.25 26.78 -3.84
CA PHE A 7 14.04 26.70 -3.05
C PHE A 7 12.86 26.35 -3.95
N ALA A 8 11.83 25.73 -3.37
CA ALA A 8 10.65 25.35 -4.14
C ALA A 8 9.42 25.25 -3.25
N GLY A 9 8.29 24.87 -3.83
CA GLY A 9 7.06 24.73 -3.08
C GLY A 9 6.12 23.75 -3.72
N GLY A 10 4.85 24.12 -3.84
CA GLY A 10 3.85 23.25 -4.44
C GLY A 10 2.53 23.30 -3.71
N THR A 11 1.47 22.92 -4.39
CA THR A 11 0.14 22.91 -3.81
C THR A 11 -0.65 21.69 -4.28
N GLU A 12 -1.81 21.46 -3.67
CA GLU A 12 -2.65 20.33 -4.02
C GLU A 12 -3.38 20.58 -5.35
N GLY A 13 -4.17 19.62 -5.78
CA GLY A 13 -4.90 19.77 -7.01
C GLY A 13 -6.20 18.97 -7.01
N GLN A 14 -6.36 18.13 -8.02
CA GLN A 14 -7.56 17.31 -8.13
C GLN A 14 -7.58 16.24 -7.04
N ARG A 15 -8.77 15.92 -6.57
CA ARG A 15 -8.95 14.92 -5.53
C ARG A 15 -9.24 13.56 -6.16
N LEU A 16 -10.19 13.54 -7.08
CA LEU A 16 -10.58 12.32 -7.76
C LEU A 16 -9.86 12.23 -9.10
N THR A 17 -9.28 11.08 -9.39
CA THR A 17 -8.56 10.89 -10.63
C THR A 17 -9.34 9.98 -11.57
N LYS A 18 -9.49 8.73 -11.18
CA LYS A 18 -10.20 7.75 -11.99
C LYS A 18 -11.01 6.80 -11.11
N VAL A 19 -12.15 6.36 -11.61
CA VAL A 19 -13.01 5.45 -10.86
C VAL A 19 -12.47 4.02 -10.93
N ASP A 20 -12.97 3.16 -10.05
CA ASP A 20 -12.54 1.77 -10.01
C ASP A 20 -13.67 0.84 -10.40
N ARG A 21 -13.39 -0.09 -11.29
CA ARG A 21 -14.37 -1.05 -11.74
C ARG A 21 -13.75 -2.44 -11.79
N SER A 22 -14.58 -3.46 -11.69
CA SER A 22 -14.12 -4.84 -11.72
C SER A 22 -13.66 -5.24 -13.12
N ASP A 23 -12.83 -6.27 -13.20
CA ASP A 23 -12.34 -6.75 -14.48
C ASP A 23 -12.06 -8.25 -14.41
N ASP A 24 -12.77 -9.02 -15.22
CA ASP A 24 -12.61 -10.47 -15.24
C ASP A 24 -11.44 -10.88 -16.15
N ILE A 25 -10.42 -10.02 -16.20
CA ILE A 25 -9.24 -10.27 -17.00
C ILE A 25 -8.26 -11.16 -16.24
N ILE A 26 -8.51 -11.32 -14.93
CA ILE A 26 -7.66 -12.12 -14.06
C ILE A 26 -6.23 -11.58 -14.04
N LYS A 27 -6.04 -10.50 -13.31
CA LYS A 27 -4.73 -9.88 -13.21
C LYS A 27 -3.76 -10.78 -12.45
N PRO A 28 -2.45 -10.63 -12.71
CA PRO A 28 -1.41 -11.41 -12.03
C PRO A 28 -1.17 -10.94 -10.61
N LYS A 29 -0.02 -11.28 -10.04
CA LYS A 29 0.31 -10.87 -8.69
C LYS A 29 0.89 -9.46 -8.67
N THR A 30 0.24 -8.55 -9.36
CA THR A 30 0.69 -7.17 -9.43
C THR A 30 -0.11 -6.30 -8.47
N VAL A 31 0.57 -5.41 -7.77
CA VAL A 31 -0.09 -4.54 -6.81
C VAL A 31 -0.93 -3.48 -7.52
N GLY A 32 -0.46 -3.02 -8.67
CA GLY A 32 -1.20 -2.02 -9.42
C GLY A 32 -0.31 -0.89 -9.88
N LYS A 33 -0.39 -0.57 -11.16
CA LYS A 33 0.41 0.51 -11.74
C LYS A 33 0.10 1.85 -11.09
N GLU A 34 -1.18 2.20 -11.07
CA GLU A 34 -1.62 3.46 -10.46
C GLU A 34 -1.35 3.42 -8.96
N VAL A 35 -1.46 2.23 -8.40
CA VAL A 35 -1.23 2.01 -6.99
C VAL A 35 0.22 2.34 -6.63
N GLY A 36 1.15 1.86 -7.46
CA GLY A 36 2.56 2.09 -7.23
C GLY A 36 2.93 3.57 -7.23
N LYS A 37 2.37 4.32 -8.18
CA LYS A 37 2.66 5.75 -8.27
C LYS A 37 2.06 6.50 -7.09
N ALA A 38 0.90 6.03 -6.64
CA ALA A 38 0.23 6.63 -5.51
C ALA A 38 1.01 6.33 -4.24
N ILE A 39 1.70 5.20 -4.23
CA ILE A 39 2.51 4.80 -3.09
C ILE A 39 3.58 5.85 -2.83
N GLU A 40 4.22 6.33 -3.89
CA GLU A 40 5.26 7.33 -3.75
C GLU A 40 4.66 8.65 -3.35
N GLN A 41 3.70 9.09 -4.15
CA GLN A 41 3.02 10.36 -3.92
C GLN A 41 2.42 10.44 -2.52
N GLY A 42 1.88 9.33 -2.03
CA GLY A 42 1.26 9.34 -0.71
C GLY A 42 2.28 9.29 0.41
N ARG A 43 3.37 8.58 0.18
CA ARG A 43 4.41 8.41 1.18
C ARG A 43 5.35 9.62 1.22
N GLN A 44 5.45 10.32 0.09
CA GLN A 44 6.29 11.51 0.01
C GLN A 44 5.62 12.67 0.72
N LYS A 45 4.36 12.47 1.11
CA LYS A 45 3.59 13.48 1.81
C LYS A 45 4.00 13.63 3.27
N PHE A 46 5.07 12.95 3.67
CA PHE A 46 5.53 13.01 5.05
C PHE A 46 6.36 14.25 5.31
N GLU A 47 6.79 14.89 4.23
CA GLU A 47 7.62 16.09 4.27
C GLU A 47 8.96 15.85 4.97
N PRO A 48 10.07 15.88 4.20
CA PRO A 48 10.05 16.14 2.76
C PRO A 48 9.58 14.94 1.97
N THR A 49 10.00 13.78 2.43
CA THR A 49 9.68 12.51 1.80
C THR A 49 10.13 11.36 2.71
N MET A 50 9.29 10.35 2.87
CA MET A 50 9.62 9.18 3.67
C MET A 50 10.68 8.36 2.96
N THR A 51 11.77 8.08 3.67
CA THR A 51 12.86 7.31 3.13
C THR A 51 12.43 5.88 2.77
N GLN A 52 13.04 5.33 1.72
CA GLN A 52 12.71 3.97 1.28
C GLN A 52 13.11 2.96 2.35
N ALA A 53 14.27 3.19 2.95
CA ALA A 53 14.77 2.30 4.00
C ALA A 53 13.85 2.28 5.21
N GLU A 54 13.46 3.47 5.66
CA GLU A 54 12.59 3.60 6.82
C GLU A 54 11.19 3.07 6.49
N LEU A 55 10.74 3.31 5.28
CA LEU A 55 9.44 2.83 4.84
C LEU A 55 9.43 1.30 4.91
N GLY A 56 10.50 0.70 4.43
CA GLY A 56 10.63 -0.74 4.45
C GLY A 56 10.68 -1.26 5.87
N LYS A 57 11.43 -0.58 6.72
CA LYS A 57 11.56 -0.97 8.11
C LYS A 57 10.20 -0.88 8.82
N GLU A 58 9.41 0.10 8.43
CA GLU A 58 8.09 0.31 9.02
C GLU A 58 7.09 -0.76 8.57
N ILE A 59 7.13 -1.12 7.30
CA ILE A 59 6.21 -2.12 6.76
C ILE A 59 6.68 -3.54 7.04
N GLY A 60 7.87 -3.67 7.59
CA GLY A 60 8.41 -4.98 7.92
C GLY A 60 9.05 -5.67 6.72
N GLU A 61 9.56 -4.87 5.81
CA GLU A 61 10.21 -5.39 4.62
C GLU A 61 11.57 -4.70 4.44
N THR A 62 12.00 -4.49 3.21
CA THR A 62 13.27 -3.84 2.95
C THR A 62 13.09 -2.64 2.02
N ALA A 63 14.18 -1.91 1.78
CA ALA A 63 14.15 -0.74 0.90
C ALA A 63 13.77 -1.15 -0.51
N ALA A 64 14.28 -2.29 -0.96
CA ALA A 64 13.98 -2.81 -2.29
C ALA A 64 12.49 -3.05 -2.45
N THR A 65 11.85 -3.48 -1.37
CA THR A 65 10.42 -3.75 -1.39
C THR A 65 9.66 -2.48 -1.73
N VAL A 66 10.02 -1.39 -1.08
CA VAL A 66 9.38 -0.09 -1.31
C VAL A 66 9.65 0.39 -2.73
N ALA A 67 10.92 0.28 -3.14
CA ALA A 67 11.33 0.71 -4.47
C ALA A 67 10.66 -0.15 -5.54
N SER A 68 10.42 -1.41 -5.22
CA SER A 68 9.76 -2.32 -6.13
C SER A 68 8.24 -2.08 -6.18
N TYR A 69 7.69 -1.57 -5.07
CA TYR A 69 6.25 -1.31 -4.97
C TYR A 69 5.82 -0.14 -5.84
N GLU A 70 6.63 0.91 -5.88
CA GLU A 70 6.31 2.10 -6.69
C GLU A 70 6.19 1.76 -8.18
N ARG A 71 6.75 0.62 -8.56
CA ARG A 71 6.70 0.16 -9.90
C ARG A 71 5.29 -0.34 -10.26
N GLY A 72 4.59 -0.84 -9.25
CA GLY A 72 3.26 -1.34 -9.45
C GLY A 72 3.19 -2.85 -9.60
N THR A 73 4.28 -3.53 -9.29
CA THR A 73 4.32 -4.99 -9.41
C THR A 73 5.26 -5.59 -8.37
N ALA A 74 4.96 -5.34 -7.11
CA ALA A 74 5.77 -5.86 -6.02
C ALA A 74 4.98 -6.86 -5.18
N THR A 75 4.01 -7.52 -5.81
CA THR A 75 3.16 -8.48 -5.15
C THR A 75 2.29 -7.80 -4.08
N PRO A 76 0.98 -7.68 -4.32
CA PRO A 76 0.08 -7.02 -3.38
C PRO A 76 -0.15 -7.80 -2.10
N ASP A 77 0.71 -7.56 -1.12
CA ASP A 77 0.59 -8.20 0.18
C ASP A 77 -0.32 -7.35 1.03
N GLN A 78 -1.48 -7.90 1.37
CA GLN A 78 -2.50 -7.18 2.15
C GLN A 78 -1.90 -6.53 3.39
N ASN A 79 -1.09 -7.29 4.10
CA ASN A 79 -0.45 -6.77 5.31
C ASN A 79 0.44 -5.58 5.00
N ILE A 80 1.24 -5.69 3.93
CA ILE A 80 2.13 -4.61 3.53
C ILE A 80 1.33 -3.36 3.15
N LEU A 81 0.39 -3.51 2.20
CA LEU A 81 -0.45 -2.40 1.76
C LEU A 81 -1.08 -1.69 2.96
N SER A 82 -1.52 -2.51 3.92
CA SER A 82 -2.14 -2.03 5.13
C SER A 82 -1.19 -1.09 5.91
N LYS A 83 0.07 -1.49 6.01
CA LYS A 83 1.07 -0.70 6.73
C LYS A 83 1.46 0.56 5.96
N MET A 84 1.67 0.41 4.65
CA MET A 84 2.09 1.51 3.79
C MET A 84 1.22 2.75 3.99
N GLU A 85 -0.05 2.57 3.80
CA GLU A 85 -1.04 3.64 3.92
C GLU A 85 -1.30 4.05 5.37
N ARG A 86 -1.12 3.11 6.29
CA ARG A 86 -1.37 3.35 7.71
C ARG A 86 -0.36 4.31 8.32
N VAL A 87 0.79 4.44 7.70
CA VAL A 87 1.84 5.31 8.22
C VAL A 87 1.37 6.76 8.13
N LEU A 88 0.46 7.03 7.21
CA LEU A 88 -0.02 8.37 6.99
C LEU A 88 -1.54 8.47 7.12
N ASN A 89 -2.25 8.40 5.98
CA ASN A 89 -3.72 8.53 5.97
C ASN A 89 -4.27 8.57 4.56
N VAL A 90 -3.64 7.91 3.63
CA VAL A 90 -4.14 7.89 2.26
C VAL A 90 -4.63 6.50 1.92
N LYS A 91 -5.65 6.41 1.08
CA LYS A 91 -6.19 5.13 0.71
C LYS A 91 -5.99 4.88 -0.77
N LEU A 92 -5.51 3.69 -1.09
CA LEU A 92 -5.27 3.32 -2.48
C LEU A 92 -6.45 2.50 -3.00
N ARG A 93 -7.66 2.92 -2.64
CA ARG A 93 -8.87 2.25 -3.07
C ARG A 93 -9.94 3.30 -3.41
N GLY A 94 -10.69 3.06 -4.49
CA GLY A 94 -11.73 3.99 -4.88
C GLY A 94 -11.31 4.93 -6.00
N ALA A 95 -11.98 6.06 -6.11
CA ALA A 95 -11.68 7.04 -7.14
C ALA A 95 -10.78 8.14 -6.60
N ASN A 96 -10.73 8.26 -5.29
CA ASN A 96 -9.90 9.26 -4.63
C ASN A 96 -8.59 8.63 -4.18
N ILE A 97 -7.92 7.99 -5.13
CA ILE A 97 -6.66 7.30 -4.86
C ILE A 97 -5.58 8.26 -4.39
N GLY A 98 -4.82 7.84 -3.37
CA GLY A 98 -3.75 8.66 -2.86
C GLY A 98 -4.24 9.72 -1.90
N ALA A 99 -5.52 9.69 -1.63
CA ALA A 99 -6.14 10.65 -0.73
C ALA A 99 -6.78 9.94 0.47
N PRO A 100 -6.90 10.63 1.63
CA PRO A 100 -7.54 10.08 2.82
C PRO A 100 -8.98 9.66 2.52
N ARG A 101 -9.30 8.39 2.73
CA ARG A 101 -10.64 7.88 2.49
C ARG A 101 -10.79 6.55 3.18
N LEU A 102 -10.78 6.58 4.50
CA LEU A 102 -10.89 5.37 5.30
C LEU A 102 -12.31 4.84 5.31
N GLY A 103 -12.64 4.11 4.28
CA GLY A 103 -13.95 3.53 4.13
C GLY A 103 -14.30 3.31 2.68
N PRO A 104 -13.73 2.27 2.05
CA PRO A 104 -14.00 1.98 0.64
C PRO A 104 -15.40 1.44 0.41
N LYS A 105 -15.79 1.32 -0.84
CA LYS A 105 -17.12 0.83 -1.19
C LYS A 105 -17.07 -0.67 -1.42
N LYS A 106 -18.15 -1.35 -1.09
CA LYS A 106 -18.26 -2.78 -1.27
C LYS A 106 -19.21 -3.10 -2.42
N LYS A 107 -18.96 -4.20 -3.10
CA LYS A 107 -19.79 -4.61 -4.21
C LYS A 107 -21.04 -5.30 -3.69
N GLY A 1 -55.38 23.07 -53.31
CA GLY A 1 -55.40 22.04 -52.23
C GLY A 1 -54.64 22.48 -51.00
N ALA A 2 -55.38 23.01 -50.02
CA ALA A 2 -54.79 23.48 -48.78
C ALA A 2 -54.86 22.39 -47.71
N MET A 3 -53.73 21.74 -47.46
CA MET A 3 -53.66 20.68 -46.46
C MET A 3 -53.01 21.18 -45.18
N ASP A 4 -53.51 20.69 -44.05
CA ASP A 4 -52.97 21.09 -42.75
C ASP A 4 -52.59 19.85 -41.93
N PRO A 5 -51.34 19.38 -42.05
CA PRO A 5 -50.86 18.21 -41.33
C PRO A 5 -50.31 18.54 -39.94
N GLU A 6 -50.34 17.56 -39.05
CA GLU A 6 -49.85 17.73 -37.69
C GLU A 6 -49.42 16.39 -37.11
N PHE A 7 -48.32 16.39 -36.35
CA PHE A 7 -47.81 15.17 -35.74
C PHE A 7 -46.90 15.50 -34.56
N ALA A 8 -46.83 14.58 -33.60
CA ALA A 8 -45.99 14.75 -32.42
C ALA A 8 -45.37 13.43 -32.04
N GLY A 9 -44.18 13.48 -31.44
CA GLY A 9 -43.50 12.26 -31.04
C GLY A 9 -42.46 12.50 -29.96
N GLY A 10 -42.00 11.42 -29.33
CA GLY A 10 -41.00 11.53 -28.28
C GLY A 10 -39.84 10.60 -28.50
N THR A 11 -38.79 10.77 -27.70
CA THR A 11 -37.61 9.93 -27.81
C THR A 11 -37.56 8.87 -26.71
N GLU A 12 -36.75 7.85 -26.91
CA GLU A 12 -36.61 6.78 -25.93
C GLU A 12 -35.16 6.29 -25.87
N GLY A 13 -34.91 5.25 -25.09
CA GLY A 13 -33.57 4.71 -24.95
C GLY A 13 -33.59 3.33 -24.35
N GLN A 14 -32.52 2.57 -24.57
CA GLN A 14 -32.44 1.22 -24.03
C GLN A 14 -31.14 1.01 -23.26
N ARG A 15 -31.00 -0.17 -22.68
CA ARG A 15 -29.80 -0.51 -21.92
C ARG A 15 -29.08 -1.69 -22.56
N LEU A 16 -27.97 -2.09 -21.97
CA LEU A 16 -27.19 -3.20 -22.49
C LEU A 16 -27.30 -4.41 -21.55
N THR A 17 -26.83 -5.56 -22.03
CA THR A 17 -26.86 -6.79 -21.25
C THR A 17 -25.53 -7.53 -21.36
N LYS A 18 -25.18 -8.27 -20.32
CA LYS A 18 -23.93 -9.04 -20.33
C LYS A 18 -24.24 -10.53 -20.39
N VAL A 19 -23.53 -11.24 -21.24
CA VAL A 19 -23.72 -12.68 -21.41
C VAL A 19 -22.47 -13.43 -21.00
N ASP A 20 -22.53 -14.76 -21.05
CA ASP A 20 -21.38 -15.58 -20.70
C ASP A 20 -20.43 -15.73 -21.89
N ARG A 21 -19.16 -15.49 -21.64
CA ARG A 21 -18.13 -15.59 -22.68
C ARG A 21 -16.82 -16.07 -22.07
N SER A 22 -15.72 -15.91 -22.79
CA SER A 22 -14.41 -16.32 -22.32
C SER A 22 -14.01 -15.53 -21.07
N ASP A 23 -13.55 -16.26 -20.06
CA ASP A 23 -13.13 -15.68 -18.79
C ASP A 23 -11.79 -14.98 -18.96
N ASP A 24 -11.85 -13.70 -19.27
CA ASP A 24 -10.66 -12.88 -19.46
C ASP A 24 -10.18 -12.33 -18.13
N ILE A 25 -9.38 -13.12 -17.43
CA ILE A 25 -8.84 -12.75 -16.14
C ILE A 25 -7.95 -11.50 -16.24
N ILE A 26 -8.35 -10.46 -15.53
CA ILE A 26 -7.61 -9.22 -15.50
C ILE A 26 -7.14 -8.93 -14.08
N LYS A 27 -6.38 -7.83 -13.92
CA LYS A 27 -5.83 -7.39 -12.62
C LYS A 27 -5.37 -8.58 -11.77
N PRO A 28 -4.19 -9.14 -12.09
CA PRO A 28 -3.63 -10.27 -11.35
C PRO A 28 -3.07 -9.86 -10.00
N LYS A 29 -2.29 -10.73 -9.38
CA LYS A 29 -1.70 -10.46 -8.09
C LYS A 29 -0.61 -9.40 -8.22
N THR A 30 -1.03 -8.15 -8.35
CA THR A 30 -0.14 -7.01 -8.48
C THR A 30 -0.67 -5.85 -7.65
N VAL A 31 0.14 -4.82 -7.45
CA VAL A 31 -0.30 -3.69 -6.65
C VAL A 31 -1.03 -2.65 -7.50
N GLY A 32 -0.62 -2.48 -8.75
CA GLY A 32 -1.26 -1.52 -9.63
C GLY A 32 -0.32 -0.41 -10.06
N LYS A 33 -0.46 0.04 -11.30
CA LYS A 33 0.39 1.09 -11.84
C LYS A 33 0.11 2.43 -11.17
N GLU A 34 -1.14 2.87 -11.18
CA GLU A 34 -1.52 4.13 -10.55
C GLU A 34 -1.27 4.04 -9.06
N VAL A 35 -1.49 2.84 -8.52
CA VAL A 35 -1.28 2.55 -7.12
C VAL A 35 0.17 2.81 -6.73
N GLY A 36 1.10 2.32 -7.56
CA GLY A 36 2.50 2.51 -7.32
C GLY A 36 2.90 3.97 -7.26
N LYS A 37 2.39 4.75 -8.21
CA LYS A 37 2.71 6.17 -8.26
C LYS A 37 2.14 6.89 -7.03
N ALA A 38 0.97 6.46 -6.60
CA ALA A 38 0.33 7.03 -5.43
C ALA A 38 1.09 6.65 -4.16
N ILE A 39 1.71 5.47 -4.20
CA ILE A 39 2.51 4.99 -3.07
C ILE A 39 3.64 5.96 -2.80
N GLU A 40 4.32 6.34 -3.86
CA GLU A 40 5.45 7.22 -3.75
C GLU A 40 4.98 8.62 -3.37
N GLN A 41 4.02 9.14 -4.12
CA GLN A 41 3.49 10.47 -3.89
C GLN A 41 2.89 10.61 -2.51
N GLY A 42 2.26 9.57 -1.98
CA GLY A 42 1.66 9.67 -0.67
C GLY A 42 2.68 9.57 0.45
N ARG A 43 3.70 8.75 0.24
CA ARG A 43 4.72 8.52 1.25
C ARG A 43 5.76 9.64 1.28
N GLN A 44 6.21 10.05 0.09
CA GLN A 44 7.22 11.09 -0.02
C GLN A 44 6.69 12.44 0.44
N LYS A 45 5.37 12.57 0.50
CA LYS A 45 4.76 13.84 0.94
C LYS A 45 4.75 13.96 2.47
N PHE A 46 5.74 13.35 3.12
CA PHE A 46 5.82 13.40 4.57
C PHE A 46 6.71 14.54 5.05
N GLU A 47 7.31 15.23 4.09
CA GLU A 47 8.21 16.35 4.37
C GLU A 47 9.42 15.94 5.21
N PRO A 48 10.62 15.91 4.60
CA PRO A 48 10.83 16.23 3.19
C PRO A 48 10.33 15.14 2.26
N THR A 49 10.81 13.94 2.49
CA THR A 49 10.45 12.77 1.70
C THR A 49 10.79 11.49 2.45
N MET A 50 9.78 10.64 2.65
CA MET A 50 9.97 9.37 3.34
C MET A 50 10.90 8.47 2.55
N THR A 51 11.92 7.96 3.22
CA THR A 51 12.88 7.08 2.57
C THR A 51 12.32 5.69 2.40
N GLN A 52 12.88 4.95 1.45
CA GLN A 52 12.43 3.59 1.18
C GLN A 52 12.78 2.71 2.38
N ALA A 53 13.85 3.08 3.08
CA ALA A 53 14.31 2.35 4.25
C ALA A 53 13.32 2.47 5.40
N GLU A 54 12.79 3.68 5.59
CA GLU A 54 11.83 3.93 6.66
C GLU A 54 10.56 3.14 6.44
N LEU A 55 9.96 3.29 5.27
CA LEU A 55 8.74 2.57 4.96
C LEU A 55 8.98 1.07 5.02
N GLY A 56 10.14 0.64 4.53
CA GLY A 56 10.49 -0.76 4.55
C GLY A 56 10.52 -1.31 5.97
N LYS A 57 11.14 -0.56 6.86
CA LYS A 57 11.24 -0.96 8.26
C LYS A 57 9.85 -1.00 8.90
N GLU A 58 9.05 0.02 8.61
CA GLU A 58 7.70 0.11 9.17
C GLU A 58 6.82 -1.06 8.72
N ILE A 59 6.93 -1.44 7.45
CA ILE A 59 6.11 -2.53 6.92
C ILE A 59 6.73 -3.89 7.21
N GLY A 60 8.01 -3.90 7.58
CA GLY A 60 8.70 -5.14 7.89
C GLY A 60 9.31 -5.81 6.67
N GLU A 61 9.58 -5.02 5.65
CA GLU A 61 10.18 -5.53 4.42
C GLU A 61 11.48 -4.80 4.15
N THR A 62 12.10 -5.11 3.02
CA THR A 62 13.35 -4.48 2.65
C THR A 62 13.10 -3.22 1.81
N ALA A 63 14.12 -2.36 1.70
CA ALA A 63 14.00 -1.14 0.92
C ALA A 63 13.68 -1.44 -0.54
N ALA A 64 14.25 -2.53 -1.04
CA ALA A 64 14.03 -2.96 -2.42
C ALA A 64 12.55 -3.25 -2.66
N THR A 65 11.88 -3.73 -1.61
CA THR A 65 10.46 -4.05 -1.71
C THR A 65 9.65 -2.78 -1.91
N VAL A 66 9.95 -1.76 -1.11
CA VAL A 66 9.27 -0.48 -1.20
C VAL A 66 9.51 0.16 -2.55
N ALA A 67 10.76 0.10 -3.01
CA ALA A 67 11.13 0.66 -4.29
C ALA A 67 10.38 -0.04 -5.41
N SER A 68 10.17 -1.34 -5.26
CA SER A 68 9.44 -2.11 -6.24
C SER A 68 7.94 -1.80 -6.17
N TYR A 69 7.48 -1.47 -4.97
CA TYR A 69 6.07 -1.16 -4.74
C TYR A 69 5.63 0.07 -5.53
N GLU A 70 6.45 1.12 -5.50
CA GLU A 70 6.13 2.34 -6.22
C GLU A 70 6.14 2.12 -7.73
N ARG A 71 6.79 1.05 -8.18
CA ARG A 71 6.87 0.72 -9.57
C ARG A 71 5.50 0.21 -10.04
N GLY A 72 4.71 -0.27 -9.09
CA GLY A 72 3.40 -0.80 -9.40
C GLY A 72 3.40 -2.31 -9.45
N THR A 73 4.34 -2.93 -8.74
CA THR A 73 4.46 -4.38 -8.71
C THR A 73 5.52 -4.80 -7.70
N ALA A 74 5.07 -5.43 -6.64
CA ALA A 74 5.95 -5.91 -5.57
C ALA A 74 5.22 -6.93 -4.70
N THR A 75 4.35 -7.70 -5.34
CA THR A 75 3.53 -8.70 -4.66
C THR A 75 2.65 -8.02 -3.62
N PRO A 76 1.38 -7.79 -3.97
CA PRO A 76 0.44 -7.08 -3.10
C PRO A 76 0.02 -7.83 -1.86
N ASP A 77 0.77 -7.67 -0.80
CA ASP A 77 0.42 -8.28 0.45
C ASP A 77 -0.53 -7.30 1.13
N GLN A 78 -1.76 -7.74 1.34
CA GLN A 78 -2.81 -6.90 1.91
C GLN A 78 -2.36 -6.23 3.19
N ASN A 79 -1.66 -6.98 4.02
CA ASN A 79 -1.17 -6.44 5.28
C ASN A 79 -0.14 -5.35 5.03
N ILE A 80 0.77 -5.60 4.09
CA ILE A 80 1.80 -4.62 3.74
C ILE A 80 1.14 -3.34 3.25
N LEU A 81 0.27 -3.47 2.25
CA LEU A 81 -0.45 -2.30 1.69
C LEU A 81 -1.06 -1.48 2.83
N SER A 82 -1.73 -2.19 3.73
CA SER A 82 -2.38 -1.59 4.88
C SER A 82 -1.41 -0.75 5.70
N LYS A 83 -0.19 -1.26 5.86
CA LYS A 83 0.85 -0.56 6.61
C LYS A 83 1.34 0.67 5.87
N MET A 84 1.66 0.48 4.59
CA MET A 84 2.17 1.56 3.74
C MET A 84 1.26 2.77 3.79
N GLU A 85 0.00 2.53 3.54
CA GLU A 85 -1.02 3.57 3.51
C GLU A 85 -1.36 4.12 4.89
N ARG A 86 -1.23 3.29 5.93
CA ARG A 86 -1.55 3.71 7.29
C ARG A 86 -0.64 4.82 7.77
N VAL A 87 0.58 4.85 7.26
CA VAL A 87 1.58 5.83 7.67
C VAL A 87 1.17 7.27 7.32
N LEU A 88 0.45 7.46 6.21
CA LEU A 88 0.06 8.81 5.78
C LEU A 88 -1.45 9.00 5.63
N ASN A 89 -2.23 7.96 5.95
CA ASN A 89 -3.70 8.02 5.86
C ASN A 89 -4.19 8.33 4.45
N VAL A 90 -3.59 7.68 3.46
CA VAL A 90 -4.01 7.82 2.08
C VAL A 90 -4.13 6.44 1.50
N LYS A 91 -5.16 6.17 0.73
CA LYS A 91 -5.35 4.85 0.17
C LYS A 91 -5.20 4.86 -1.33
N LEU A 92 -4.74 3.74 -1.87
CA LEU A 92 -4.54 3.59 -3.30
C LEU A 92 -5.57 2.61 -3.86
N ARG A 93 -6.59 2.34 -3.07
CA ARG A 93 -7.63 1.40 -3.48
C ARG A 93 -8.96 2.12 -3.62
N GLY A 94 -9.72 1.76 -4.64
CA GLY A 94 -11.00 2.38 -4.88
C GLY A 94 -10.86 3.57 -5.80
N ALA A 95 -11.87 4.43 -5.81
CA ALA A 95 -11.87 5.62 -6.66
C ALA A 95 -11.24 6.79 -5.93
N ASN A 96 -11.31 6.78 -4.61
CA ASN A 96 -10.76 7.86 -3.80
C ASN A 96 -9.30 7.64 -3.48
N ILE A 97 -8.49 7.43 -4.52
CA ILE A 97 -7.06 7.23 -4.34
C ILE A 97 -6.40 8.56 -4.00
N GLY A 98 -5.41 8.52 -3.11
CA GLY A 98 -4.73 9.73 -2.72
C GLY A 98 -5.38 10.31 -1.47
N ALA A 99 -6.44 9.66 -1.05
CA ALA A 99 -7.18 10.06 0.13
C ALA A 99 -7.50 8.83 0.97
N PRO A 100 -7.74 9.00 2.29
CA PRO A 100 -8.10 7.87 3.16
C PRO A 100 -9.41 7.25 2.68
N ARG A 101 -9.39 5.96 2.39
CA ARG A 101 -10.59 5.28 1.90
C ARG A 101 -10.58 3.81 2.30
N LEU A 102 -11.30 3.50 3.35
CA LEU A 102 -11.41 2.14 3.85
C LEU A 102 -12.72 1.99 4.61
N GLY A 103 -13.05 0.76 4.97
CA GLY A 103 -14.27 0.53 5.70
C GLY A 103 -14.14 0.96 7.14
N PRO A 104 -15.23 0.93 7.92
CA PRO A 104 -15.20 1.32 9.33
C PRO A 104 -14.24 0.46 10.15
N LYS A 105 -13.92 -0.72 9.62
CA LYS A 105 -13.01 -1.63 10.29
C LYS A 105 -11.61 -1.51 9.68
N LYS A 106 -10.65 -1.12 10.50
CA LYS A 106 -9.27 -0.96 10.04
C LYS A 106 -8.52 -2.27 10.20
N LYS A 107 -7.34 -2.35 9.59
CA LYS A 107 -6.52 -3.55 9.67
C LYS A 107 -5.64 -3.49 10.91
N GLY A 1 -47.39 -23.88 33.56
CA GLY A 1 -46.75 -22.73 32.89
C GLY A 1 -45.34 -22.50 33.37
N ALA A 2 -44.63 -21.59 32.71
CA ALA A 2 -43.26 -21.29 33.10
C ALA A 2 -42.97 -19.80 32.97
N MET A 3 -42.27 -19.26 33.95
CA MET A 3 -41.92 -17.85 33.96
C MET A 3 -40.51 -17.65 33.44
N ASP A 4 -40.32 -16.62 32.62
CA ASP A 4 -39.01 -16.32 32.05
C ASP A 4 -38.88 -14.83 31.79
N PRO A 5 -37.67 -14.27 31.96
CA PRO A 5 -37.41 -12.85 31.74
C PRO A 5 -37.37 -12.48 30.27
N GLU A 6 -37.80 -11.26 29.95
CA GLU A 6 -37.82 -10.76 28.59
C GLU A 6 -36.41 -10.67 28.03
N PHE A 7 -36.26 -10.97 26.75
CA PHE A 7 -34.96 -10.95 26.09
C PHE A 7 -34.48 -9.52 25.88
N ALA A 8 -33.17 -9.35 25.88
CA ALA A 8 -32.56 -8.05 25.69
C ALA A 8 -31.44 -8.14 24.65
N GLY A 9 -31.04 -6.99 24.11
CA GLY A 9 -30.00 -6.97 23.11
C GLY A 9 -28.75 -6.29 23.60
N GLY A 10 -27.62 -6.61 22.98
CA GLY A 10 -26.37 -6.01 23.36
C GLY A 10 -25.37 -5.99 22.22
N THR A 11 -24.29 -5.27 22.40
CA THR A 11 -23.27 -5.17 21.37
C THR A 11 -21.88 -5.03 21.98
N GLU A 12 -21.18 -6.15 22.07
CA GLU A 12 -19.83 -6.16 22.62
C GLU A 12 -18.81 -6.28 21.49
N GLY A 13 -17.63 -5.72 21.69
CA GLY A 13 -16.61 -5.78 20.66
C GLY A 13 -15.29 -6.31 21.17
N GLN A 14 -14.25 -6.21 20.34
CA GLN A 14 -12.92 -6.68 20.70
C GLN A 14 -11.87 -5.97 19.86
N ARG A 15 -10.61 -6.09 20.25
CA ARG A 15 -9.52 -5.45 19.53
C ARG A 15 -8.54 -6.49 18.99
N LEU A 16 -8.97 -7.74 18.95
CA LEU A 16 -8.13 -8.82 18.45
C LEU A 16 -8.13 -8.86 16.94
N THR A 17 -6.94 -8.81 16.36
CA THR A 17 -6.78 -8.85 14.91
C THR A 17 -5.57 -9.69 14.52
N LYS A 18 -5.83 -10.80 13.84
CA LYS A 18 -4.76 -11.69 13.38
C LYS A 18 -4.92 -11.95 11.89
N VAL A 19 -3.83 -11.84 11.15
CA VAL A 19 -3.87 -12.06 9.70
C VAL A 19 -2.85 -13.12 9.28
N ASP A 20 -3.28 -14.07 8.47
CA ASP A 20 -2.40 -15.12 7.98
C ASP A 20 -2.24 -14.99 6.48
N ARG A 21 -1.10 -15.44 5.96
CA ARG A 21 -0.83 -15.36 4.53
C ARG A 21 -0.22 -16.66 4.03
N SER A 22 -0.18 -16.82 2.72
CA SER A 22 0.39 -18.00 2.10
C SER A 22 1.39 -17.56 1.05
N ASP A 23 2.53 -18.23 0.97
CA ASP A 23 3.56 -17.87 0.02
C ASP A 23 4.14 -19.11 -0.62
N ASP A 24 4.36 -19.00 -1.91
CA ASP A 24 4.94 -20.06 -2.71
C ASP A 24 5.63 -19.47 -3.94
N ILE A 25 5.03 -19.64 -5.11
CA ILE A 25 5.58 -19.08 -6.33
C ILE A 25 4.98 -17.71 -6.59
N ILE A 26 5.33 -17.07 -7.70
CA ILE A 26 4.80 -15.76 -8.03
C ILE A 26 3.29 -15.83 -8.22
N LYS A 27 2.55 -15.28 -7.28
CA LYS A 27 1.09 -15.29 -7.33
C LYS A 27 0.56 -14.17 -8.20
N PRO A 28 -0.65 -14.33 -8.77
CA PRO A 28 -1.28 -13.31 -9.61
C PRO A 28 -1.73 -12.09 -8.79
N LYS A 29 -2.38 -11.15 -9.45
CA LYS A 29 -2.86 -9.91 -8.81
C LYS A 29 -1.69 -9.08 -8.31
N THR A 30 -1.38 -8.01 -9.01
CA THR A 30 -0.30 -7.13 -8.61
C THR A 30 -0.83 -6.03 -7.68
N VAL A 31 -0.01 -5.02 -7.41
CA VAL A 31 -0.43 -3.94 -6.55
C VAL A 31 -1.24 -2.90 -7.32
N GLY A 32 -0.97 -2.79 -8.62
CA GLY A 32 -1.68 -1.82 -9.44
C GLY A 32 -0.73 -0.77 -10.00
N LYS A 33 -0.93 -0.39 -11.26
CA LYS A 33 -0.08 0.59 -11.91
C LYS A 33 -0.23 1.97 -11.26
N GLU A 34 -1.46 2.46 -11.21
CA GLU A 34 -1.73 3.75 -10.61
C GLU A 34 -1.46 3.68 -9.12
N VAL A 35 -1.72 2.51 -8.55
CA VAL A 35 -1.48 2.27 -7.14
C VAL A 35 0.00 2.45 -6.82
N GLY A 36 0.86 1.90 -7.68
CA GLY A 36 2.29 2.02 -7.47
C GLY A 36 2.74 3.46 -7.53
N LYS A 37 2.18 4.20 -8.48
CA LYS A 37 2.50 5.62 -8.65
C LYS A 37 2.04 6.40 -7.42
N ALA A 38 0.91 5.99 -6.88
CA ALA A 38 0.35 6.61 -5.69
C ALA A 38 1.12 6.20 -4.46
N ILE A 39 1.70 5.01 -4.49
CA ILE A 39 2.49 4.52 -3.38
C ILE A 39 3.65 5.48 -3.13
N GLU A 40 4.39 5.78 -4.17
CA GLU A 40 5.54 6.64 -4.05
C GLU A 40 5.11 8.05 -3.70
N GLN A 41 4.14 8.58 -4.44
CA GLN A 41 3.65 9.93 -4.20
C GLN A 41 3.07 10.04 -2.79
N GLY A 42 2.56 8.92 -2.28
CA GLY A 42 2.00 8.92 -0.95
C GLY A 42 3.06 8.93 0.14
N ARG A 43 4.15 8.20 -0.07
CA ARG A 43 5.21 8.11 0.94
C ARG A 43 6.09 9.35 0.90
N GLN A 44 6.46 9.78 -0.31
CA GLN A 44 7.30 10.95 -0.48
C GLN A 44 6.55 12.22 -0.11
N LYS A 45 5.27 12.10 0.18
CA LYS A 45 4.45 13.23 0.55
C LYS A 45 4.69 13.63 2.01
N PHE A 46 5.40 12.76 2.73
CA PHE A 46 5.71 13.02 4.13
C PHE A 46 6.66 14.20 4.25
N GLU A 47 6.90 14.64 5.48
CA GLU A 47 7.79 15.77 5.72
C GLU A 47 8.96 15.34 6.60
N PRO A 48 10.21 15.57 6.15
CA PRO A 48 10.50 16.20 4.85
C PRO A 48 10.14 15.31 3.68
N THR A 49 10.43 14.04 3.85
CA THR A 49 10.16 12.99 2.86
C THR A 49 10.40 11.63 3.49
N MET A 50 9.38 10.78 3.51
CA MET A 50 9.51 9.44 4.07
C MET A 50 10.50 8.63 3.23
N THR A 51 11.55 8.14 3.87
CA THR A 51 12.55 7.36 3.18
C THR A 51 12.03 5.96 2.87
N GLN A 52 12.66 5.31 1.91
CA GLN A 52 12.26 3.97 1.50
C GLN A 52 12.59 2.98 2.61
N ALA A 53 13.73 3.19 3.26
CA ALA A 53 14.18 2.30 4.33
C ALA A 53 13.27 2.37 5.56
N GLU A 54 12.82 3.56 5.91
CA GLU A 54 11.94 3.73 7.06
C GLU A 54 10.59 3.07 6.82
N LEU A 55 10.02 3.32 5.63
CA LEU A 55 8.74 2.71 5.31
C LEU A 55 8.91 1.20 5.21
N GLY A 56 10.04 0.80 4.64
CA GLY A 56 10.35 -0.61 4.50
C GLY A 56 10.40 -1.30 5.84
N LYS A 57 11.10 -0.69 6.79
CA LYS A 57 11.21 -1.24 8.12
C LYS A 57 9.84 -1.33 8.76
N GLU A 58 9.05 -0.26 8.61
CA GLU A 58 7.70 -0.21 9.16
C GLU A 58 6.81 -1.32 8.60
N ILE A 59 6.91 -1.58 7.30
CA ILE A 59 6.08 -2.61 6.67
C ILE A 59 6.68 -4.00 6.85
N GLY A 60 7.90 -4.07 7.38
CA GLY A 60 8.54 -5.35 7.60
C GLY A 60 9.25 -5.87 6.36
N GLU A 61 9.72 -4.95 5.53
CA GLU A 61 10.41 -5.28 4.31
C GLU A 61 11.72 -4.50 4.22
N THR A 62 12.20 -4.27 3.01
CA THR A 62 13.44 -3.52 2.81
C THR A 62 13.18 -2.27 1.96
N ALA A 63 14.18 -1.42 1.84
CA ALA A 63 14.06 -0.19 1.05
C ALA A 63 13.76 -0.54 -0.40
N ALA A 64 14.41 -1.59 -0.90
CA ALA A 64 14.20 -2.05 -2.26
C ALA A 64 12.76 -2.43 -2.48
N THR A 65 12.13 -2.98 -1.45
CA THR A 65 10.74 -3.39 -1.54
C THR A 65 9.85 -2.17 -1.82
N VAL A 66 10.09 -1.10 -1.09
CA VAL A 66 9.31 0.12 -1.25
C VAL A 66 9.58 0.74 -2.62
N ALA A 67 10.86 0.76 -3.01
CA ALA A 67 11.26 1.31 -4.30
C ALA A 67 10.72 0.46 -5.45
N SER A 68 10.66 -0.84 -5.24
CA SER A 68 10.14 -1.77 -6.24
C SER A 68 8.60 -1.73 -6.29
N TYR A 69 7.98 -1.39 -5.17
CA TYR A 69 6.51 -1.33 -5.05
C TYR A 69 5.90 -0.25 -5.95
N GLU A 70 6.57 0.90 -6.08
CA GLU A 70 6.06 1.99 -6.90
C GLU A 70 5.92 1.59 -8.36
N ARG A 71 6.59 0.51 -8.76
CA ARG A 71 6.52 0.02 -10.12
C ARG A 71 5.10 -0.46 -10.44
N GLY A 72 4.36 -0.81 -9.41
CA GLY A 72 3.02 -1.28 -9.60
C GLY A 72 2.96 -2.79 -9.62
N THR A 73 3.95 -3.42 -9.00
CA THR A 73 4.05 -4.85 -8.94
C THR A 73 5.22 -5.25 -8.05
N ALA A 74 4.89 -5.89 -6.95
CA ALA A 74 5.88 -6.34 -5.98
C ALA A 74 5.23 -7.32 -5.01
N THR A 75 4.24 -8.05 -5.53
CA THR A 75 3.46 -9.00 -4.73
C THR A 75 2.73 -8.25 -3.62
N PRO A 76 1.45 -7.92 -3.85
CA PRO A 76 0.64 -7.16 -2.90
C PRO A 76 0.21 -7.94 -1.68
N ASP A 77 1.02 -7.87 -0.64
CA ASP A 77 0.68 -8.50 0.60
C ASP A 77 -0.26 -7.54 1.29
N GLN A 78 -1.43 -8.02 1.65
CA GLN A 78 -2.47 -7.18 2.25
C GLN A 78 -1.95 -6.38 3.43
N ASN A 79 -1.17 -7.03 4.28
CA ASN A 79 -0.61 -6.38 5.45
C ASN A 79 0.35 -5.26 5.05
N ILE A 80 1.14 -5.47 3.99
CA ILE A 80 2.07 -4.45 3.54
C ILE A 80 1.32 -3.21 3.06
N LEU A 81 0.42 -3.40 2.09
CA LEU A 81 -0.38 -2.30 1.54
C LEU A 81 -1.05 -1.52 2.67
N SER A 82 -1.63 -2.25 3.61
CA SER A 82 -2.31 -1.67 4.75
C SER A 82 -1.40 -0.71 5.52
N LYS A 83 -0.18 -1.14 5.78
CA LYS A 83 0.78 -0.32 6.52
C LYS A 83 1.31 0.83 5.69
N MET A 84 1.59 0.55 4.40
CA MET A 84 2.13 1.57 3.49
C MET A 84 1.27 2.82 3.48
N GLU A 85 -0.01 2.61 3.22
CA GLU A 85 -0.99 3.67 3.14
C GLU A 85 -1.36 4.27 4.51
N ARG A 86 -1.33 3.46 5.55
CA ARG A 86 -1.68 3.93 6.90
C ARG A 86 -0.63 4.88 7.47
N VAL A 87 0.59 4.81 6.98
CA VAL A 87 1.68 5.64 7.50
C VAL A 87 1.40 7.13 7.32
N LEU A 88 0.80 7.48 6.19
CA LEU A 88 0.50 8.88 5.91
C LEU A 88 -1.00 9.15 5.84
N ASN A 89 -1.82 8.09 5.93
CA ASN A 89 -3.28 8.21 5.89
C ASN A 89 -3.73 8.59 4.50
N VAL A 90 -3.16 7.87 3.56
CA VAL A 90 -3.44 8.04 2.15
C VAL A 90 -3.91 6.71 1.63
N LYS A 91 -4.93 6.68 0.79
CA LYS A 91 -5.41 5.40 0.29
C LYS A 91 -5.38 5.34 -1.22
N LEU A 92 -4.99 4.18 -1.71
CA LEU A 92 -4.89 3.93 -3.14
C LEU A 92 -5.98 2.95 -3.56
N ARG A 93 -6.97 2.80 -2.70
CA ARG A 93 -8.07 1.89 -2.97
C ARG A 93 -9.37 2.65 -3.15
N GLY A 94 -10.18 2.20 -4.10
CA GLY A 94 -11.45 2.86 -4.37
C GLY A 94 -11.30 3.94 -5.42
N ALA A 95 -12.21 4.90 -5.41
CA ALA A 95 -12.19 5.99 -6.37
C ALA A 95 -11.59 7.25 -5.75
N ASN A 96 -11.17 7.15 -4.49
CA ASN A 96 -10.58 8.27 -3.79
C ASN A 96 -9.10 8.03 -3.53
N ILE A 97 -8.39 7.67 -4.59
CA ILE A 97 -6.97 7.42 -4.49
C ILE A 97 -6.21 8.72 -4.29
N GLY A 98 -5.24 8.70 -3.39
CA GLY A 98 -4.45 9.88 -3.11
C GLY A 98 -5.03 10.65 -1.94
N ALA A 99 -6.06 10.09 -1.34
CA ALA A 99 -6.73 10.70 -0.21
C ALA A 99 -7.05 9.65 0.84
N PRO A 100 -7.23 10.05 2.11
CA PRO A 100 -7.60 9.11 3.18
C PRO A 100 -8.99 8.55 2.89
N ARG A 101 -9.08 7.23 2.78
CA ARG A 101 -10.36 6.60 2.48
C ARG A 101 -10.36 5.17 3.01
N LEU A 102 -11.03 4.96 4.13
CA LEU A 102 -11.08 3.65 4.72
C LEU A 102 -12.47 3.35 5.26
N GLY A 103 -12.94 2.16 4.95
CA GLY A 103 -14.24 1.73 5.41
C GLY A 103 -14.12 0.48 6.25
N PRO A 104 -15.23 -0.18 6.58
CA PRO A 104 -15.21 -1.40 7.39
C PRO A 104 -14.43 -2.53 6.71
N LYS A 105 -13.21 -2.75 7.17
CA LYS A 105 -12.35 -3.79 6.63
C LYS A 105 -11.45 -4.34 7.73
N LYS A 106 -11.89 -5.43 8.33
CA LYS A 106 -11.12 -6.05 9.40
C LYS A 106 -11.32 -7.56 9.37
N LYS A 107 -10.48 -8.27 10.10
CA LYS A 107 -10.55 -9.72 10.18
C LYS A 107 -10.64 -10.12 11.64
N GLY A 1 65.04 -2.06 -19.04
CA GLY A 1 65.38 -1.73 -17.63
C GLY A 1 64.46 -0.66 -17.06
N ALA A 2 63.16 -0.94 -17.03
CA ALA A 2 62.18 -0.02 -16.50
C ALA A 2 61.30 -0.72 -15.48
N MET A 3 60.69 0.04 -14.59
CA MET A 3 59.83 -0.52 -13.56
C MET A 3 58.72 0.46 -13.18
N ASP A 4 57.48 0.03 -13.36
CA ASP A 4 56.32 0.86 -13.03
C ASP A 4 55.30 0.06 -12.23
N PRO A 5 54.64 0.70 -11.26
CA PRO A 5 53.64 0.04 -10.40
C PRO A 5 52.32 -0.22 -11.12
N GLU A 6 51.48 -1.04 -10.51
CA GLU A 6 50.18 -1.40 -11.07
C GLU A 6 49.11 -0.41 -10.62
N PHE A 7 47.98 -0.41 -11.33
CA PHE A 7 46.87 0.48 -11.02
C PHE A 7 45.54 -0.21 -11.31
N ALA A 8 44.49 0.26 -10.67
CA ALA A 8 43.17 -0.32 -10.85
C ALA A 8 42.12 0.77 -11.02
N GLY A 9 41.13 0.49 -11.86
CA GLY A 9 40.07 1.45 -12.11
C GLY A 9 38.92 1.29 -11.13
N GLY A 10 37.95 2.20 -11.21
CA GLY A 10 36.81 2.13 -10.32
C GLY A 10 35.52 1.81 -11.05
N THR A 11 34.61 1.13 -10.38
CA THR A 11 33.34 0.77 -10.96
C THR A 11 32.29 1.85 -10.66
N GLU A 12 31.63 2.33 -11.70
CA GLU A 12 30.62 3.37 -11.55
C GLU A 12 29.25 2.77 -11.21
N GLY A 13 28.33 3.62 -10.78
CA GLY A 13 27.00 3.16 -10.44
C GLY A 13 26.05 3.26 -11.62
N GLN A 14 24.89 2.63 -11.50
CA GLN A 14 23.91 2.64 -12.58
C GLN A 14 22.57 3.20 -12.10
N ARG A 15 21.70 3.54 -13.06
CA ARG A 15 20.38 4.08 -12.75
C ARG A 15 19.54 4.17 -14.03
N LEU A 16 18.22 4.21 -13.87
CA LEU A 16 17.31 4.31 -15.01
C LEU A 16 15.93 4.75 -14.56
N THR A 17 15.11 5.17 -15.51
CA THR A 17 13.76 5.63 -15.22
C THR A 17 12.74 4.66 -15.80
N LYS A 18 11.69 4.37 -15.04
CA LYS A 18 10.64 3.46 -15.49
C LYS A 18 9.27 4.09 -15.25
N VAL A 19 8.53 4.35 -16.33
CA VAL A 19 7.20 4.94 -16.24
C VAL A 19 6.27 4.36 -17.30
N ASP A 20 5.11 3.86 -16.86
CA ASP A 20 4.12 3.28 -17.76
C ASP A 20 2.76 3.28 -17.08
N ARG A 21 1.71 3.09 -17.88
CA ARG A 21 0.36 3.06 -17.36
C ARG A 21 -0.52 2.16 -18.22
N SER A 22 -1.07 1.12 -17.59
CA SER A 22 -1.93 0.17 -18.29
C SER A 22 -2.88 -0.50 -17.30
N ASP A 23 -4.17 -0.41 -17.58
CA ASP A 23 -5.18 -1.02 -16.72
C ASP A 23 -6.32 -1.59 -17.54
N ASP A 24 -6.52 -2.89 -17.42
CA ASP A 24 -7.56 -3.59 -18.13
C ASP A 24 -8.52 -4.25 -17.14
N ILE A 25 -8.58 -3.66 -15.94
CA ILE A 25 -9.44 -4.16 -14.86
C ILE A 25 -8.95 -5.54 -14.41
N ILE A 26 -7.64 -5.75 -14.44
CA ILE A 26 -7.04 -7.01 -14.03
C ILE A 26 -5.85 -6.78 -13.12
N LYS A 27 -5.78 -7.57 -12.06
CA LYS A 27 -4.67 -7.49 -11.11
C LYS A 27 -4.14 -8.88 -10.81
N PRO A 28 -3.39 -9.46 -11.75
CA PRO A 28 -2.83 -10.80 -11.61
C PRO A 28 -1.69 -10.83 -10.59
N LYS A 29 -2.04 -10.97 -9.32
CA LYS A 29 -1.08 -11.01 -8.24
C LYS A 29 -0.15 -9.80 -8.28
N THR A 30 -0.73 -8.65 -8.56
CA THR A 30 0.03 -7.41 -8.65
C THR A 30 -0.66 -6.32 -7.83
N VAL A 31 0.08 -5.27 -7.49
CA VAL A 31 -0.48 -4.18 -6.69
C VAL A 31 -1.26 -3.18 -7.54
N GLY A 32 -0.86 -3.02 -8.81
CA GLY A 32 -1.53 -2.08 -9.69
C GLY A 32 -0.65 -0.91 -10.05
N LYS A 33 -0.72 -0.47 -11.31
CA LYS A 33 0.10 0.65 -11.78
C LYS A 33 -0.28 1.96 -11.10
N GLU A 34 -1.57 2.27 -11.07
CA GLU A 34 -2.06 3.48 -10.42
C GLU A 34 -1.68 3.47 -8.94
N VAL A 35 -1.76 2.28 -8.35
CA VAL A 35 -1.42 2.09 -6.95
C VAL A 35 0.06 2.37 -6.73
N GLY A 36 0.90 1.90 -7.64
CA GLY A 36 2.33 2.12 -7.54
C GLY A 36 2.70 3.59 -7.65
N LYS A 37 2.08 4.28 -8.61
CA LYS A 37 2.34 5.71 -8.80
C LYS A 37 1.96 6.48 -7.55
N ALA A 38 0.82 6.14 -6.98
CA ALA A 38 0.34 6.77 -5.77
C ALA A 38 1.22 6.38 -4.59
N ILE A 39 1.79 5.18 -4.65
CA ILE A 39 2.67 4.71 -3.60
C ILE A 39 3.83 5.67 -3.42
N GLU A 40 4.46 6.03 -4.53
CA GLU A 40 5.62 6.91 -4.51
C GLU A 40 5.20 8.31 -4.09
N GLN A 41 4.15 8.82 -4.73
CA GLN A 41 3.65 10.15 -4.42
C GLN A 41 3.19 10.23 -2.96
N GLY A 42 2.67 9.11 -2.46
CA GLY A 42 2.20 9.05 -1.09
C GLY A 42 3.31 9.09 -0.07
N ARG A 43 4.48 8.57 -0.42
CA ARG A 43 5.60 8.57 0.51
C ARG A 43 6.23 9.96 0.55
N GLN A 44 6.11 10.68 -0.56
CA GLN A 44 6.63 12.04 -0.66
C GLN A 44 5.66 13.00 0.00
N LYS A 45 4.50 12.49 0.38
CA LYS A 45 3.46 13.28 1.02
C LYS A 45 3.83 13.57 2.48
N PHE A 46 4.89 12.92 2.95
CA PHE A 46 5.34 13.12 4.33
C PHE A 46 6.11 14.43 4.45
N GLU A 47 6.77 14.62 5.59
CA GLU A 47 7.54 15.82 5.85
C GLU A 47 8.91 15.47 6.40
N PRO A 48 9.98 15.69 5.62
CA PRO A 48 9.89 16.23 4.26
C PRO A 48 9.45 15.19 3.24
N THR A 49 9.83 13.97 3.53
CA THR A 49 9.54 12.82 2.71
C THR A 49 9.91 11.54 3.45
N MET A 50 9.03 10.55 3.43
CA MET A 50 9.30 9.28 4.09
C MET A 50 10.31 8.48 3.28
N THR A 51 11.42 8.13 3.91
CA THR A 51 12.46 7.37 3.23
C THR A 51 12.01 5.94 2.96
N GLN A 52 12.65 5.31 1.99
CA GLN A 52 12.34 3.94 1.63
C GLN A 52 12.72 3.00 2.76
N ALA A 53 13.82 3.33 3.44
CA ALA A 53 14.32 2.53 4.55
C ALA A 53 13.35 2.56 5.73
N GLU A 54 12.88 3.75 6.08
CA GLU A 54 11.95 3.93 7.20
C GLU A 54 10.65 3.18 6.96
N LEU A 55 10.10 3.33 5.77
CA LEU A 55 8.85 2.67 5.42
C LEU A 55 9.08 1.16 5.39
N GLY A 56 10.22 0.74 4.86
CA GLY A 56 10.55 -0.66 4.78
C GLY A 56 10.67 -1.30 6.14
N LYS A 57 11.41 -0.65 7.03
CA LYS A 57 11.60 -1.16 8.38
C LYS A 57 10.28 -1.17 9.14
N GLU A 58 9.47 -0.15 8.90
CA GLU A 58 8.18 -0.02 9.54
C GLU A 58 7.25 -1.19 9.16
N ILE A 59 7.30 -1.61 7.91
CA ILE A 59 6.45 -2.70 7.45
C ILE A 59 7.13 -4.07 7.64
N GLY A 60 8.45 -4.09 7.61
CA GLY A 60 9.18 -5.34 7.80
C GLY A 60 9.92 -5.79 6.55
N GLU A 61 9.91 -4.94 5.54
CA GLU A 61 10.59 -5.24 4.29
C GLU A 61 11.87 -4.41 4.17
N THR A 62 12.42 -4.32 2.98
CA THR A 62 13.65 -3.56 2.77
C THR A 62 13.37 -2.32 1.93
N ALA A 63 14.37 -1.44 1.82
CA ALA A 63 14.25 -0.22 1.03
C ALA A 63 13.96 -0.56 -0.42
N ALA A 64 14.59 -1.62 -0.91
CA ALA A 64 14.40 -2.06 -2.28
C ALA A 64 12.95 -2.50 -2.50
N THR A 65 12.35 -3.07 -1.46
CA THR A 65 10.95 -3.52 -1.54
C THR A 65 10.02 -2.32 -1.70
N VAL A 66 10.32 -1.26 -0.97
CA VAL A 66 9.52 -0.05 -1.03
C VAL A 66 9.69 0.62 -2.40
N ALA A 67 10.92 0.56 -2.92
CA ALA A 67 11.23 1.14 -4.21
C ALA A 67 10.63 0.31 -5.35
N SER A 68 10.55 -1.00 -5.16
CA SER A 68 9.99 -1.88 -6.18
C SER A 68 8.45 -1.80 -6.21
N TYR A 69 7.86 -1.50 -5.06
CA TYR A 69 6.40 -1.41 -4.94
C TYR A 69 5.79 -0.29 -5.79
N GLU A 70 6.50 0.83 -5.91
CA GLU A 70 5.99 1.96 -6.70
C GLU A 70 5.85 1.61 -8.18
N ARG A 71 6.52 0.55 -8.61
CA ARG A 71 6.45 0.12 -9.98
C ARG A 71 5.06 -0.43 -10.32
N GLY A 72 4.31 -0.77 -9.27
CA GLY A 72 2.98 -1.29 -9.47
C GLY A 72 2.97 -2.81 -9.56
N THR A 73 3.94 -3.43 -8.91
CA THR A 73 4.08 -4.87 -8.92
C THR A 73 5.22 -5.29 -7.98
N ALA A 74 4.84 -5.94 -6.91
CA ALA A 74 5.79 -6.41 -5.90
C ALA A 74 5.11 -7.39 -4.96
N THR A 75 4.19 -8.17 -5.52
CA THR A 75 3.41 -9.14 -4.74
C THR A 75 2.56 -8.39 -3.72
N PRO A 76 1.28 -8.18 -4.05
CA PRO A 76 0.35 -7.42 -3.20
C PRO A 76 -0.19 -8.17 -1.98
N ASP A 77 0.53 -8.07 -0.88
CA ASP A 77 0.05 -8.65 0.35
C ASP A 77 -0.90 -7.62 0.91
N GLN A 78 -2.16 -8.00 1.00
CA GLN A 78 -3.21 -7.07 1.45
C GLN A 78 -2.86 -6.32 2.71
N ASN A 79 -2.25 -7.03 3.65
CA ASN A 79 -1.85 -6.42 4.92
C ASN A 79 -0.71 -5.44 4.71
N ILE A 80 0.26 -5.80 3.87
CA ILE A 80 1.40 -4.92 3.61
C ILE A 80 0.92 -3.61 3.00
N LEU A 81 0.17 -3.69 1.90
CA LEU A 81 -0.36 -2.50 1.23
C LEU A 81 -1.00 -1.55 2.24
N SER A 82 -1.83 -2.14 3.11
CA SER A 82 -2.54 -1.41 4.14
C SER A 82 -1.59 -0.66 5.07
N LYS A 83 -0.45 -1.27 5.40
CA LYS A 83 0.52 -0.65 6.30
C LYS A 83 1.28 0.47 5.60
N MET A 84 1.57 0.28 4.32
CA MET A 84 2.30 1.26 3.53
C MET A 84 1.64 2.64 3.59
N GLU A 85 0.38 2.68 3.20
CA GLU A 85 -0.39 3.92 3.19
C GLU A 85 -0.76 4.37 4.59
N ARG A 86 -0.87 3.42 5.51
CA ARG A 86 -1.26 3.69 6.89
C ARG A 86 -0.41 4.78 7.53
N VAL A 87 0.88 4.79 7.23
CA VAL A 87 1.77 5.80 7.79
C VAL A 87 1.57 7.16 7.13
N LEU A 88 1.10 7.15 5.89
CA LEU A 88 0.90 8.39 5.13
C LEU A 88 -0.52 8.93 5.28
N ASN A 89 -1.46 8.06 5.65
CA ASN A 89 -2.87 8.43 5.81
C ASN A 89 -3.50 8.68 4.45
N VAL A 90 -3.25 7.76 3.54
CA VAL A 90 -3.81 7.83 2.20
C VAL A 90 -4.34 6.45 1.83
N LYS A 91 -5.07 6.36 0.73
CA LYS A 91 -5.60 5.09 0.29
C LYS A 91 -5.44 4.95 -1.21
N LEU A 92 -4.96 3.78 -1.62
CA LEU A 92 -4.75 3.50 -3.04
C LEU A 92 -5.88 2.64 -3.59
N ARG A 93 -6.94 2.52 -2.80
CA ARG A 93 -8.11 1.74 -3.19
C ARG A 93 -9.35 2.61 -3.09
N GLY A 94 -10.24 2.46 -4.05
CA GLY A 94 -11.45 3.26 -4.07
C GLY A 94 -11.39 4.34 -5.12
N ALA A 95 -12.13 5.42 -4.91
CA ALA A 95 -12.15 6.52 -5.86
C ALA A 95 -11.26 7.67 -5.39
N ASN A 96 -11.19 7.86 -4.08
CA ASN A 96 -10.38 8.93 -3.51
C ASN A 96 -8.96 8.45 -3.28
N ILE A 97 -8.33 7.97 -4.34
CA ILE A 97 -6.97 7.47 -4.27
C ILE A 97 -5.97 8.60 -4.04
N GLY A 98 -4.96 8.33 -3.22
CA GLY A 98 -3.95 9.33 -2.93
C GLY A 98 -4.35 10.22 -1.78
N ALA A 99 -5.57 10.03 -1.31
CA ALA A 99 -6.11 10.80 -0.21
C ALA A 99 -6.60 9.87 0.90
N PRO A 100 -6.71 10.37 2.15
CA PRO A 100 -7.20 9.55 3.28
C PRO A 100 -8.64 9.10 3.03
N ARG A 101 -8.86 7.80 3.05
CA ARG A 101 -10.21 7.27 2.81
C ARG A 101 -10.38 5.95 3.54
N LEU A 102 -10.67 6.04 4.81
CA LEU A 102 -10.85 4.86 5.63
C LEU A 102 -12.32 4.66 5.96
N GLY A 103 -13.06 5.77 5.97
CA GLY A 103 -14.47 5.71 6.27
C GLY A 103 -14.75 5.42 7.73
N PRO A 104 -16.01 5.16 8.09
CA PRO A 104 -16.38 4.87 9.48
C PRO A 104 -15.89 3.49 9.91
N LYS A 105 -15.45 3.39 11.16
CA LYS A 105 -14.93 2.14 11.72
C LYS A 105 -13.78 1.62 10.87
N LYS A 106 -12.79 2.47 10.67
CA LYS A 106 -11.63 2.12 9.87
C LYS A 106 -10.83 1.00 10.52
N LYS A 107 -10.35 0.08 9.69
CA LYS A 107 -9.58 -1.05 10.17
C LYS A 107 -8.10 -0.68 10.22
N GLY A 1 -46.27 0.51 30.76
CA GLY A 1 -44.97 -0.11 31.14
C GLY A 1 -44.73 -1.40 30.39
N ALA A 2 -43.56 -1.52 29.77
CA ALA A 2 -43.22 -2.71 29.01
C ALA A 2 -41.73 -3.02 29.12
N MET A 3 -41.42 -4.28 29.37
CA MET A 3 -40.04 -4.71 29.48
C MET A 3 -39.80 -5.93 28.60
N ASP A 4 -38.73 -5.91 27.83
CA ASP A 4 -38.39 -7.02 26.94
C ASP A 4 -36.89 -7.21 26.88
N PRO A 5 -36.41 -8.42 27.23
CA PRO A 5 -34.98 -8.74 27.22
C PRO A 5 -34.37 -8.63 25.83
N GLU A 6 -33.36 -7.78 25.70
CA GLU A 6 -32.69 -7.57 24.42
C GLU A 6 -31.36 -8.32 24.40
N PHE A 7 -31.07 -8.95 23.27
CA PHE A 7 -29.83 -9.68 23.10
C PHE A 7 -29.25 -9.42 21.71
N ALA A 8 -27.94 -9.27 21.63
CA ALA A 8 -27.29 -9.02 20.35
C ALA A 8 -26.59 -10.27 19.83
N GLY A 9 -25.89 -10.95 20.73
CA GLY A 9 -25.17 -12.15 20.35
C GLY A 9 -23.68 -11.94 20.44
N GLY A 10 -22.99 -12.10 19.33
CA GLY A 10 -21.55 -11.93 19.30
C GLY A 10 -20.87 -12.93 18.41
N THR A 11 -20.22 -12.46 17.38
CA THR A 11 -19.51 -13.33 16.46
C THR A 11 -18.01 -13.28 16.70
N GLU A 12 -17.35 -14.43 16.58
CA GLU A 12 -15.92 -14.52 16.78
C GLU A 12 -15.20 -14.65 15.44
N GLY A 13 -14.06 -15.32 15.43
CA GLY A 13 -13.31 -15.49 14.20
C GLY A 13 -11.90 -16.00 14.46
N GLN A 14 -11.07 -15.96 13.42
CA GLN A 14 -9.69 -16.42 13.55
C GLN A 14 -8.79 -15.73 12.52
N ARG A 15 -7.50 -16.04 12.59
CA ARG A 15 -6.53 -15.46 11.68
C ARG A 15 -5.64 -16.56 11.09
N LEU A 16 -4.62 -16.17 10.36
CA LEU A 16 -3.71 -17.12 9.74
C LEU A 16 -2.29 -16.57 9.72
N THR A 17 -1.31 -17.44 9.54
CA THR A 17 0.09 -17.03 9.50
C THR A 17 0.90 -17.96 8.62
N LYS A 18 1.58 -17.39 7.63
CA LYS A 18 2.41 -18.15 6.72
C LYS A 18 3.64 -17.33 6.33
N VAL A 19 4.77 -17.99 6.14
CA VAL A 19 6.00 -17.32 5.78
C VAL A 19 7.04 -18.33 5.26
N ASP A 20 7.94 -17.86 4.42
CA ASP A 20 8.97 -18.72 3.86
C ASP A 20 10.13 -17.88 3.36
N ARG A 21 11.19 -18.54 2.89
CA ARG A 21 12.36 -17.86 2.37
C ARG A 21 12.89 -18.58 1.14
N SER A 22 12.03 -19.36 0.50
CA SER A 22 12.39 -20.12 -0.69
C SER A 22 11.32 -19.95 -1.75
N ASP A 23 10.93 -18.70 -1.96
CA ASP A 23 9.90 -18.37 -2.93
C ASP A 23 10.50 -17.93 -4.25
N ASP A 24 10.60 -18.86 -5.17
CA ASP A 24 11.16 -18.59 -6.49
C ASP A 24 10.06 -18.25 -7.49
N ILE A 25 8.87 -18.78 -7.22
CA ILE A 25 7.73 -18.56 -8.09
C ILE A 25 7.03 -17.24 -7.75
N ILE A 26 6.63 -16.53 -8.77
CA ILE A 26 5.94 -15.26 -8.60
C ILE A 26 4.54 -15.48 -8.04
N LYS A 27 4.01 -14.48 -7.36
CA LYS A 27 2.68 -14.57 -6.77
C LYS A 27 1.68 -13.77 -7.60
N PRO A 28 0.42 -14.23 -7.66
CA PRO A 28 -0.64 -13.55 -8.39
C PRO A 28 -1.12 -12.30 -7.66
N LYS A 29 -1.95 -11.51 -8.35
CA LYS A 29 -2.49 -10.26 -7.79
C LYS A 29 -1.38 -9.23 -7.56
N THR A 30 -1.22 -8.34 -8.53
CA THR A 30 -0.19 -7.31 -8.47
C THR A 30 -0.68 -6.11 -7.66
N VAL A 31 0.11 -5.04 -7.64
CA VAL A 31 -0.24 -3.85 -6.88
C VAL A 31 -1.21 -2.95 -7.66
N GLY A 32 -0.73 -2.35 -8.74
CA GLY A 32 -1.55 -1.47 -9.55
C GLY A 32 -0.74 -0.34 -10.14
N LYS A 33 -1.25 0.31 -11.18
CA LYS A 33 -0.52 1.39 -11.83
C LYS A 33 -0.58 2.71 -11.09
N GLU A 34 -1.79 3.19 -10.80
CA GLU A 34 -1.93 4.46 -10.12
C GLU A 34 -1.52 4.34 -8.67
N VAL A 35 -1.67 3.14 -8.11
CA VAL A 35 -1.32 2.90 -6.74
C VAL A 35 0.19 3.09 -6.54
N GLY A 36 0.97 2.68 -7.55
CA GLY A 36 2.41 2.82 -7.48
C GLY A 36 2.86 4.27 -7.39
N LYS A 37 2.30 5.10 -8.26
CA LYS A 37 2.65 6.52 -8.29
C LYS A 37 2.23 7.21 -6.99
N ALA A 38 1.09 6.81 -6.46
CA ALA A 38 0.59 7.37 -5.22
C ALA A 38 1.44 6.91 -4.05
N ILE A 39 2.00 5.70 -4.17
CA ILE A 39 2.87 5.18 -3.12
C ILE A 39 4.08 6.08 -2.95
N GLU A 40 4.72 6.41 -4.07
CA GLU A 40 5.92 7.22 -4.06
C GLU A 40 5.62 8.60 -3.49
N GLN A 41 4.61 9.24 -4.06
CA GLN A 41 4.20 10.57 -3.62
C GLN A 41 3.80 10.52 -2.16
N GLY A 42 3.12 9.46 -1.77
CA GLY A 42 2.68 9.29 -0.40
C GLY A 42 3.83 9.22 0.59
N ARG A 43 4.94 8.59 0.20
CA ARG A 43 6.09 8.45 1.08
C ARG A 43 6.91 9.73 1.12
N GLN A 44 7.05 10.35 -0.05
CA GLN A 44 7.82 11.58 -0.17
C GLN A 44 7.09 12.73 0.52
N LYS A 45 5.77 12.61 0.62
CA LYS A 45 4.95 13.63 1.24
C LYS A 45 5.00 13.52 2.76
N PHE A 46 6.21 13.52 3.32
CA PHE A 46 6.40 13.43 4.75
C PHE A 46 7.24 14.56 5.30
N GLU A 47 7.61 15.48 4.41
CA GLU A 47 8.41 16.66 4.75
C GLU A 47 9.73 16.29 5.44
N PRO A 48 10.86 16.31 4.70
CA PRO A 48 10.87 16.65 3.28
C PRO A 48 10.51 15.47 2.40
N THR A 49 10.85 14.32 2.89
CA THR A 49 10.62 13.05 2.21
C THR A 49 11.03 11.88 3.12
N MET A 50 10.15 10.91 3.28
CA MET A 50 10.44 9.74 4.11
C MET A 50 11.38 8.79 3.37
N THR A 51 12.29 8.18 4.10
CA THR A 51 13.25 7.27 3.52
C THR A 51 12.59 5.96 3.08
N GLN A 52 13.09 5.39 1.99
CA GLN A 52 12.54 4.15 1.44
C GLN A 52 12.86 2.96 2.36
N ALA A 53 14.08 2.93 2.88
CA ALA A 53 14.51 1.86 3.75
C ALA A 53 13.75 1.90 5.07
N GLU A 54 13.45 3.10 5.56
CA GLU A 54 12.72 3.27 6.81
C GLU A 54 11.27 2.86 6.61
N LEU A 55 10.76 3.08 5.41
CA LEU A 55 9.38 2.70 5.10
C LEU A 55 9.28 1.19 5.20
N GLY A 56 10.29 0.52 4.65
CA GLY A 56 10.33 -0.93 4.71
C GLY A 56 10.52 -1.43 6.12
N LYS A 57 11.32 -0.71 6.90
CA LYS A 57 11.57 -1.08 8.28
C LYS A 57 10.29 -0.95 9.11
N GLU A 58 9.48 0.04 8.79
CA GLU A 58 8.22 0.26 9.49
C GLU A 58 7.21 -0.86 9.23
N ILE A 59 7.14 -1.33 7.99
CA ILE A 59 6.19 -2.39 7.65
C ILE A 59 6.77 -3.78 7.89
N GLY A 60 8.10 -3.88 7.90
CA GLY A 60 8.73 -5.17 8.12
C GLY A 60 9.16 -5.83 6.83
N GLU A 61 9.59 -5.02 5.87
CA GLU A 61 10.04 -5.50 4.58
C GLU A 61 11.39 -4.89 4.22
N THR A 62 11.84 -5.13 2.99
CA THR A 62 13.11 -4.62 2.53
C THR A 62 12.95 -3.32 1.74
N ALA A 63 14.06 -2.62 1.51
CA ALA A 63 14.04 -1.36 0.78
C ALA A 63 13.61 -1.56 -0.67
N ALA A 64 14.13 -2.61 -1.31
CA ALA A 64 13.79 -2.91 -2.69
C ALA A 64 12.30 -3.13 -2.84
N THR A 65 11.68 -3.68 -1.80
CA THR A 65 10.25 -3.94 -1.80
C THR A 65 9.49 -2.63 -1.96
N VAL A 66 9.89 -1.62 -1.19
CA VAL A 66 9.24 -0.32 -1.24
C VAL A 66 9.50 0.36 -2.59
N ALA A 67 10.76 0.33 -3.03
CA ALA A 67 11.14 0.93 -4.32
C ALA A 67 10.43 0.25 -5.47
N SER A 68 10.23 -1.05 -5.35
CA SER A 68 9.54 -1.83 -6.37
C SER A 68 8.03 -1.58 -6.31
N TYR A 69 7.53 -1.25 -5.13
CA TYR A 69 6.10 -1.00 -4.91
C TYR A 69 5.61 0.20 -5.72
N GLU A 70 6.42 1.25 -5.79
CA GLU A 70 6.05 2.47 -6.53
C GLU A 70 5.91 2.22 -8.02
N ARG A 71 6.47 1.12 -8.52
CA ARG A 71 6.35 0.77 -9.91
C ARG A 71 4.97 0.16 -10.16
N GLY A 72 4.34 -0.28 -9.07
CA GLY A 72 3.04 -0.87 -9.18
C GLY A 72 3.09 -2.38 -9.26
N THR A 73 4.24 -2.93 -8.93
CA THR A 73 4.43 -4.37 -8.96
C THR A 73 5.64 -4.75 -8.09
N ALA A 74 5.33 -5.31 -6.95
CA ALA A 74 6.34 -5.74 -5.99
C ALA A 74 5.80 -6.87 -5.14
N THR A 75 4.83 -7.59 -5.68
CA THR A 75 4.19 -8.68 -4.97
C THR A 75 3.55 -8.14 -3.69
N PRO A 76 2.35 -7.55 -3.83
CA PRO A 76 1.65 -6.94 -2.71
C PRO A 76 0.99 -7.93 -1.77
N ASP A 77 0.75 -7.45 -0.57
CA ASP A 77 0.09 -8.23 0.46
C ASP A 77 -0.92 -7.34 1.15
N GLN A 78 -2.08 -7.88 1.47
CA GLN A 78 -3.16 -7.11 2.10
C GLN A 78 -2.70 -6.42 3.37
N ASN A 79 -1.90 -7.11 4.15
CA ASN A 79 -1.39 -6.55 5.40
C ASN A 79 -0.37 -5.45 5.11
N ILE A 80 0.43 -5.63 4.06
CA ILE A 80 1.43 -4.62 3.71
C ILE A 80 0.73 -3.33 3.26
N LEU A 81 -0.12 -3.42 2.23
CA LEU A 81 -0.84 -2.24 1.71
C LEU A 81 -1.53 -1.48 2.83
N SER A 82 -2.09 -2.22 3.77
CA SER A 82 -2.78 -1.65 4.90
C SER A 82 -1.85 -0.80 5.77
N LYS A 83 -0.70 -1.37 6.14
CA LYS A 83 0.25 -0.68 6.98
C LYS A 83 1.03 0.40 6.22
N MET A 84 1.26 0.17 4.94
CA MET A 84 2.00 1.11 4.11
C MET A 84 1.32 2.47 4.06
N GLU A 85 0.09 2.45 3.59
CA GLU A 85 -0.70 3.66 3.44
C GLU A 85 -1.24 4.22 4.75
N ARG A 86 -1.41 3.38 5.77
CA ARG A 86 -1.95 3.86 7.05
C ARG A 86 -1.10 5.01 7.62
N VAL A 87 0.19 5.01 7.27
CA VAL A 87 1.11 6.03 7.75
C VAL A 87 0.94 7.34 6.96
N LEU A 88 0.45 7.24 5.73
CA LEU A 88 0.28 8.42 4.89
C LEU A 88 -1.18 8.91 4.87
N ASN A 89 -2.11 8.02 5.26
CA ASN A 89 -3.54 8.35 5.31
C ASN A 89 -4.10 8.55 3.92
N VAL A 90 -3.71 7.67 3.03
CA VAL A 90 -4.20 7.67 1.66
C VAL A 90 -4.51 6.24 1.29
N LYS A 91 -5.58 5.99 0.58
CA LYS A 91 -5.89 4.62 0.21
C LYS A 91 -5.86 4.45 -1.30
N LEU A 92 -5.24 3.37 -1.73
CA LEU A 92 -5.11 3.07 -3.14
C LEU A 92 -6.12 2.00 -3.54
N ARG A 93 -7.29 2.05 -2.94
CA ARG A 93 -8.35 1.10 -3.23
C ARG A 93 -9.70 1.81 -3.31
N GLY A 94 -10.51 1.42 -4.29
CA GLY A 94 -11.80 2.03 -4.46
C GLY A 94 -11.75 3.11 -5.52
N ALA A 95 -12.77 3.97 -5.55
CA ALA A 95 -12.82 5.04 -6.53
C ALA A 95 -12.05 6.25 -6.01
N ASN A 96 -11.99 6.40 -4.70
CA ASN A 96 -11.29 7.52 -4.08
C ASN A 96 -9.81 7.22 -3.91
N ILE A 97 -9.16 6.87 -5.02
CA ILE A 97 -7.74 6.55 -5.01
C ILE A 97 -6.89 7.79 -4.72
N GLY A 98 -5.87 7.62 -3.91
CA GLY A 98 -4.97 8.70 -3.59
C GLY A 98 -5.50 9.59 -2.49
N ALA A 99 -6.65 9.21 -1.96
CA ALA A 99 -7.27 9.96 -0.89
C ALA A 99 -7.57 9.07 0.29
N PRO A 100 -7.78 9.63 1.50
CA PRO A 100 -8.13 8.83 2.67
C PRO A 100 -9.47 8.14 2.43
N ARG A 101 -9.47 6.83 2.48
CA ARG A 101 -10.70 6.07 2.26
C ARG A 101 -10.66 4.78 3.04
N LEU A 102 -11.15 4.83 4.28
CA LEU A 102 -11.15 3.67 5.13
C LEU A 102 -12.42 2.85 4.92
N GLY A 103 -12.41 2.04 3.89
CA GLY A 103 -13.53 1.20 3.56
C GLY A 103 -13.08 -0.19 3.21
N PRO A 104 -12.70 -1.00 4.20
CA PRO A 104 -12.22 -2.36 3.97
C PRO A 104 -13.30 -3.30 3.47
N LYS A 105 -12.93 -4.55 3.26
CA LYS A 105 -13.87 -5.56 2.79
C LYS A 105 -14.55 -6.23 3.97
N LYS A 106 -15.32 -7.28 3.70
CA LYS A 106 -16.00 -8.01 4.75
C LYS A 106 -15.00 -8.86 5.52
N LYS A 107 -15.37 -9.27 6.72
CA LYS A 107 -14.49 -10.08 7.56
C LYS A 107 -14.32 -11.47 6.97
N GLY A 1 -28.39 -37.80 32.21
CA GLY A 1 -26.99 -37.41 32.53
C GLY A 1 -26.19 -37.11 31.29
N ALA A 2 -25.34 -36.09 31.36
CA ALA A 2 -24.52 -35.71 30.22
C ALA A 2 -23.31 -36.63 30.08
N MET A 3 -23.26 -37.37 28.98
CA MET A 3 -22.16 -38.29 28.73
C MET A 3 -21.56 -38.03 27.35
N ASP A 4 -20.25 -38.23 27.24
CA ASP A 4 -19.52 -38.04 25.98
C ASP A 4 -19.59 -36.60 25.49
N PRO A 5 -18.55 -35.81 25.75
CA PRO A 5 -18.47 -34.42 25.33
C PRO A 5 -17.87 -34.27 23.93
N GLU A 6 -18.05 -33.11 23.33
CA GLU A 6 -17.52 -32.86 22.00
C GLU A 6 -16.49 -31.73 22.05
N PHE A 7 -15.41 -31.89 21.30
CA PHE A 7 -14.34 -30.89 21.26
C PHE A 7 -14.13 -30.38 19.85
N ALA A 8 -13.33 -29.31 19.74
CA ALA A 8 -13.03 -28.71 18.45
C ALA A 8 -11.69 -27.97 18.54
N GLY A 9 -11.21 -27.50 17.41
CA GLY A 9 -9.95 -26.79 17.38
C GLY A 9 -8.98 -27.36 16.37
N GLY A 10 -8.56 -26.52 15.44
CA GLY A 10 -7.62 -26.97 14.42
C GLY A 10 -7.51 -25.97 13.29
N THR A 11 -6.30 -25.51 13.01
CA THR A 11 -6.07 -24.56 11.94
C THR A 11 -4.73 -24.84 11.25
N GLU A 12 -4.72 -24.73 9.94
CA GLU A 12 -3.52 -24.97 9.16
C GLU A 12 -2.93 -23.67 8.64
N GLY A 13 -3.68 -23.03 7.75
CA GLY A 13 -3.23 -21.77 7.17
C GLY A 13 -2.66 -21.98 5.78
N GLN A 14 -2.32 -20.87 5.13
CA GLN A 14 -1.75 -20.93 3.78
C GLN A 14 -0.92 -19.68 3.53
N ARG A 15 0.23 -19.85 2.89
CA ARG A 15 1.09 -18.73 2.58
C ARG A 15 1.40 -18.69 1.09
N LEU A 16 1.35 -17.50 0.51
CA LEU A 16 1.61 -17.34 -0.90
C LEU A 16 3.09 -17.14 -1.19
N THR A 17 3.53 -17.61 -2.34
CA THR A 17 4.92 -17.46 -2.76
C THR A 17 5.06 -16.24 -3.67
N LYS A 18 6.22 -15.60 -3.64
CA LYS A 18 6.46 -14.42 -4.47
C LYS A 18 6.89 -14.84 -5.88
N VAL A 19 6.06 -14.53 -6.87
CA VAL A 19 6.35 -14.87 -8.25
C VAL A 19 5.39 -14.13 -9.20
N ASP A 20 5.90 -13.67 -10.33
CA ASP A 20 5.10 -12.96 -11.31
C ASP A 20 5.36 -13.52 -12.70
N ARG A 21 4.41 -13.30 -13.61
CA ARG A 21 4.55 -13.78 -14.98
C ARG A 21 4.23 -12.66 -15.97
N SER A 22 4.74 -12.78 -17.18
CA SER A 22 4.49 -11.79 -18.21
C SER A 22 3.26 -12.19 -19.01
N ASP A 23 2.09 -11.80 -18.51
CA ASP A 23 0.85 -12.11 -19.15
C ASP A 23 0.08 -10.83 -19.42
N ASP A 24 -1.13 -10.98 -19.88
CA ASP A 24 -1.99 -9.84 -20.19
C ASP A 24 -3.22 -9.81 -19.30
N ILE A 25 -3.56 -10.98 -18.75
CA ILE A 25 -4.71 -11.11 -17.89
C ILE A 25 -4.50 -10.35 -16.58
N ILE A 26 -5.44 -9.48 -16.26
CA ILE A 26 -5.40 -8.70 -15.03
C ILE A 26 -5.77 -9.57 -13.84
N LYS A 27 -4.91 -9.60 -12.85
CA LYS A 27 -5.14 -10.39 -11.65
C LYS A 27 -4.87 -9.56 -10.40
N PRO A 28 -5.50 -9.90 -9.27
CA PRO A 28 -5.31 -9.19 -8.00
C PRO A 28 -4.00 -9.57 -7.31
N LYS A 29 -2.96 -9.79 -8.11
CA LYS A 29 -1.65 -10.17 -7.61
C LYS A 29 -0.68 -9.01 -7.73
N THR A 30 -1.22 -7.84 -7.99
CA THR A 30 -0.42 -6.63 -8.15
C THR A 30 -1.04 -5.49 -7.34
N VAL A 31 -0.26 -4.45 -7.10
CA VAL A 31 -0.77 -3.31 -6.33
C VAL A 31 -1.64 -2.40 -7.21
N GLY A 32 -1.26 -2.28 -8.47
CA GLY A 32 -1.98 -1.41 -9.40
C GLY A 32 -1.03 -0.44 -10.08
N LYS A 33 -1.33 -0.08 -11.31
CA LYS A 33 -0.47 0.82 -12.06
C LYS A 33 -0.46 2.23 -11.46
N GLU A 34 -1.65 2.80 -11.28
CA GLU A 34 -1.76 4.13 -10.68
C GLU A 34 -1.35 4.06 -9.22
N VAL A 35 -1.65 2.94 -8.62
CA VAL A 35 -1.32 2.68 -7.23
C VAL A 35 0.19 2.79 -7.03
N GLY A 36 0.95 2.27 -7.99
CA GLY A 36 2.40 2.32 -7.91
C GLY A 36 2.90 3.76 -7.87
N LYS A 37 2.30 4.63 -8.69
CA LYS A 37 2.68 6.03 -8.73
C LYS A 37 2.38 6.69 -7.40
N ALA A 38 1.19 6.41 -6.88
CA ALA A 38 0.75 6.96 -5.60
C ALA A 38 1.66 6.50 -4.48
N ILE A 39 2.15 5.28 -4.58
CA ILE A 39 3.04 4.72 -3.57
C ILE A 39 4.30 5.57 -3.44
N GLU A 40 4.88 5.95 -4.57
CA GLU A 40 6.09 6.74 -4.56
C GLU A 40 5.81 8.14 -4.05
N GLN A 41 4.77 8.76 -4.61
CA GLN A 41 4.39 10.10 -4.23
C GLN A 41 4.00 10.15 -2.76
N GLY A 42 3.35 9.09 -2.29
CA GLY A 42 2.91 9.02 -0.92
C GLY A 42 4.06 9.05 0.10
N ARG A 43 5.15 8.36 -0.20
CA ARG A 43 6.28 8.31 0.73
C ARG A 43 6.97 9.67 0.80
N GLN A 44 7.02 10.34 -0.33
CA GLN A 44 7.65 11.65 -0.42
C GLN A 44 6.69 12.74 0.03
N LYS A 45 5.45 12.36 0.30
CA LYS A 45 4.42 13.31 0.72
C LYS A 45 4.40 13.46 2.24
N PHE A 46 5.44 13.00 2.92
CA PHE A 46 5.50 13.10 4.38
C PHE A 46 6.06 14.44 4.82
N GLU A 47 6.73 15.11 3.89
CA GLU A 47 7.36 16.41 4.13
C GLU A 47 8.43 16.34 5.22
N PRO A 48 9.72 16.41 4.85
CA PRO A 48 10.14 16.55 3.45
C PRO A 48 9.91 15.29 2.64
N THR A 49 10.52 14.23 3.11
CA THR A 49 10.43 12.92 2.46
C THR A 49 10.75 11.81 3.44
N MET A 50 9.82 10.87 3.59
CA MET A 50 10.01 9.74 4.49
C MET A 50 11.02 8.79 3.87
N THR A 51 11.89 8.22 4.70
CA THR A 51 12.89 7.30 4.21
C THR A 51 12.26 6.00 3.69
N GLN A 52 12.82 5.47 2.62
CA GLN A 52 12.32 4.24 2.03
C GLN A 52 12.61 3.05 2.93
N ALA A 53 13.78 3.08 3.56
CA ALA A 53 14.20 2.02 4.45
C ALA A 53 13.34 1.97 5.71
N GLU A 54 12.90 3.14 6.16
CA GLU A 54 12.08 3.22 7.36
C GLU A 54 10.65 2.82 7.04
N LEU A 55 10.12 3.27 5.91
CA LEU A 55 8.77 2.93 5.53
C LEU A 55 8.67 1.43 5.31
N GLY A 56 9.72 0.87 4.72
CA GLY A 56 9.77 -0.55 4.47
C GLY A 56 9.90 -1.34 5.76
N LYS A 57 10.79 -0.90 6.64
CA LYS A 57 11.02 -1.57 7.91
C LYS A 57 9.74 -1.62 8.74
N GLU A 58 8.96 -0.54 8.69
CA GLU A 58 7.70 -0.46 9.44
C GLU A 58 6.73 -1.55 8.97
N ILE A 59 6.70 -1.81 7.67
CA ILE A 59 5.78 -2.80 7.12
C ILE A 59 6.42 -4.18 7.00
N GLY A 60 7.66 -4.31 7.47
CA GLY A 60 8.34 -5.60 7.44
C GLY A 60 9.09 -5.87 6.14
N GLU A 61 9.21 -4.84 5.31
CA GLU A 61 9.90 -4.98 4.04
C GLU A 61 11.22 -4.22 4.09
N THR A 62 11.81 -3.93 2.92
CA THR A 62 13.07 -3.20 2.89
C THR A 62 12.95 -1.96 2.00
N ALA A 63 14.02 -1.16 1.97
CA ALA A 63 14.04 0.07 1.16
C ALA A 63 13.80 -0.24 -0.30
N ALA A 64 14.45 -1.29 -0.81
CA ALA A 64 14.29 -1.69 -2.20
C ALA A 64 12.85 -2.07 -2.48
N THR A 65 12.21 -2.67 -1.49
CA THR A 65 10.83 -3.10 -1.62
C THR A 65 9.92 -1.90 -1.86
N VAL A 66 10.04 -0.89 -1.01
CA VAL A 66 9.22 0.32 -1.14
C VAL A 66 9.46 0.99 -2.49
N ALA A 67 10.73 1.05 -2.89
CA ALA A 67 11.10 1.65 -4.16
C ALA A 67 10.59 0.80 -5.33
N SER A 68 10.62 -0.51 -5.16
CA SER A 68 10.15 -1.45 -6.17
C SER A 68 8.62 -1.49 -6.26
N TYR A 69 7.95 -1.19 -5.15
CA TYR A 69 6.48 -1.21 -5.09
C TYR A 69 5.85 -0.24 -6.08
N GLU A 70 6.53 0.88 -6.35
CA GLU A 70 6.02 1.90 -7.27
C GLU A 70 5.81 1.34 -8.69
N ARG A 71 6.43 0.20 -8.98
CA ARG A 71 6.32 -0.44 -10.27
C ARG A 71 4.87 -0.84 -10.56
N GLY A 72 4.08 -1.02 -9.51
CA GLY A 72 2.68 -1.37 -9.70
C GLY A 72 2.40 -2.84 -9.54
N THR A 73 3.25 -3.55 -8.80
CA THR A 73 3.06 -4.97 -8.57
C THR A 73 3.75 -5.40 -7.27
N ALA A 74 5.03 -5.77 -7.36
CA ALA A 74 5.82 -6.18 -6.20
C ALA A 74 5.25 -7.38 -5.46
N THR A 75 4.25 -8.07 -6.06
CA THR A 75 3.59 -9.20 -5.42
C THR A 75 3.27 -8.81 -3.99
N PRO A 76 2.24 -8.00 -3.85
CA PRO A 76 1.86 -7.41 -2.59
C PRO A 76 0.91 -8.20 -1.73
N ASP A 77 1.12 -8.04 -0.44
CA ASP A 77 0.27 -8.60 0.58
C ASP A 77 -0.70 -7.50 0.90
N GLN A 78 -1.99 -7.78 0.88
CA GLN A 78 -3.02 -6.76 1.10
C GLN A 78 -2.84 -6.00 2.41
N ASN A 79 -2.27 -6.68 3.38
CA ASN A 79 -2.04 -6.09 4.68
C ASN A 79 -0.90 -5.06 4.61
N ILE A 80 0.06 -5.28 3.70
CA ILE A 80 1.18 -4.36 3.54
C ILE A 80 0.71 -3.03 2.97
N LEU A 81 -0.09 -3.09 1.91
CA LEU A 81 -0.62 -1.88 1.27
C LEU A 81 -1.40 -1.07 2.28
N SER A 82 -2.09 -1.78 3.15
CA SER A 82 -2.88 -1.15 4.18
C SER A 82 -1.99 -0.40 5.18
N LYS A 83 -0.96 -1.06 5.68
CA LYS A 83 -0.06 -0.46 6.65
C LYS A 83 0.90 0.58 6.06
N MET A 84 1.41 0.33 4.86
CA MET A 84 2.38 1.25 4.25
C MET A 84 1.77 2.64 4.03
N GLU A 85 0.60 2.68 3.42
CA GLU A 85 -0.08 3.94 3.13
C GLU A 85 -0.75 4.55 4.36
N ARG A 86 -1.18 3.72 5.30
CA ARG A 86 -1.85 4.20 6.50
C ARG A 86 -0.94 5.10 7.33
N VAL A 87 0.38 4.92 7.16
CA VAL A 87 1.36 5.70 7.91
C VAL A 87 1.23 7.18 7.57
N LEU A 88 0.89 7.46 6.32
CA LEU A 88 0.75 8.83 5.85
C LEU A 88 -0.73 9.18 5.67
N ASN A 89 -1.60 8.24 6.03
CA ASN A 89 -3.05 8.42 5.95
C ASN A 89 -3.50 8.43 4.50
N VAL A 90 -3.08 7.41 3.77
CA VAL A 90 -3.42 7.28 2.37
C VAL A 90 -3.90 5.85 2.10
N LYS A 91 -4.75 5.68 1.10
CA LYS A 91 -5.23 4.36 0.75
C LYS A 91 -5.10 4.12 -0.75
N LEU A 92 -4.80 2.90 -1.13
CA LEU A 92 -4.63 2.53 -2.53
C LEU A 92 -5.81 1.73 -3.04
N ARG A 93 -6.93 1.81 -2.34
CA ARG A 93 -8.12 1.08 -2.73
C ARG A 93 -9.35 1.97 -2.69
N GLY A 94 -10.21 1.81 -3.69
CA GLY A 94 -11.42 2.59 -3.76
C GLY A 94 -11.36 3.60 -4.89
N ALA A 95 -12.15 4.65 -4.79
CA ALA A 95 -12.17 5.70 -5.80
C ALA A 95 -11.24 6.82 -5.39
N ASN A 96 -11.11 7.01 -4.08
CA ASN A 96 -10.25 8.05 -3.55
C ASN A 96 -8.83 7.54 -3.39
N ILE A 97 -8.24 7.10 -4.49
CA ILE A 97 -6.87 6.59 -4.47
C ILE A 97 -5.89 7.71 -4.16
N GLY A 98 -4.91 7.42 -3.31
CA GLY A 98 -3.92 8.40 -2.95
C GLY A 98 -4.44 9.35 -1.89
N ALA A 99 -5.58 8.99 -1.34
CA ALA A 99 -6.22 9.78 -0.30
C ALA A 99 -6.67 8.90 0.85
N PRO A 100 -6.84 9.47 2.06
CA PRO A 100 -7.31 8.72 3.23
C PRO A 100 -8.71 8.13 3.00
N ARG A 101 -8.83 6.82 3.14
CA ARG A 101 -10.12 6.18 2.94
C ARG A 101 -10.31 5.06 3.94
N LEU A 102 -11.41 5.11 4.67
CA LEU A 102 -11.69 4.09 5.67
C LEU A 102 -12.12 2.79 5.00
N GLY A 103 -11.30 1.77 5.13
CA GLY A 103 -11.57 0.49 4.54
C GLY A 103 -10.44 -0.50 4.81
N PRO A 104 -10.34 -0.99 6.05
CA PRO A 104 -9.29 -1.93 6.43
C PRO A 104 -9.46 -3.30 5.78
N LYS A 105 -8.42 -3.76 5.10
CA LYS A 105 -8.46 -5.06 4.44
C LYS A 105 -7.24 -5.89 4.83
N LYS A 106 -7.40 -7.21 4.78
CA LYS A 106 -6.32 -8.12 5.11
C LYS A 106 -6.31 -9.28 4.13
N LYS A 107 -7.46 -9.93 3.97
CA LYS A 107 -7.59 -11.06 3.06
C LYS A 107 -8.54 -10.73 1.93
N GLY A 1 29.35 59.68 -17.74
CA GLY A 1 28.18 58.78 -17.69
C GLY A 1 28.19 57.91 -16.45
N ALA A 2 27.06 57.27 -16.18
CA ALA A 2 26.94 56.39 -15.01
C ALA A 2 26.09 55.17 -15.35
N MET A 3 26.06 54.20 -14.46
CA MET A 3 25.28 52.98 -14.67
C MET A 3 24.47 52.63 -13.44
N ASP A 4 23.17 52.48 -13.63
CA ASP A 4 22.26 52.13 -12.54
C ASP A 4 21.93 50.64 -12.61
N PRO A 5 21.74 49.99 -11.44
CA PRO A 5 21.41 48.57 -11.37
C PRO A 5 19.95 48.27 -11.74
N GLU A 6 19.64 47.00 -11.94
CA GLU A 6 18.29 46.59 -12.29
C GLU A 6 17.60 45.91 -11.12
N PHE A 7 16.27 45.87 -11.16
CA PHE A 7 15.48 45.23 -10.12
C PHE A 7 14.25 44.56 -10.73
N ALA A 8 13.95 43.35 -10.29
CA ALA A 8 12.81 42.62 -10.81
C ALA A 8 12.36 41.52 -9.86
N GLY A 9 11.20 40.96 -10.13
CA GLY A 9 10.67 39.90 -9.29
C GLY A 9 9.82 38.93 -10.10
N GLY A 10 9.45 37.81 -9.50
CA GLY A 10 8.65 36.82 -10.19
C GLY A 10 7.75 36.05 -9.26
N THR A 11 7.01 35.10 -9.82
CA THR A 11 6.10 34.27 -9.03
C THR A 11 6.01 32.87 -9.64
N GLU A 12 6.00 31.86 -8.79
CA GLU A 12 5.93 30.49 -9.24
C GLU A 12 4.49 29.98 -9.25
N GLY A 13 3.89 29.91 -8.07
CA GLY A 13 2.53 29.43 -7.95
C GLY A 13 2.48 28.04 -7.36
N GLN A 14 1.32 27.39 -7.45
CA GLN A 14 1.15 26.04 -6.91
C GLN A 14 -0.10 25.38 -7.50
N ARG A 15 -0.03 24.07 -7.69
CA ARG A 15 -1.16 23.31 -8.23
C ARG A 15 -1.09 21.86 -7.75
N LEU A 16 -2.24 21.29 -7.45
CA LEU A 16 -2.32 19.90 -6.99
C LEU A 16 -3.66 19.28 -7.44
N THR A 17 -3.58 18.35 -8.37
CA THR A 17 -4.77 17.69 -8.89
C THR A 17 -4.70 16.17 -8.71
N LYS A 18 -5.85 15.52 -8.56
CA LYS A 18 -5.90 14.08 -8.40
C LYS A 18 -6.67 13.44 -9.55
N VAL A 19 -6.77 12.11 -9.54
CA VAL A 19 -7.47 11.40 -10.59
C VAL A 19 -8.37 10.30 -10.03
N ASP A 20 -9.46 10.01 -10.73
CA ASP A 20 -10.39 8.96 -10.30
C ASP A 20 -10.14 7.69 -11.12
N ARG A 21 -10.42 6.55 -10.51
CA ARG A 21 -10.23 5.27 -11.18
C ARG A 21 -11.28 4.26 -10.72
N SER A 22 -11.80 3.50 -11.66
CA SER A 22 -12.78 2.46 -11.35
C SER A 22 -12.05 1.21 -10.89
N ASP A 23 -11.15 0.73 -11.75
CA ASP A 23 -10.34 -0.46 -11.49
C ASP A 23 -11.17 -1.64 -11.04
N ASP A 24 -12.14 -2.01 -11.87
CA ASP A 24 -13.03 -3.13 -11.59
C ASP A 24 -12.52 -4.37 -12.30
N ILE A 25 -11.30 -4.28 -12.80
CA ILE A 25 -10.67 -5.37 -13.53
C ILE A 25 -10.26 -6.49 -12.57
N ILE A 26 -9.68 -7.53 -13.14
CA ILE A 26 -9.22 -8.66 -12.36
C ILE A 26 -7.89 -8.35 -11.70
N LYS A 27 -7.90 -8.16 -10.39
CA LYS A 27 -6.67 -7.86 -9.66
C LYS A 27 -5.83 -9.12 -9.48
N PRO A 28 -4.66 -9.17 -10.13
CA PRO A 28 -3.75 -10.31 -10.06
C PRO A 28 -2.74 -10.18 -8.91
N LYS A 29 -1.54 -10.71 -9.10
CA LYS A 29 -0.51 -10.66 -8.07
C LYS A 29 0.33 -9.40 -8.21
N THR A 30 -0.30 -8.32 -8.66
CA THR A 30 0.37 -7.04 -8.82
C THR A 30 -0.31 -6.00 -7.93
N VAL A 31 0.38 -4.90 -7.65
CA VAL A 31 -0.19 -3.88 -6.79
C VAL A 31 -1.00 -2.87 -7.59
N GLY A 32 -0.67 -2.72 -8.87
CA GLY A 32 -1.37 -1.77 -9.71
C GLY A 32 -0.45 -0.69 -10.24
N LYS A 33 -0.61 -0.34 -11.52
CA LYS A 33 0.24 0.67 -12.15
C LYS A 33 0.01 2.06 -11.56
N GLU A 34 -1.25 2.39 -11.29
CA GLU A 34 -1.58 3.69 -10.72
C GLU A 34 -1.27 3.67 -9.23
N VAL A 35 -1.41 2.50 -8.63
CA VAL A 35 -1.13 2.32 -7.22
C VAL A 35 0.36 2.53 -6.95
N GLY A 36 1.20 2.02 -7.85
CA GLY A 36 2.62 2.17 -7.70
C GLY A 36 3.04 3.63 -7.64
N LYS A 37 2.44 4.46 -8.48
CA LYS A 37 2.74 5.89 -8.49
C LYS A 37 2.19 6.55 -7.23
N ALA A 38 1.00 6.12 -6.83
CA ALA A 38 0.36 6.65 -5.64
C ALA A 38 1.14 6.26 -4.39
N ILE A 39 1.80 5.12 -4.44
CA ILE A 39 2.60 4.65 -3.32
C ILE A 39 3.69 5.66 -3.00
N GLU A 40 4.36 6.15 -4.03
CA GLU A 40 5.41 7.13 -3.85
C GLU A 40 4.82 8.46 -3.44
N GLN A 41 3.87 8.93 -4.25
CA GLN A 41 3.20 10.18 -4.01
C GLN A 41 2.60 10.24 -2.60
N GLY A 42 2.13 9.09 -2.12
CA GLY A 42 1.54 9.03 -0.80
C GLY A 42 2.59 9.01 0.32
N ARG A 43 3.72 8.37 0.04
CA ARG A 43 4.79 8.25 1.02
C ARG A 43 5.62 9.54 1.06
N GLN A 44 5.76 10.18 -0.10
CA GLN A 44 6.51 11.42 -0.22
C GLN A 44 5.71 12.57 0.40
N LYS A 45 4.50 12.25 0.86
CA LYS A 45 3.65 13.25 1.51
C LYS A 45 4.03 13.39 2.97
N PHE A 46 5.00 12.57 3.40
CA PHE A 46 5.48 12.60 4.77
C PHE A 46 6.42 13.78 4.99
N GLU A 47 6.87 13.95 6.22
CA GLU A 47 7.77 15.04 6.55
C GLU A 47 9.08 14.48 7.12
N PRO A 48 10.22 14.80 6.47
CA PRO A 48 10.27 15.64 5.27
C PRO A 48 9.81 14.90 4.02
N THR A 49 10.02 13.61 4.07
CA THR A 49 9.67 12.67 3.00
C THR A 49 10.06 11.26 3.43
N MET A 50 9.09 10.35 3.44
CA MET A 50 9.35 8.97 3.81
C MET A 50 10.16 8.27 2.73
N THR A 51 11.41 7.96 3.04
CA THR A 51 12.28 7.29 2.09
C THR A 51 11.97 5.80 2.02
N GLN A 52 12.59 5.12 1.07
CA GLN A 52 12.39 3.68 0.89
C GLN A 52 12.83 2.91 2.11
N ALA A 53 13.90 3.38 2.75
CA ALA A 53 14.43 2.73 3.95
C ALA A 53 13.46 2.88 5.12
N GLU A 54 12.89 4.07 5.27
CA GLU A 54 11.95 4.34 6.35
C GLU A 54 10.65 3.56 6.15
N LEU A 55 10.10 3.64 4.94
CA LEU A 55 8.87 2.94 4.65
C LEU A 55 9.09 1.44 4.81
N GLY A 56 10.24 0.98 4.33
CA GLY A 56 10.59 -0.43 4.44
C GLY A 56 10.68 -0.87 5.88
N LYS A 57 11.33 -0.05 6.71
CA LYS A 57 11.48 -0.36 8.12
C LYS A 57 10.13 -0.35 8.83
N GLU A 58 9.25 0.56 8.41
CA GLU A 58 7.92 0.67 9.00
C GLU A 58 7.04 -0.54 8.64
N ILE A 59 7.12 -0.99 7.39
CA ILE A 59 6.31 -2.14 6.96
C ILE A 59 6.97 -3.47 7.32
N GLY A 60 8.27 -3.42 7.61
CA GLY A 60 8.98 -4.63 7.98
C GLY A 60 9.63 -5.31 6.79
N GLU A 61 9.88 -4.55 5.73
CA GLU A 61 10.49 -5.08 4.52
C GLU A 61 11.80 -4.36 4.23
N THR A 62 12.36 -4.59 3.06
CA THR A 62 13.60 -3.95 2.67
C THR A 62 13.33 -2.75 1.78
N ALA A 63 14.36 -1.93 1.55
CA ALA A 63 14.23 -0.75 0.71
C ALA A 63 13.86 -1.14 -0.72
N ALA A 64 14.41 -2.28 -1.16
CA ALA A 64 14.14 -2.79 -2.50
C ALA A 64 12.67 -3.10 -2.65
N THR A 65 12.06 -3.58 -1.57
CA THR A 65 10.65 -3.92 -1.58
C THR A 65 9.83 -2.68 -1.91
N VAL A 66 10.14 -1.57 -1.26
CA VAL A 66 9.43 -0.32 -1.49
C VAL A 66 9.71 0.20 -2.89
N ALA A 67 10.96 0.12 -3.32
CA ALA A 67 11.36 0.57 -4.66
C ALA A 67 10.68 -0.30 -5.73
N SER A 68 10.52 -1.57 -5.41
CA SER A 68 9.87 -2.50 -6.31
C SER A 68 8.35 -2.31 -6.30
N TYR A 69 7.83 -1.81 -5.18
CA TYR A 69 6.39 -1.58 -5.02
C TYR A 69 5.89 -0.44 -5.92
N GLU A 70 6.66 0.65 -5.97
CA GLU A 70 6.30 1.83 -6.80
C GLU A 70 6.21 1.47 -8.28
N ARG A 71 6.82 0.34 -8.65
CA ARG A 71 6.80 -0.13 -10.00
C ARG A 71 5.39 -0.56 -10.41
N GLY A 72 4.56 -0.84 -9.41
CA GLY A 72 3.21 -1.28 -9.68
C GLY A 72 3.09 -2.78 -9.69
N THR A 73 4.05 -3.43 -9.07
CA THR A 73 4.10 -4.88 -9.01
C THR A 73 5.22 -5.32 -8.08
N ALA A 74 4.81 -5.83 -6.93
CA ALA A 74 5.72 -6.31 -5.91
C ALA A 74 4.99 -7.26 -4.98
N THR A 75 4.00 -7.95 -5.54
CA THR A 75 3.16 -8.89 -4.79
C THR A 75 2.43 -8.15 -3.67
N PRO A 76 1.16 -7.75 -3.92
CA PRO A 76 0.36 -6.99 -2.97
C PRO A 76 0.01 -7.75 -1.71
N ASP A 77 0.82 -7.57 -0.69
CA ASP A 77 0.57 -8.20 0.60
C ASP A 77 -0.38 -7.30 1.37
N GLN A 78 -1.53 -7.85 1.73
CA GLN A 78 -2.57 -7.09 2.43
C GLN A 78 -2.03 -6.43 3.68
N ASN A 79 -1.14 -7.11 4.37
CA ASN A 79 -0.54 -6.57 5.58
C ASN A 79 0.37 -5.40 5.23
N ILE A 80 1.18 -5.57 4.18
CA ILE A 80 2.09 -4.52 3.75
C ILE A 80 1.29 -3.32 3.26
N LEU A 81 0.37 -3.54 2.32
CA LEU A 81 -0.47 -2.47 1.77
C LEU A 81 -1.12 -1.69 2.90
N SER A 82 -1.58 -2.42 3.91
CA SER A 82 -2.22 -1.82 5.07
C SER A 82 -1.28 -0.86 5.78
N LYS A 83 -0.07 -1.32 6.06
CA LYS A 83 0.93 -0.50 6.75
C LYS A 83 1.39 0.69 5.92
N MET A 84 1.60 0.47 4.62
CA MET A 84 2.09 1.53 3.72
C MET A 84 1.29 2.81 3.88
N GLU A 85 -0.01 2.71 3.67
CA GLU A 85 -0.90 3.86 3.75
C GLU A 85 -1.19 4.27 5.21
N ARG A 86 -1.13 3.31 6.11
CA ARG A 86 -1.41 3.53 7.53
C ARG A 86 -0.41 4.45 8.20
N VAL A 87 0.78 4.56 7.63
CA VAL A 87 1.82 5.40 8.22
C VAL A 87 1.42 6.86 8.12
N LEU A 88 0.58 7.17 7.15
CA LEU A 88 0.13 8.52 6.91
C LEU A 88 -1.38 8.66 6.99
N ASN A 89 -2.01 8.70 5.83
CA ASN A 89 -3.45 8.88 5.69
C ASN A 89 -3.81 9.02 4.23
N VAL A 90 -3.57 7.97 3.50
CA VAL A 90 -3.87 7.93 2.08
C VAL A 90 -4.51 6.59 1.75
N LYS A 91 -5.28 6.55 0.67
CA LYS A 91 -5.93 5.32 0.26
C LYS A 91 -5.69 5.05 -1.22
N LEU A 92 -5.30 3.83 -1.53
CA LEU A 92 -5.04 3.43 -2.91
C LEU A 92 -6.19 2.57 -3.43
N ARG A 93 -7.32 2.63 -2.74
CA ARG A 93 -8.50 1.88 -3.12
C ARG A 93 -9.70 2.81 -3.21
N GLY A 94 -10.60 2.53 -4.16
CA GLY A 94 -11.77 3.34 -4.34
C GLY A 94 -11.63 4.33 -5.47
N ALA A 95 -12.38 5.42 -5.40
CA ALA A 95 -12.34 6.44 -6.43
C ALA A 95 -11.43 7.60 -6.05
N ASN A 96 -11.25 7.81 -4.74
CA ASN A 96 -10.39 8.88 -4.25
C ASN A 96 -9.00 8.36 -3.96
N ILE A 97 -8.40 7.71 -4.94
CA ILE A 97 -7.07 7.16 -4.81
C ILE A 97 -6.03 8.28 -4.71
N GLY A 98 -5.06 8.10 -3.84
CA GLY A 98 -4.01 9.09 -3.67
C GLY A 98 -4.46 10.18 -2.72
N ALA A 99 -5.56 9.92 -2.03
CA ALA A 99 -6.11 10.88 -1.07
C ALA A 99 -6.65 10.17 0.16
N PRO A 100 -6.67 10.84 1.33
CA PRO A 100 -7.23 10.27 2.55
C PRO A 100 -8.72 10.02 2.33
N ARG A 101 -9.16 8.78 2.44
CA ARG A 101 -10.56 8.45 2.20
C ARG A 101 -10.80 6.98 2.48
N LEU A 102 -11.13 6.67 3.71
CA LEU A 102 -11.38 5.30 4.10
C LEU A 102 -12.81 5.16 4.61
N GLY A 103 -13.27 3.94 4.76
CA GLY A 103 -14.61 3.70 5.22
C GLY A 103 -14.82 2.26 5.62
N PRO A 104 -16.08 1.83 5.71
CA PRO A 104 -16.41 0.45 6.10
C PRO A 104 -16.06 -0.56 5.02
N LYS A 105 -15.86 -1.81 5.44
CA LYS A 105 -15.54 -2.89 4.52
C LYS A 105 -16.57 -4.01 4.66
N LYS A 106 -17.40 -4.16 3.66
CA LYS A 106 -18.45 -5.18 3.68
C LYS A 106 -17.95 -6.49 3.08
N LYS A 107 -18.65 -7.57 3.39
CA LYS A 107 -18.30 -8.89 2.89
C LYS A 107 -19.33 -9.38 1.89
N GLY A 1 36.14 -29.48 12.63
CA GLY A 1 34.95 -28.60 12.51
C GLY A 1 35.15 -27.55 11.43
N ALA A 2 34.17 -26.67 11.28
CA ALA A 2 34.23 -25.62 10.28
C ALA A 2 35.16 -24.51 10.75
N MET A 3 36.44 -24.65 10.45
CA MET A 3 37.45 -23.67 10.83
C MET A 3 37.15 -22.32 10.18
N ASP A 4 36.84 -22.36 8.89
CA ASP A 4 36.50 -21.15 8.15
C ASP A 4 35.32 -21.42 7.24
N PRO A 5 34.09 -21.31 7.77
CA PRO A 5 32.88 -21.53 6.99
C PRO A 5 32.65 -20.39 6.00
N GLU A 6 32.33 -20.74 4.76
CA GLU A 6 32.09 -19.75 3.74
C GLU A 6 30.67 -19.20 3.83
N PHE A 7 30.56 -17.89 4.03
CA PHE A 7 29.27 -17.24 4.13
C PHE A 7 28.76 -16.85 2.75
N ALA A 8 27.45 -16.65 2.63
CA ALA A 8 26.84 -16.28 1.37
C ALA A 8 26.61 -14.78 1.30
N GLY A 9 26.55 -14.24 0.09
CA GLY A 9 26.32 -12.82 -0.08
C GLY A 9 24.89 -12.53 -0.48
N GLY A 10 24.72 -11.65 -1.46
CA GLY A 10 23.39 -11.31 -1.91
C GLY A 10 23.38 -10.78 -3.32
N THR A 11 22.19 -10.60 -3.88
CA THR A 11 22.02 -10.09 -5.22
C THR A 11 20.88 -9.09 -5.25
N GLU A 12 21.08 -7.97 -5.94
CA GLU A 12 20.05 -6.93 -6.03
C GLU A 12 19.93 -6.42 -7.46
N GLY A 13 18.74 -5.98 -7.83
CA GLY A 13 18.52 -5.47 -9.17
C GLY A 13 17.65 -4.23 -9.17
N GLN A 14 17.51 -3.61 -10.33
CA GLN A 14 16.70 -2.40 -10.47
C GLN A 14 15.46 -2.66 -11.34
N ARG A 15 14.73 -1.61 -11.66
CA ARG A 15 13.53 -1.73 -12.48
C ARG A 15 13.66 -0.92 -13.77
N LEU A 16 12.63 -0.95 -14.60
CA LEU A 16 12.62 -0.23 -15.86
C LEU A 16 11.81 1.06 -15.76
N THR A 17 11.65 1.74 -16.91
CA THR A 17 10.91 2.99 -16.97
C THR A 17 9.46 2.83 -16.49
N LYS A 18 9.01 3.79 -15.69
CA LYS A 18 7.66 3.76 -15.15
C LYS A 18 6.65 4.28 -16.15
N VAL A 19 5.54 3.56 -16.28
CA VAL A 19 4.47 3.92 -17.20
C VAL A 19 3.12 3.54 -16.60
N ASP A 20 2.14 4.43 -16.70
CA ASP A 20 0.80 4.17 -16.17
C ASP A 20 -0.26 4.87 -16.99
N ARG A 21 -1.35 4.16 -17.25
CA ARG A 21 -2.48 4.71 -18.02
C ARG A 21 -3.78 4.15 -17.48
N SER A 22 -4.88 4.86 -17.73
CA SER A 22 -6.20 4.45 -17.29
C SER A 22 -6.66 3.21 -18.03
N ASP A 23 -6.88 2.13 -17.30
CA ASP A 23 -7.34 0.87 -17.87
C ASP A 23 -7.96 0.00 -16.80
N ASP A 24 -9.13 -0.53 -17.08
CA ASP A 24 -9.85 -1.37 -16.13
C ASP A 24 -9.55 -2.85 -16.36
N ILE A 25 -8.58 -3.13 -17.24
CA ILE A 25 -8.18 -4.49 -17.55
C ILE A 25 -7.70 -5.22 -16.30
N ILE A 26 -8.06 -6.47 -16.19
CA ILE A 26 -7.65 -7.29 -15.05
C ILE A 26 -6.16 -7.59 -15.11
N LYS A 27 -5.53 -7.59 -13.95
CA LYS A 27 -4.10 -7.86 -13.84
C LYS A 27 -3.89 -8.99 -12.85
N PRO A 28 -2.77 -9.74 -12.96
CA PRO A 28 -2.47 -10.83 -12.04
C PRO A 28 -2.22 -10.33 -10.61
N LYS A 29 -1.61 -11.16 -9.78
CA LYS A 29 -1.35 -10.77 -8.40
C LYS A 29 -0.31 -9.65 -8.37
N THR A 30 -0.82 -8.42 -8.42
CA THR A 30 0.01 -7.23 -8.40
C THR A 30 -0.56 -6.21 -7.44
N VAL A 31 0.20 -5.17 -7.15
CA VAL A 31 -0.25 -4.14 -6.24
C VAL A 31 -1.09 -3.07 -6.96
N GLY A 32 -0.82 -2.87 -8.24
CA GLY A 32 -1.57 -1.89 -9.01
C GLY A 32 -0.68 -0.79 -9.56
N LYS A 33 -0.88 -0.44 -10.83
CA LYS A 33 -0.08 0.59 -11.47
C LYS A 33 -0.31 1.96 -10.83
N GLU A 34 -1.57 2.31 -10.64
CA GLU A 34 -1.91 3.59 -10.01
C GLU A 34 -1.45 3.57 -8.56
N VAL A 35 -1.55 2.38 -7.96
CA VAL A 35 -1.15 2.18 -6.58
C VAL A 35 0.33 2.52 -6.41
N GLY A 36 1.17 2.02 -7.31
CA GLY A 36 2.59 2.29 -7.23
C GLY A 36 2.90 3.78 -7.29
N LYS A 37 2.18 4.49 -8.15
CA LYS A 37 2.37 5.92 -8.29
C LYS A 37 1.98 6.64 -7.00
N ALA A 38 0.85 6.23 -6.43
CA ALA A 38 0.38 6.83 -5.18
C ALA A 38 1.31 6.48 -4.03
N ILE A 39 1.85 5.27 -4.03
CA ILE A 39 2.77 4.84 -2.99
C ILE A 39 3.95 5.80 -2.91
N GLU A 40 4.52 6.10 -4.07
CA GLU A 40 5.67 6.96 -4.16
C GLU A 40 5.33 8.38 -3.72
N GLN A 41 4.24 8.90 -4.27
CA GLN A 41 3.79 10.24 -3.94
C GLN A 41 3.45 10.33 -2.46
N GLY A 42 2.85 9.26 -1.94
CA GLY A 42 2.49 9.22 -0.53
C GLY A 42 3.69 9.30 0.40
N ARG A 43 4.80 8.71 -0.02
CA ARG A 43 6.01 8.72 0.80
C ARG A 43 6.68 10.10 0.72
N GLN A 44 6.59 10.71 -0.44
CA GLN A 44 7.16 12.02 -0.67
C GLN A 44 6.33 13.11 -0.01
N LYS A 45 5.11 12.76 0.39
CA LYS A 45 4.21 13.71 1.03
C LYS A 45 4.23 13.56 2.55
N PHE A 46 5.30 12.96 3.07
CA PHE A 46 5.42 12.76 4.51
C PHE A 46 5.95 14.01 5.21
N GLU A 47 6.34 14.99 4.41
CA GLU A 47 6.88 16.26 4.90
C GLU A 47 8.07 16.06 5.84
N PRO A 48 9.30 16.25 5.34
CA PRO A 48 9.56 16.63 3.95
C PRO A 48 9.33 15.48 2.96
N THR A 49 9.95 14.37 3.25
CA THR A 49 9.88 13.18 2.41
C THR A 49 10.35 11.94 3.20
N MET A 50 9.63 10.85 3.05
CA MET A 50 9.97 9.60 3.73
C MET A 50 10.85 8.75 2.82
N THR A 51 11.94 8.24 3.35
CA THR A 51 12.84 7.41 2.57
C THR A 51 12.27 6.02 2.37
N GLN A 52 12.82 5.29 1.40
CA GLN A 52 12.37 3.95 1.11
C GLN A 52 12.77 3.01 2.26
N ALA A 53 13.86 3.35 2.92
CA ALA A 53 14.36 2.56 4.04
C ALA A 53 13.40 2.65 5.23
N GLU A 54 12.89 3.85 5.51
CA GLU A 54 11.97 4.05 6.61
C GLU A 54 10.69 3.26 6.42
N LEU A 55 10.10 3.38 5.22
CA LEU A 55 8.88 2.65 4.92
C LEU A 55 9.13 1.16 4.98
N GLY A 56 10.21 0.72 4.36
CA GLY A 56 10.57 -0.68 4.36
C GLY A 56 10.70 -1.23 5.76
N LYS A 57 11.41 -0.51 6.61
CA LYS A 57 11.63 -0.94 7.97
C LYS A 57 10.32 -1.01 8.76
N GLU A 58 9.47 0.00 8.59
CA GLU A 58 8.20 0.04 9.33
C GLU A 58 7.19 -1.03 8.88
N ILE A 59 7.31 -1.53 7.66
CA ILE A 59 6.39 -2.57 7.18
C ILE A 59 7.00 -3.95 7.33
N GLY A 60 8.27 -4.00 7.72
CA GLY A 60 8.95 -5.26 7.90
C GLY A 60 9.52 -5.80 6.60
N GLU A 61 9.96 -4.91 5.74
CA GLU A 61 10.55 -5.28 4.46
C GLU A 61 11.89 -4.55 4.27
N THR A 62 12.31 -4.39 3.02
CA THR A 62 13.56 -3.71 2.73
C THR A 62 13.35 -2.57 1.75
N ALA A 63 14.41 -1.82 1.46
CA ALA A 63 14.34 -0.69 0.53
C ALA A 63 13.94 -1.15 -0.86
N ALA A 64 14.50 -2.29 -1.28
CA ALA A 64 14.20 -2.85 -2.60
C ALA A 64 12.71 -3.17 -2.72
N THR A 65 12.08 -3.51 -1.61
CA THR A 65 10.67 -3.83 -1.60
C THR A 65 9.85 -2.58 -1.89
N VAL A 66 10.23 -1.48 -1.25
CA VAL A 66 9.54 -0.21 -1.43
C VAL A 66 9.69 0.27 -2.86
N ALA A 67 10.92 0.21 -3.38
CA ALA A 67 11.21 0.63 -4.74
C ALA A 67 10.43 -0.24 -5.73
N SER A 68 10.23 -1.49 -5.35
CA SER A 68 9.49 -2.44 -6.17
C SER A 68 7.98 -2.14 -6.08
N TYR A 69 7.54 -1.65 -4.92
CA TYR A 69 6.13 -1.34 -4.69
C TYR A 69 5.69 -0.10 -5.47
N GLU A 70 6.53 0.92 -5.50
CA GLU A 70 6.21 2.16 -6.22
C GLU A 70 6.11 1.89 -7.72
N ARG A 71 6.66 0.76 -8.15
CA ARG A 71 6.63 0.34 -9.53
C ARG A 71 5.23 -0.16 -9.89
N GLY A 72 4.45 -0.50 -8.87
CA GLY A 72 3.11 -1.01 -9.09
C GLY A 72 3.09 -2.51 -9.26
N THR A 73 4.09 -3.18 -8.66
CA THR A 73 4.20 -4.62 -8.74
C THR A 73 5.37 -5.12 -7.87
N ALA A 74 5.02 -5.64 -6.71
CA ALA A 74 6.00 -6.14 -5.76
C ALA A 74 5.39 -7.25 -4.91
N THR A 75 4.50 -8.02 -5.51
CA THR A 75 3.78 -9.09 -4.83
C THR A 75 2.91 -8.48 -3.71
N PRO A 76 1.62 -8.30 -3.99
CA PRO A 76 0.67 -7.67 -3.07
C PRO A 76 0.33 -8.50 -1.84
N ASP A 77 1.03 -8.20 -0.74
CA ASP A 77 0.72 -8.85 0.52
C ASP A 77 -0.29 -7.95 1.18
N GLN A 78 -1.51 -8.43 1.31
CA GLN A 78 -2.62 -7.59 1.82
C GLN A 78 -2.29 -6.79 3.07
N ASN A 79 -1.54 -7.37 3.97
CA ASN A 79 -1.18 -6.70 5.21
C ASN A 79 -0.15 -5.60 4.97
N ILE A 80 0.74 -5.81 4.01
CA ILE A 80 1.78 -4.83 3.74
C ILE A 80 1.19 -3.57 3.11
N LEU A 81 0.53 -3.70 1.95
CA LEU A 81 -0.03 -2.53 1.26
C LEU A 81 -1.01 -1.77 2.15
N SER A 82 -1.75 -2.51 2.96
CA SER A 82 -2.72 -1.91 3.85
C SER A 82 -2.03 -1.02 4.88
N LYS A 83 -0.93 -1.50 5.44
CA LYS A 83 -0.18 -0.74 6.43
C LYS A 83 0.62 0.39 5.78
N MET A 84 1.13 0.15 4.56
CA MET A 84 1.96 1.14 3.85
C MET A 84 1.29 2.50 3.80
N GLU A 85 0.13 2.55 3.17
CA GLU A 85 -0.61 3.80 2.98
C GLU A 85 -1.27 4.26 4.27
N ARG A 86 -1.57 3.31 5.16
CA ARG A 86 -2.20 3.62 6.42
C ARG A 86 -1.37 4.63 7.21
N VAL A 87 -0.05 4.50 7.11
CA VAL A 87 0.88 5.38 7.80
C VAL A 87 0.77 6.83 7.31
N LEU A 88 0.44 6.98 6.02
CA LEU A 88 0.32 8.31 5.44
C LEU A 88 -1.12 8.80 5.45
N ASN A 89 -2.03 7.96 5.95
CA ASN A 89 -3.44 8.30 6.01
C ASN A 89 -4.01 8.45 4.62
N VAL A 90 -3.67 7.49 3.76
CA VAL A 90 -4.19 7.47 2.41
C VAL A 90 -4.62 6.05 2.09
N LYS A 91 -5.54 5.89 1.16
CA LYS A 91 -5.99 4.56 0.81
C LYS A 91 -6.02 4.38 -0.69
N LEU A 92 -5.54 3.24 -1.14
CA LEU A 92 -5.48 2.93 -2.56
C LEU A 92 -6.77 2.26 -3.04
N ARG A 93 -7.89 2.73 -2.55
CA ARG A 93 -9.17 2.16 -2.96
C ARG A 93 -10.14 3.27 -3.36
N GLY A 94 -10.86 3.08 -4.45
CA GLY A 94 -11.83 4.05 -4.91
C GLY A 94 -11.24 5.01 -5.93
N ALA A 95 -11.88 6.14 -6.12
CA ALA A 95 -11.42 7.14 -7.07
C ALA A 95 -10.56 8.18 -6.37
N ASN A 96 -10.78 8.33 -5.06
CA ASN A 96 -10.02 9.29 -4.26
C ASN A 96 -8.68 8.68 -3.85
N ILE A 97 -7.97 8.17 -4.84
CA ILE A 97 -6.67 7.56 -4.61
C ILE A 97 -5.64 8.61 -4.25
N GLY A 98 -4.79 8.30 -3.29
CA GLY A 98 -3.75 9.22 -2.88
C GLY A 98 -4.23 10.15 -1.79
N ALA A 99 -5.44 9.89 -1.31
CA ALA A 99 -6.04 10.68 -0.24
C ALA A 99 -6.66 9.77 0.81
N PRO A 100 -6.83 10.26 2.06
CA PRO A 100 -7.47 9.47 3.12
C PRO A 100 -8.90 9.10 2.71
N ARG A 101 -9.23 7.82 2.73
CA ARG A 101 -10.56 7.37 2.35
C ARG A 101 -10.94 6.17 3.18
N LEU A 102 -11.84 6.36 4.12
CA LEU A 102 -12.26 5.27 4.98
C LEU A 102 -12.95 4.17 4.17
N GLY A 103 -12.45 2.95 4.31
CA GLY A 103 -13.00 1.82 3.59
C GLY A 103 -12.52 0.50 4.15
N PRO A 104 -12.82 -0.62 3.48
CA PRO A 104 -12.42 -1.95 3.95
C PRO A 104 -10.93 -2.21 3.75
N LYS A 105 -10.24 -2.52 4.84
CA LYS A 105 -8.82 -2.80 4.80
C LYS A 105 -8.59 -4.28 5.06
N LYS A 106 -7.39 -4.75 4.82
CA LYS A 106 -7.08 -6.15 5.03
C LYS A 106 -5.99 -6.31 6.08
N LYS A 107 -6.33 -6.95 7.18
CA LYS A 107 -5.39 -7.15 8.26
C LYS A 107 -5.64 -8.52 8.91
#